data_9GA5
#
_entry.id   9GA5
#
_cell.length_a   1.00
_cell.length_b   1.00
_cell.length_c   1.00
_cell.angle_alpha   90.00
_cell.angle_beta   90.00
_cell.angle_gamma   90.00
#
_symmetry.space_group_name_H-M   'P 1'
#
loop_
_entity.id
_entity.type
_entity.pdbx_description
1 polymer 'UvrABC system protein A'
2 polymer 'Endogenous E. coli DNA'
3 polymer 'Endogenous E. coli DNA'
4 non-polymer 'ZINC ION'
5 non-polymer "ADENOSINE-5'-DIPHOSPHATE"
#
loop_
_entity_poly.entity_id
_entity_poly.type
_entity_poly.pdbx_seq_one_letter_code
_entity_poly.pdbx_strand_id
1 'polypeptide(L)'
;MGHHHHHHHHHHSSGHIEGRHMADRLIVKGAREHNLRSVDLDLPRDALIVFTGLSGSGKSSLAFDTIFAEGQRRYVESLS
AYARQFLGQMDKPDVDFIEGLSPAVSIDQKSTNRNPRSTVGTITEVYDYLRLLYARAGTPHCPTCGERVARQTPQQIVDQ
VLAMPEGTRFLVLAPVVRTRKGEFADLFDKLNAQGYSRVRVDGVVHPLTDPPKLKKQEKHDIEVVVDRLTVKAAAKRRLT
DSVETALNLADGIVVLEFVDHELGAPHREQRFSEKLACPNGHALAVDDLEPRSFSFNSPYGACPECSGLGIRKEVDPELV
VPDPDRTLAQGAVAPWSNGHTAEYFTRMMAGLGEALGFDVDTPWRKLPAKARKAILEGADEQVHVRYRNRYGRTRSYYAD
FEGVLAFLQRKMSQTESEQMKERYEGFMRDVPCPVCAGTRLKPEILAVTLAGESKGEHGAKSIAEVCELSIADCADFLNA
LTLGPREQAIAGQVLKEIRSRLGFLLDVGLEYLSLSRAAATLSGGEAQRIRLATQIGSGLVGVLYVLDEPSIGLHQRDNR
RLIETLTRLRDLGNTLIVVEHDEDTIEHADWIVDIGPGAGEHGGRIVHSGPYDELLRNKDSITGAYLSGRESIEIPAIRR
SVDPRRQLTVVGAREHNLRGIDVSFPLGVLTSVTGVSGSGKSTLVNDILAAVLANRLNGARQVPGRHTRVTGLDYLDKLV
RVDQSPIGRTPRSNPATYTGVFDKIRTLFAATTEAKVRGYQPGRFSFNVKGGRCEACTGDGTIKIEMNFLPDVYVPCEVC
QGARYNRETLEVHYKGKTVSEVLDMSIEEAAEFFEPIAGVHRYLRTLVDVGLGYVRLGQPAPTLSGGEAQRVKLASELQK
RSTGRTVYILDEPTTGLHFDDIRKLLNVINGLVDKGNTVIVIEHNLDVIKTSDWIIDLGPEGGAGGGTVVAQGTPEDVAA
VPASYTGKFLAEVV
;
A,B
2 'polydeoxyribonucleotide'
;(DC)(DA)(DC)(DA)(DT)(DG)(DA)(DA)(DA)(DA)(DA)(DA)(DA)(DA)(DA)(DA)(DT)(DG)(DC)(DA)
(DT)(DG)(DC)(DA)(DT)(DA)(DA)(DA)(DA)(DT)(DG)(DA)(DT)(DT)(DT)(DC)(DT)(DG)(DA)
;
C
3 'polydeoxyribonucleotide'
;(DT)(DC)(DA)(DG)(DA)(DA)(DA)(DT)(DC)(DA)(DT)(DT)(DT)(DT)(DA)(DT)(DG)(DC)(DA)(DT)
(DG)(DC)(DA)(DT)(DT)(DT)(DT)(DT)(DT)(DT)(DT)(DT)(DT)(DC)(DA)(DT)(DG)(DT)(DG)
;
D
#
# COMPACT_ATOMS: atom_id res chain seq x y z
N MET A 22 30.94 -3.89 4.04
CA MET A 22 29.70 -3.47 3.41
C MET A 22 29.50 -4.15 2.07
N ALA A 23 28.27 -4.11 1.57
CA ALA A 23 27.93 -4.74 0.29
C ALA A 23 27.94 -3.67 -0.80
N ASP A 24 28.71 -3.91 -1.87
CA ASP A 24 28.81 -2.97 -2.97
C ASP A 24 28.48 -3.62 -4.31
N ARG A 25 27.95 -4.83 -4.32
CA ARG A 25 27.60 -5.52 -5.56
C ARG A 25 26.24 -6.17 -5.41
N LEU A 26 25.44 -6.09 -6.45
CA LEU A 26 24.11 -6.68 -6.48
C LEU A 26 24.18 -7.99 -7.24
N ILE A 27 23.86 -9.09 -6.57
CA ILE A 27 24.04 -10.42 -7.14
C ILE A 27 22.69 -11.11 -7.22
N VAL A 28 22.36 -11.60 -8.42
CA VAL A 28 21.13 -12.34 -8.66
C VAL A 28 21.50 -13.70 -9.21
N LYS A 29 20.76 -14.73 -8.80
CA LYS A 29 21.00 -16.08 -9.24
C LYS A 29 19.67 -16.82 -9.32
N GLY A 30 19.49 -17.60 -10.38
CA GLY A 30 18.26 -18.35 -10.55
C GLY A 30 17.07 -17.55 -11.02
N ALA A 31 17.28 -16.52 -11.83
CA ALA A 31 16.16 -15.79 -12.42
C ALA A 31 15.60 -16.63 -13.56
N ARG A 32 14.58 -17.43 -13.25
CA ARG A 32 13.99 -18.35 -14.20
C ARG A 32 12.70 -17.83 -14.81
N GLU A 33 12.37 -16.56 -14.59
CA GLU A 33 11.05 -16.06 -14.94
C GLU A 33 10.96 -15.69 -16.41
N HIS A 34 9.78 -15.89 -17.00
CA HIS A 34 9.50 -15.56 -18.40
C HIS A 34 10.43 -16.39 -19.29
N ASN A 35 10.99 -15.84 -20.35
CA ASN A 35 11.84 -16.61 -21.24
C ASN A 35 13.27 -16.74 -20.74
N LEU A 36 13.61 -16.05 -19.65
CA LEU A 36 14.95 -16.17 -19.09
C LEU A 36 15.21 -17.60 -18.64
N ARG A 37 16.44 -18.07 -18.84
CA ARG A 37 16.81 -19.45 -18.52
C ARG A 37 17.82 -19.43 -17.38
N SER A 38 17.29 -19.40 -16.16
CA SER A 38 18.08 -19.45 -14.93
C SER A 38 19.20 -18.41 -14.98
N VAL A 39 18.87 -17.24 -15.48
CA VAL A 39 19.86 -16.18 -15.68
C VAL A 39 20.36 -15.72 -14.32
N ASP A 40 21.68 -15.63 -14.20
CA ASP A 40 22.33 -15.12 -13.00
C ASP A 40 23.26 -13.99 -13.41
N LEU A 41 23.43 -13.00 -12.54
CA LEU A 41 24.14 -11.80 -12.91
C LEU A 41 24.74 -11.15 -11.67
N ASP A 42 25.78 -10.35 -11.90
CA ASP A 42 26.42 -9.55 -10.86
C ASP A 42 26.60 -8.13 -11.39
N LEU A 43 26.16 -7.15 -10.61
CA LEU A 43 26.15 -5.77 -11.06
C LEU A 43 26.86 -4.88 -10.06
N PRO A 44 27.49 -3.81 -10.51
CA PRO A 44 28.11 -2.87 -9.58
C PRO A 44 27.08 -1.93 -8.98
N ARG A 45 26.92 -2.00 -7.67
CA ARG A 45 25.97 -1.13 -6.99
C ARG A 45 26.43 0.32 -7.08
N ASP A 46 25.48 1.23 -6.96
CA ASP A 46 25.73 2.66 -7.04
C ASP A 46 26.43 3.02 -8.34
N ALA A 47 25.92 2.49 -9.43
CA ALA A 47 26.48 2.75 -10.75
C ALA A 47 25.36 2.72 -11.77
N LEU A 48 25.59 3.36 -12.91
CA LEU A 48 24.63 3.39 -14.01
C LEU A 48 24.71 2.08 -14.77
N ILE A 49 23.59 1.38 -14.84
CA ILE A 49 23.50 0.10 -15.55
C ILE A 49 22.46 0.26 -16.64
N VAL A 50 22.81 -0.17 -17.85
CA VAL A 50 21.90 -0.09 -18.99
C VAL A 50 21.62 -1.50 -19.50
N PHE A 51 20.34 -1.83 -19.59
CA PHE A 51 19.89 -3.07 -20.18
C PHE A 51 19.66 -2.87 -21.66
N THR A 52 20.05 -3.86 -22.46
CA THR A 52 19.83 -3.82 -23.90
C THR A 52 19.39 -5.19 -24.39
N GLY A 53 18.69 -5.21 -25.50
CA GLY A 53 18.26 -6.45 -26.10
C GLY A 53 17.12 -6.24 -27.06
N LEU A 54 16.78 -7.30 -27.76
CA LEU A 54 15.64 -7.26 -28.66
C LEU A 54 14.35 -7.16 -27.88
N SER A 55 13.32 -6.61 -28.52
CA SER A 55 12.01 -6.56 -27.90
C SER A 55 11.50 -7.97 -27.66
N GLY A 56 11.04 -8.22 -26.44
CA GLY A 56 10.59 -9.55 -26.09
C GLY A 56 11.69 -10.53 -25.77
N SER A 57 12.94 -10.07 -25.67
CA SER A 57 14.06 -10.94 -25.34
C SER A 57 14.21 -11.15 -23.85
N GLY A 58 13.34 -10.56 -23.04
CA GLY A 58 13.39 -10.71 -21.61
C GLY A 58 14.06 -9.59 -20.85
N LYS A 59 14.53 -8.55 -21.54
CA LYS A 59 15.19 -7.46 -20.85
C LYS A 59 14.25 -6.77 -19.87
N SER A 60 13.02 -6.50 -20.30
CA SER A 60 12.05 -5.91 -19.38
C SER A 60 11.59 -6.91 -18.34
N SER A 61 11.58 -8.19 -18.67
CA SER A 61 11.27 -9.19 -17.67
C SER A 61 12.29 -9.18 -16.54
N LEU A 62 13.58 -9.06 -16.89
CA LEU A 62 14.61 -9.05 -15.87
C LEU A 62 14.68 -7.72 -15.13
N ALA A 63 14.59 -6.60 -15.84
CA ALA A 63 14.79 -5.30 -15.21
C ALA A 63 13.59 -4.91 -14.35
N PHE A 64 12.39 -5.19 -14.83
CA PHE A 64 11.19 -4.76 -14.12
C PHE A 64 10.54 -5.90 -13.35
N ASP A 65 10.20 -6.98 -14.05
CA ASP A 65 9.24 -7.92 -13.48
C ASP A 65 9.90 -8.76 -12.39
N THR A 66 11.22 -8.96 -12.42
CA THR A 66 11.81 -9.82 -11.39
C THR A 66 12.73 -9.04 -10.44
N ILE A 67 13.47 -8.06 -10.93
CA ILE A 67 14.33 -7.31 -10.04
C ILE A 67 13.55 -6.25 -9.28
N PHE A 68 12.85 -5.37 -10.01
CA PHE A 68 12.08 -4.33 -9.35
C PHE A 68 10.99 -4.92 -8.46
N ALA A 69 10.33 -5.97 -8.93
CA ALA A 69 9.26 -6.56 -8.13
C ALA A 69 9.79 -7.07 -6.80
N GLU A 70 10.93 -7.75 -6.83
CA GLU A 70 11.50 -8.25 -5.57
C GLU A 70 11.96 -7.10 -4.68
N GLY A 71 12.60 -6.10 -5.27
CA GLY A 71 13.06 -4.98 -4.47
C GLY A 71 11.92 -4.22 -3.81
N GLN A 72 10.78 -4.15 -4.51
CA GLN A 72 9.61 -3.49 -3.94
C GLN A 72 8.93 -4.38 -2.91
N ARG A 73 8.84 -5.69 -3.18
CA ARG A 73 8.15 -6.59 -2.28
C ARG A 73 8.88 -6.72 -0.95
N ARG A 74 10.21 -6.89 -1.00
CA ARG A 74 10.97 -7.03 0.23
C ARG A 74 10.85 -5.81 1.12
N TYR A 75 10.43 -4.67 0.56
CA TYR A 75 10.16 -3.49 1.35
C TYR A 75 8.72 -3.43 1.83
N VAL A 76 7.76 -3.56 0.93
CA VAL A 76 6.37 -3.36 1.31
C VAL A 76 5.89 -4.46 2.26
N GLU A 77 6.39 -5.68 2.09
CA GLU A 77 6.06 -6.73 3.04
C GLU A 77 6.51 -6.39 4.44
N SER A 78 7.56 -5.59 4.58
CA SER A 78 8.06 -5.19 5.89
C SER A 78 7.23 -4.06 6.50
N LEU A 79 6.39 -3.40 5.71
CA LEU A 79 5.59 -2.31 6.23
C LEU A 79 4.53 -2.86 7.19
N SER A 80 4.51 -2.33 8.41
CA SER A 80 3.59 -2.82 9.42
C SER A 80 2.15 -2.46 9.08
N ALA A 81 1.94 -1.30 8.48
CA ALA A 81 0.60 -0.79 8.26
C ALA A 81 -0.13 -1.64 7.21
N TYR A 82 -1.45 -1.43 7.15
CA TYR A 82 -2.37 -2.08 6.23
C TYR A 82 -2.61 -3.54 6.61
N ALA A 83 -1.83 -4.04 7.57
CA ALA A 83 -2.00 -5.38 8.12
C ALA A 83 -1.84 -6.47 7.06
N ARG A 84 -1.49 -6.07 5.84
CA ARG A 84 -1.49 -6.97 4.70
C ARG A 84 -0.82 -6.23 3.55
N GLN A 85 0.02 -6.91 2.79
CA GLN A 85 0.67 -6.29 1.65
C GLN A 85 -0.34 -6.00 0.55
N PHE A 86 -0.11 -4.91 -0.18
CA PHE A 86 -1.01 -4.46 -1.21
C PHE A 86 -0.93 -5.35 -2.45
N LEU A 87 -1.87 -5.14 -3.37
CA LEU A 87 -1.91 -5.83 -4.67
C LEU A 87 -2.02 -7.34 -4.50
N GLY A 88 -2.86 -7.77 -3.56
CA GLY A 88 -3.12 -9.18 -3.36
C GLY A 88 -1.86 -9.98 -3.12
N GLN A 89 -1.22 -9.75 -1.99
CA GLN A 89 0.08 -10.33 -1.65
C GLN A 89 1.17 -9.94 -2.65
N MET A 90 0.99 -8.78 -3.28
CA MET A 90 1.93 -8.22 -4.25
C MET A 90 2.18 -9.26 -5.33
N ASP A 91 3.44 -9.58 -5.62
CA ASP A 91 3.77 -10.71 -6.48
C ASP A 91 5.13 -11.25 -6.10
N LYS A 92 5.39 -12.50 -6.46
CA LYS A 92 6.65 -13.15 -6.11
C LYS A 92 7.40 -13.57 -7.36
N PRO A 93 8.46 -12.86 -7.75
CA PRO A 93 9.27 -13.29 -8.88
C PRO A 93 9.98 -14.60 -8.60
N ASP A 94 10.26 -15.33 -9.66
CA ASP A 94 10.88 -16.66 -9.58
C ASP A 94 12.40 -16.56 -9.54
N VAL A 95 12.92 -16.04 -8.44
CA VAL A 95 14.35 -15.92 -8.24
C VAL A 95 14.78 -16.97 -7.24
N ASP A 96 16.02 -17.46 -7.40
CA ASP A 96 16.59 -18.37 -6.41
C ASP A 96 17.22 -17.60 -5.26
N PHE A 97 18.22 -16.78 -5.55
CA PHE A 97 18.92 -16.03 -4.50
C PHE A 97 19.27 -14.65 -5.06
N ILE A 98 18.73 -13.61 -4.46
CA ILE A 98 19.01 -12.25 -4.87
C ILE A 98 19.44 -11.47 -3.64
N GLU A 99 20.53 -10.72 -3.76
CA GLU A 99 21.09 -10.02 -2.62
C GLU A 99 21.76 -8.74 -3.10
N GLY A 100 21.93 -7.80 -2.17
CA GLY A 100 22.43 -6.49 -2.50
C GLY A 100 21.39 -5.52 -2.97
N LEU A 101 20.10 -5.82 -2.77
CA LEU A 101 19.04 -4.96 -3.26
C LEU A 101 18.91 -3.71 -2.40
N SER A 102 18.08 -2.82 -2.90
CA SER A 102 17.56 -1.67 -2.17
C SER A 102 16.05 -1.66 -2.40
N PRO A 103 15.32 -0.81 -1.69
CA PRO A 103 13.93 -0.58 -2.08
C PRO A 103 13.87 -0.12 -3.53
N ALA A 104 12.95 -0.72 -4.28
CA ALA A 104 12.91 -0.59 -5.73
C ALA A 104 11.79 0.35 -6.15
N VAL A 105 12.12 1.30 -7.01
CA VAL A 105 11.15 2.27 -7.55
C VAL A 105 11.19 2.17 -9.07
N SER A 106 10.03 1.96 -9.67
CA SER A 106 9.92 1.84 -11.12
C SER A 106 9.33 3.11 -11.71
N ILE A 107 9.94 3.61 -12.77
CA ILE A 107 9.49 4.80 -13.46
C ILE A 107 9.16 4.39 -14.88
N ASP A 108 7.87 4.19 -15.16
CA ASP A 108 7.43 3.77 -16.49
C ASP A 108 6.15 4.50 -16.87
N GLN A 109 5.86 4.50 -18.16
CA GLN A 109 4.71 5.24 -18.68
C GLN A 109 3.39 4.72 -18.14
N LYS A 110 3.32 3.47 -17.73
CA LYS A 110 2.08 2.88 -17.23
C LYS A 110 1.75 3.32 -15.80
N SER A 111 2.45 4.32 -15.28
CA SER A 111 2.18 4.86 -13.96
C SER A 111 1.28 6.09 -14.00
N THR A 112 0.71 6.41 -15.16
CA THR A 112 -0.17 7.55 -15.26
C THR A 112 -1.47 7.31 -14.51
N ASN A 113 -2.14 8.40 -14.13
CA ASN A 113 -3.33 8.31 -13.31
C ASN A 113 -4.29 9.44 -13.67
N ARG A 114 -5.54 9.26 -13.26
CA ARG A 114 -6.61 10.19 -13.61
C ARG A 114 -7.26 10.83 -12.38
N ASN A 115 -6.51 11.00 -11.30
CA ASN A 115 -7.07 11.59 -10.11
C ASN A 115 -7.33 13.08 -10.34
N PRO A 116 -8.58 13.55 -10.22
CA PRO A 116 -8.85 14.96 -10.53
C PRO A 116 -8.11 15.94 -9.65
N ARG A 117 -7.90 15.62 -8.37
CA ARG A 117 -7.21 16.54 -7.48
C ARG A 117 -5.74 16.68 -7.83
N SER A 118 -5.20 15.83 -8.68
CA SER A 118 -3.77 15.83 -8.96
C SER A 118 -3.41 16.86 -10.01
N THR A 119 -2.21 17.40 -9.88
CA THR A 119 -1.63 18.30 -10.88
C THR A 119 -0.13 18.13 -10.83
N VAL A 120 0.56 18.60 -11.87
CA VAL A 120 2.01 18.50 -11.89
C VAL A 120 2.61 19.34 -10.77
N GLY A 121 1.88 20.32 -10.26
CA GLY A 121 2.33 21.02 -9.07
C GLY A 121 2.41 20.11 -7.86
N THR A 122 1.36 19.32 -7.64
CA THR A 122 1.35 18.42 -6.49
C THR A 122 2.20 17.19 -6.72
N ILE A 123 2.23 16.67 -7.95
CA ILE A 123 2.96 15.44 -8.22
C ILE A 123 4.44 15.62 -7.94
N THR A 124 5.01 16.73 -8.41
CA THR A 124 6.41 17.02 -8.13
C THR A 124 6.61 17.76 -6.82
N GLU A 125 5.56 17.91 -6.02
CA GLU A 125 5.64 18.44 -4.66
C GLU A 125 6.05 19.90 -4.64
N VAL A 126 6.27 20.51 -5.81
CA VAL A 126 6.62 21.92 -5.83
C VAL A 126 5.47 22.75 -5.30
N TYR A 127 4.24 22.28 -5.44
CA TYR A 127 3.11 23.03 -4.93
C TYR A 127 3.16 23.16 -3.42
N ASP A 128 3.62 22.12 -2.72
CA ASP A 128 3.67 22.19 -1.26
C ASP A 128 4.67 23.25 -0.79
N TYR A 129 5.85 23.28 -1.41
CA TYR A 129 6.82 24.31 -1.05
C TYR A 129 6.34 25.68 -1.49
N LEU A 130 5.58 25.74 -2.58
CA LEU A 130 4.97 27.01 -2.97
C LEU A 130 4.00 27.49 -1.90
N ARG A 131 3.20 26.58 -1.36
CA ARG A 131 2.27 26.94 -0.30
C ARG A 131 3.02 27.41 0.93
N LEU A 132 4.10 26.72 1.28
CA LEU A 132 4.90 27.14 2.43
C LEU A 132 5.47 28.54 2.20
N LEU A 133 5.99 28.78 1.00
CA LEU A 133 6.53 30.09 0.68
C LEU A 133 5.45 31.17 0.79
N TYR A 134 4.25 30.87 0.30
CA TYR A 134 3.17 31.84 0.39
C TYR A 134 2.76 32.08 1.83
N ALA A 135 2.70 31.02 2.64
CA ALA A 135 2.31 31.18 4.04
C ALA A 135 3.32 32.04 4.79
N ARG A 136 4.61 31.81 4.57
CA ARG A 136 5.61 32.61 5.25
C ARG A 136 5.84 33.96 4.60
N ALA A 137 5.33 34.17 3.38
CA ALA A 137 5.72 35.36 2.63
C ALA A 137 4.58 35.99 1.84
N GLY A 138 3.32 35.81 2.24
CA GLY A 138 2.20 36.32 1.49
C GLY A 138 1.58 37.52 2.18
N THR A 139 1.35 38.58 1.41
CA THR A 139 0.72 39.77 1.94
C THR A 139 -0.67 39.92 1.36
N PRO A 140 -1.69 40.21 2.17
CA PRO A 140 -3.04 40.39 1.62
C PRO A 140 -3.12 41.50 0.59
N HIS A 141 -2.42 42.62 0.83
CA HIS A 141 -2.40 43.76 -0.07
C HIS A 141 -3.80 44.29 -0.38
N CYS A 142 -4.78 44.00 0.47
CA CYS A 142 -6.13 44.52 0.26
C CYS A 142 -6.18 46.05 0.26
N PRO A 143 -5.57 46.77 1.22
CA PRO A 143 -5.61 48.22 1.08
C PRO A 143 -4.63 48.74 0.02
N ASP A 287 0.52 36.15 9.67
CA ASP A 287 -0.66 36.66 10.35
C ASP A 287 -1.92 35.95 9.88
N ASP A 288 -2.36 34.96 10.66
CA ASP A 288 -3.56 34.19 10.40
C ASP A 288 -3.50 33.39 9.10
N LEU A 289 -2.31 33.23 8.53
CA LEU A 289 -2.12 32.52 7.27
C LEU A 289 -1.31 31.27 7.54
N GLU A 290 -1.79 30.13 7.07
CA GLU A 290 -1.11 28.87 7.22
C GLU A 290 -1.05 28.15 5.88
N PRO A 291 -0.08 27.28 5.68
CA PRO A 291 0.04 26.60 4.37
C PRO A 291 -1.21 25.84 3.98
N ARG A 292 -1.90 25.23 4.95
CA ARG A 292 -3.11 24.48 4.63
C ARG A 292 -4.19 25.37 4.03
N SER A 293 -4.13 26.67 4.25
CA SER A 293 -5.13 27.58 3.69
C SER A 293 -4.94 27.80 2.21
N PHE A 294 -3.79 27.42 1.65
CA PHE A 294 -3.55 27.58 0.22
C PHE A 294 -3.78 26.29 -0.56
N SER A 295 -4.01 25.17 0.12
CA SER A 295 -4.20 23.90 -0.55
C SER A 295 -5.62 23.79 -1.05
N PHE A 296 -5.77 23.55 -2.35
CA PHE A 296 -7.09 23.33 -2.92
C PHE A 296 -7.64 21.95 -2.60
N ASN A 297 -6.84 21.10 -1.96
CA ASN A 297 -7.30 19.82 -1.46
C ASN A 297 -7.56 19.84 0.04
N SER A 298 -7.76 21.03 0.60
CA SER A 298 -8.02 21.23 2.02
C SER A 298 -9.27 22.08 2.18
N PRO A 299 -10.05 21.85 3.25
CA PRO A 299 -11.21 22.72 3.49
C PRO A 299 -10.83 24.16 3.74
N TYR A 300 -9.60 24.42 4.18
CA TYR A 300 -9.19 25.79 4.44
C TYR A 300 -8.82 26.54 3.16
N GLY A 301 -8.74 25.85 2.03
CA GLY A 301 -8.32 26.52 0.81
C GLY A 301 -9.20 26.33 -0.40
N ALA A 302 -10.04 25.30 -0.39
CA ALA A 302 -10.79 24.93 -1.57
C ALA A 302 -11.80 26.00 -1.94
N CYS A 303 -12.16 26.03 -3.21
CA CYS A 303 -13.30 26.85 -3.63
C CYS A 303 -14.57 26.28 -3.01
N PRO A 304 -15.39 27.11 -2.36
CA PRO A 304 -16.53 26.56 -1.61
C PRO A 304 -17.49 25.75 -2.45
N GLU A 305 -17.75 26.16 -3.68
CA GLU A 305 -18.73 25.46 -4.51
C GLU A 305 -18.11 24.33 -5.31
N CYS A 306 -16.93 24.56 -5.89
CA CYS A 306 -16.32 23.57 -6.76
C CYS A 306 -15.64 22.44 -6.01
N SER A 307 -15.62 22.50 -4.67
CA SER A 307 -15.03 21.47 -3.83
C SER A 307 -13.54 21.32 -4.10
N GLY A 308 -12.88 22.40 -4.52
CA GLY A 308 -11.47 22.38 -4.80
C GLY A 308 -11.09 21.83 -6.16
N LEU A 309 -12.06 21.37 -6.96
CA LEU A 309 -11.80 20.91 -8.31
C LEU A 309 -12.28 21.99 -9.26
N GLY A 310 -11.40 22.42 -10.16
CA GLY A 310 -11.71 23.55 -11.01
C GLY A 310 -12.64 23.23 -12.15
N ILE A 311 -13.51 22.23 -11.97
CA ILE A 311 -14.45 21.81 -12.99
C ILE A 311 -15.83 21.65 -12.36
N ARG A 312 -16.85 21.63 -13.20
CA ARG A 312 -18.22 21.35 -12.81
C ARG A 312 -18.86 20.51 -13.90
N LYS A 313 -19.76 19.61 -13.49
CA LYS A 313 -20.35 18.65 -14.41
C LYS A 313 -21.68 19.20 -14.91
N GLU A 314 -21.81 19.28 -16.23
CA GLU A 314 -23.04 19.66 -16.90
C GLU A 314 -23.38 18.60 -17.94
N VAL A 315 -24.62 18.11 -17.89
CA VAL A 315 -25.02 16.99 -18.73
C VAL A 315 -25.14 17.45 -20.18
N ASP A 316 -24.59 16.65 -21.10
CA ASP A 316 -24.74 16.93 -22.52
C ASP A 316 -26.19 16.72 -22.94
N PRO A 317 -26.86 17.75 -23.45
CA PRO A 317 -28.30 17.59 -23.76
C PRO A 317 -28.55 16.68 -24.95
N GLU A 318 -27.82 16.87 -26.05
CA GLU A 318 -28.10 16.10 -27.26
C GLU A 318 -27.62 14.66 -27.14
N LEU A 319 -26.57 14.42 -26.34
CA LEU A 319 -26.03 13.07 -26.26
C LEU A 319 -27.01 12.13 -25.55
N VAL A 320 -27.59 12.57 -24.44
CA VAL A 320 -28.49 11.71 -23.69
C VAL A 320 -29.81 11.53 -24.43
N VAL A 321 -30.19 12.48 -25.27
CA VAL A 321 -31.44 12.41 -26.03
C VAL A 321 -31.12 12.57 -27.51
N PRO A 322 -30.65 11.52 -28.18
CA PRO A 322 -30.39 11.62 -29.63
C PRO A 322 -31.64 11.51 -30.49
N ASP A 323 -32.64 10.75 -30.06
CA ASP A 323 -33.88 10.57 -30.81
C ASP A 323 -35.04 11.09 -29.98
N PRO A 324 -35.51 12.31 -30.23
CA PRO A 324 -36.62 12.86 -29.44
C PRO A 324 -37.99 12.46 -29.95
N ASP A 325 -38.09 11.63 -30.99
CA ASP A 325 -39.38 11.32 -31.59
C ASP A 325 -40.01 10.04 -31.05
N ARG A 326 -39.24 9.18 -30.40
CA ARG A 326 -39.80 7.93 -29.91
C ARG A 326 -40.60 8.18 -28.63
N THR A 327 -41.57 7.29 -28.37
CA THR A 327 -42.45 7.46 -27.23
C THR A 327 -41.67 7.37 -25.92
N LEU A 328 -42.12 8.13 -24.93
CA LEU A 328 -41.42 8.20 -23.65
C LEU A 328 -41.40 6.84 -22.95
N ALA A 329 -42.45 6.05 -23.11
CA ALA A 329 -42.49 4.74 -22.48
C ALA A 329 -41.36 3.82 -22.95
N GLN A 330 -40.86 4.03 -24.17
CA GLN A 330 -39.73 3.24 -24.64
C GLN A 330 -38.47 3.50 -23.82
N GLY A 331 -38.23 4.75 -23.43
CA GLY A 331 -37.07 5.09 -22.65
C GLY A 331 -35.76 4.83 -23.36
N ALA A 332 -35.65 5.30 -24.61
CA ALA A 332 -34.45 5.06 -25.41
C ALA A 332 -33.21 5.75 -24.84
N VAL A 333 -33.38 6.68 -23.89
CA VAL A 333 -32.23 7.24 -23.20
C VAL A 333 -31.48 6.11 -22.50
N ALA A 334 -30.14 6.20 -22.54
CA ALA A 334 -29.30 5.09 -22.09
C ALA A 334 -29.59 4.62 -20.66
N PRO A 335 -29.72 5.49 -19.66
CA PRO A 335 -30.08 4.98 -18.32
C PRO A 335 -31.43 4.28 -18.28
N TRP A 336 -32.36 4.65 -19.16
CA TRP A 336 -33.68 4.06 -19.16
C TRP A 336 -33.78 2.76 -19.94
N SER A 337 -32.74 2.39 -20.69
CA SER A 337 -32.76 1.21 -21.54
C SER A 337 -31.45 0.42 -21.40
N ASN A 338 -31.03 0.19 -20.15
CA ASN A 338 -29.80 -0.54 -19.91
C ASN A 338 -30.02 -1.54 -18.76
N GLY A 339 -29.74 -2.80 -19.03
CA GLY A 339 -29.79 -3.83 -17.99
C GLY A 339 -31.20 -4.12 -17.51
N HIS A 340 -31.26 -4.91 -16.43
CA HIS A 340 -32.55 -5.22 -15.82
C HIS A 340 -33.18 -4.01 -15.16
N THR A 341 -32.43 -2.93 -14.97
CA THR A 341 -33.00 -1.72 -14.39
C THR A 341 -33.72 -0.85 -15.41
N ALA A 342 -33.77 -1.28 -16.68
CA ALA A 342 -34.56 -0.55 -17.66
C ALA A 342 -36.05 -0.62 -17.35
N GLU A 343 -36.53 -1.80 -16.96
CA GLU A 343 -37.94 -1.93 -16.57
C GLU A 343 -38.24 -1.13 -15.32
N TYR A 344 -37.31 -1.10 -14.36
CA TYR A 344 -37.50 -0.26 -13.18
C TYR A 344 -37.52 1.21 -13.55
N PHE A 345 -36.63 1.62 -14.47
CA PHE A 345 -36.65 3.00 -14.93
C PHE A 345 -37.99 3.34 -15.57
N THR A 346 -38.55 2.39 -16.32
CA THR A 346 -39.91 2.56 -16.82
C THR A 346 -40.89 2.74 -15.66
N ARG A 347 -40.72 1.95 -14.60
CA ARG A 347 -41.58 2.10 -13.43
C ARG A 347 -41.53 3.53 -12.88
N MET A 348 -40.33 4.05 -12.62
CA MET A 348 -40.29 5.37 -12.00
C MET A 348 -40.64 6.50 -12.96
N MET A 349 -40.41 6.37 -14.27
CA MET A 349 -40.82 7.53 -15.07
C MET A 349 -42.32 7.47 -15.32
N ALA A 350 -42.91 6.26 -15.32
CA ALA A 350 -44.36 6.16 -15.34
C ALA A 350 -44.97 6.76 -14.08
N GLY A 351 -44.35 6.51 -12.92
CA GLY A 351 -44.82 7.15 -11.70
C GLY A 351 -44.64 8.65 -11.71
N LEU A 352 -43.51 9.12 -12.25
CA LEU A 352 -43.26 10.56 -12.33
C LEU A 352 -44.23 11.25 -13.28
N GLY A 353 -44.75 10.51 -14.27
CA GLY A 353 -45.74 11.08 -15.16
C GLY A 353 -46.96 11.60 -14.42
N GLU A 354 -47.45 10.82 -13.45
CA GLU A 354 -48.56 11.27 -12.62
C GLU A 354 -48.11 12.12 -11.45
N ALA A 355 -46.86 11.97 -11.01
CA ALA A 355 -46.35 12.80 -9.92
C ALA A 355 -46.24 14.26 -10.34
N LEU A 356 -45.80 14.51 -11.57
CA LEU A 356 -45.58 15.86 -12.07
C LEU A 356 -46.70 16.37 -12.95
N GLY A 357 -47.40 15.49 -13.65
CA GLY A 357 -48.50 15.90 -14.51
C GLY A 357 -48.13 15.99 -15.97
N PHE A 358 -47.43 14.97 -16.48
CA PHE A 358 -47.10 14.89 -17.90
C PHE A 358 -47.25 13.45 -18.35
N ASP A 359 -47.46 13.27 -19.65
CA ASP A 359 -47.70 11.94 -20.19
C ASP A 359 -46.43 11.10 -20.13
N VAL A 360 -46.61 9.80 -19.88
CA VAL A 360 -45.50 8.87 -19.72
C VAL A 360 -45.12 8.30 -21.08
N ASP A 361 -45.79 8.75 -22.14
CA ASP A 361 -45.55 8.26 -23.48
C ASP A 361 -45.22 9.35 -24.49
N THR A 362 -45.34 10.62 -24.14
CA THR A 362 -45.09 11.68 -25.10
C THR A 362 -43.60 11.77 -25.42
N PRO A 363 -43.21 11.75 -26.69
CA PRO A 363 -41.79 11.93 -27.04
C PRO A 363 -41.29 13.30 -26.61
N TRP A 364 -39.97 13.42 -26.49
CA TRP A 364 -39.37 14.68 -26.09
C TRP A 364 -39.69 15.80 -27.07
N ARG A 365 -39.65 15.49 -28.38
CA ARG A 365 -39.97 16.49 -29.39
C ARG A 365 -41.41 16.96 -29.24
N LYS A 366 -42.34 16.03 -28.98
CA LYS A 366 -43.73 16.38 -28.77
C LYS A 366 -44.00 16.92 -27.38
N LEU A 367 -43.07 16.73 -26.45
CA LEU A 367 -43.26 17.23 -25.10
C LEU A 367 -43.11 18.75 -25.07
N PRO A 368 -43.81 19.44 -24.18
CA PRO A 368 -43.56 20.87 -23.99
C PRO A 368 -42.16 21.11 -23.48
N ALA A 369 -41.63 22.30 -23.79
CA ALA A 369 -40.30 22.67 -23.33
C ALA A 369 -40.23 22.68 -21.80
N LYS A 370 -41.29 23.19 -21.16
CA LYS A 370 -41.33 23.17 -19.71
C LYS A 370 -41.41 21.75 -19.16
N ALA A 371 -42.07 20.84 -19.88
CA ALA A 371 -42.10 19.45 -19.46
C ALA A 371 -40.70 18.84 -19.48
N ARG A 372 -39.93 19.12 -20.53
CA ARG A 372 -38.56 18.62 -20.58
C ARG A 372 -37.68 19.28 -19.53
N LYS A 373 -37.90 20.56 -19.24
CA LYS A 373 -37.17 21.21 -18.16
C LYS A 373 -37.48 20.56 -16.82
N ALA A 374 -38.75 20.23 -16.58
CA ALA A 374 -39.15 19.58 -15.33
C ALA A 374 -38.59 18.17 -15.26
N ILE A 375 -38.47 17.50 -16.40
CA ILE A 375 -37.80 16.21 -16.43
C ILE A 375 -36.32 16.37 -16.06
N LEU A 376 -35.67 17.41 -16.59
CA LEU A 376 -34.28 17.67 -16.27
C LEU A 376 -34.10 17.94 -14.78
N GLU A 377 -34.96 18.78 -14.20
CA GLU A 377 -34.81 19.13 -12.79
C GLU A 377 -35.32 18.02 -11.88
N GLY A 378 -36.36 17.31 -12.29
CA GLY A 378 -36.95 16.27 -11.48
C GLY A 378 -38.00 16.80 -10.51
N ALA A 379 -38.57 15.87 -9.75
CA ALA A 379 -39.58 16.19 -8.76
C ALA A 379 -39.19 15.64 -7.39
N ASP A 380 -40.11 15.70 -6.43
CA ASP A 380 -39.80 15.27 -5.08
C ASP A 380 -40.91 14.38 -4.50
N GLU A 381 -40.82 14.10 -3.19
CA GLU A 381 -41.81 13.32 -2.45
C GLU A 381 -41.82 11.86 -2.87
N GLN A 382 -42.19 10.98 -1.94
CA GLN A 382 -42.32 9.56 -2.24
C GLN A 382 -43.53 9.33 -3.14
N VAL A 383 -43.30 8.66 -4.27
CA VAL A 383 -44.36 8.44 -5.24
C VAL A 383 -44.79 6.98 -5.27
N HIS A 384 -43.94 6.09 -5.82
CA HIS A 384 -44.37 4.70 -6.07
C HIS A 384 -43.16 3.85 -6.48
N TYR A 398 -42.65 3.70 -3.36
CA TYR A 398 -41.55 2.86 -2.80
C TYR A 398 -40.20 3.35 -3.32
N ALA A 399 -40.19 4.34 -4.21
CA ALA A 399 -38.92 4.78 -4.78
C ALA A 399 -38.98 6.29 -4.95
N ASP A 400 -37.86 6.87 -5.40
CA ASP A 400 -37.76 8.30 -5.56
C ASP A 400 -37.00 8.64 -6.84
N PHE A 401 -37.33 9.80 -7.41
CA PHE A 401 -36.63 10.33 -8.57
C PHE A 401 -36.66 11.85 -8.47
N GLU A 402 -35.47 12.47 -8.47
CA GLU A 402 -35.36 13.90 -8.21
C GLU A 402 -34.48 14.58 -9.24
N GLY A 403 -34.49 14.08 -10.47
CA GLY A 403 -33.77 14.75 -11.54
C GLY A 403 -32.78 13.89 -12.28
N VAL A 404 -32.53 14.22 -13.55
CA VAL A 404 -31.55 13.46 -14.33
C VAL A 404 -30.16 13.62 -13.73
N LEU A 405 -29.77 14.86 -13.42
CA LEU A 405 -28.51 15.10 -12.74
C LEU A 405 -28.46 14.34 -11.42
N ALA A 406 -29.58 14.32 -10.70
CA ALA A 406 -29.63 13.68 -9.39
C ALA A 406 -29.34 12.19 -9.50
N PHE A 407 -30.07 11.48 -10.37
CA PHE A 407 -29.86 10.04 -10.36
C PHE A 407 -28.54 9.68 -11.01
N LEU A 408 -28.08 10.44 -12.02
CA LEU A 408 -26.77 10.13 -12.55
C LEU A 408 -25.69 10.35 -11.49
N GLN A 409 -25.81 11.43 -10.71
CA GLN A 409 -24.83 11.70 -9.67
C GLN A 409 -24.81 10.60 -8.62
N ARG A 410 -25.99 10.16 -8.17
CA ARG A 410 -26.00 9.04 -7.24
C ARG A 410 -25.51 7.77 -7.90
N LYS A 411 -25.57 7.72 -9.24
CA LYS A 411 -25.06 6.55 -9.95
C LYS A 411 -23.54 6.50 -9.95
N MET A 412 -22.86 7.64 -10.23
CA MET A 412 -21.42 7.45 -10.06
C MET A 412 -21.00 7.55 -8.60
N SER A 413 -21.90 7.90 -7.68
CA SER A 413 -21.55 7.70 -6.28
C SER A 413 -21.89 6.28 -5.81
N GLN A 414 -22.54 5.49 -6.65
CA GLN A 414 -22.89 4.11 -6.32
C GLN A 414 -22.39 3.16 -7.42
N THR A 415 -21.16 3.37 -7.87
CA THR A 415 -20.59 2.63 -8.99
C THR A 415 -20.22 1.20 -8.57
N GLU A 416 -20.33 0.29 -9.53
CA GLU A 416 -19.86 -1.07 -9.35
C GLU A 416 -19.05 -1.54 -10.55
N SER A 417 -19.30 -0.95 -11.72
CA SER A 417 -18.68 -1.37 -12.97
C SER A 417 -18.00 -0.19 -13.64
N GLU A 418 -16.78 -0.41 -14.14
CA GLU A 418 -16.06 0.64 -14.87
C GLU A 418 -16.73 0.96 -16.19
N GLN A 419 -17.40 -0.01 -16.80
CA GLN A 419 -18.09 0.25 -18.05
C GLN A 419 -19.19 1.27 -17.87
N MET A 420 -19.96 1.16 -16.78
CA MET A 420 -20.94 2.19 -16.47
C MET A 420 -20.28 3.52 -16.15
N LYS A 421 -19.12 3.49 -15.46
CA LYS A 421 -18.33 4.71 -15.26
C LYS A 421 -18.12 5.44 -16.57
N GLU A 422 -17.48 4.78 -17.54
CA GLU A 422 -17.13 5.44 -18.78
C GLU A 422 -18.37 5.79 -19.60
N ARG A 423 -19.39 4.93 -19.61
CA ARG A 423 -20.60 5.23 -20.37
C ARG A 423 -21.26 6.50 -19.87
N TYR A 424 -21.37 6.67 -18.55
CA TYR A 424 -22.06 7.84 -18.04
C TYR A 424 -21.17 9.08 -18.02
N GLU A 425 -19.86 8.90 -17.87
CA GLU A 425 -18.94 10.02 -17.96
C GLU A 425 -18.72 10.48 -19.38
N GLY A 426 -19.12 9.68 -20.38
CA GLY A 426 -18.95 10.07 -21.77
C GLY A 426 -19.69 11.34 -22.13
N PHE A 427 -20.90 11.53 -21.59
CA PHE A 427 -21.69 12.72 -21.85
C PHE A 427 -21.61 13.72 -20.71
N MET A 428 -20.64 13.57 -19.82
CA MET A 428 -20.52 14.41 -18.63
C MET A 428 -19.62 15.60 -18.96
N ARG A 429 -20.22 16.66 -19.48
CA ARG A 429 -19.46 17.83 -19.90
C ARG A 429 -18.85 18.54 -18.70
N ASP A 430 -17.71 19.19 -18.92
CA ASP A 430 -16.98 19.87 -17.87
C ASP A 430 -16.88 21.36 -18.18
N VAL A 431 -17.19 22.18 -17.17
CA VAL A 431 -17.18 23.64 -17.34
C VAL A 431 -16.38 24.25 -16.19
N PRO A 432 -15.64 25.32 -16.41
CA PRO A 432 -14.93 25.97 -15.29
C PRO A 432 -15.91 26.39 -14.19
N CYS A 433 -15.45 26.28 -12.95
CA CYS A 433 -16.27 26.65 -11.81
C CYS A 433 -16.64 28.12 -11.91
N PRO A 434 -17.93 28.46 -11.91
CA PRO A 434 -18.32 29.87 -12.11
C PRO A 434 -17.77 30.81 -11.06
N VAL A 435 -17.69 30.37 -9.81
CA VAL A 435 -17.28 31.27 -8.73
C VAL A 435 -15.76 31.39 -8.63
N CYS A 436 -15.04 30.27 -8.70
CA CYS A 436 -13.59 30.28 -8.58
C CYS A 436 -12.89 30.56 -9.90
N ALA A 437 -13.66 30.78 -10.98
CA ALA A 437 -13.11 31.04 -12.31
C ALA A 437 -12.22 29.89 -12.78
N GLY A 438 -12.49 28.69 -12.28
CA GLY A 438 -11.72 27.52 -12.65
C GLY A 438 -10.40 27.36 -11.94
N THR A 439 -10.02 28.31 -11.08
CA THR A 439 -8.74 28.23 -10.38
C THR A 439 -8.79 27.30 -9.18
N ARG A 440 -9.90 26.60 -8.97
CA ARG A 440 -10.08 25.59 -7.92
C ARG A 440 -9.64 26.08 -6.54
N LEU A 441 -9.69 27.39 -6.32
CA LEU A 441 -9.27 27.98 -5.06
C LEU A 441 -10.39 28.84 -4.50
N LYS A 442 -10.41 29.00 -3.18
CA LYS A 442 -11.36 29.92 -2.57
C LYS A 442 -11.06 31.34 -3.06
N PRO A 443 -12.08 32.09 -3.48
CA PRO A 443 -11.81 33.42 -4.07
C PRO A 443 -11.08 34.35 -3.14
N GLU A 444 -11.31 34.26 -1.84
CA GLU A 444 -10.62 35.13 -0.90
C GLU A 444 -9.12 34.83 -0.86
N ILE A 445 -8.74 33.55 -1.00
CA ILE A 445 -7.34 33.15 -0.86
C ILE A 445 -6.54 33.35 -2.12
N LEU A 446 -7.08 34.06 -3.11
CA LEU A 446 -6.33 34.44 -4.29
C LEU A 446 -5.44 35.61 -3.92
N ALA A 447 -4.97 36.37 -4.92
CA ALA A 447 -4.12 37.54 -4.69
C ALA A 447 -4.69 38.48 -3.64
N VAL A 448 -5.98 38.32 -3.33
CA VAL A 448 -6.59 39.05 -2.22
C VAL A 448 -5.83 38.81 -0.93
N THR A 449 -5.11 37.69 -0.83
CA THR A 449 -4.36 37.35 0.36
C THR A 449 -2.86 37.21 0.12
N LEU A 450 -2.43 37.01 -1.12
CA LEU A 450 -1.03 36.68 -1.35
C LEU A 450 -0.45 37.43 -2.54
N ALA A 451 -0.85 38.67 -2.74
CA ALA A 451 -0.25 39.47 -3.80
C ALA A 451 1.16 39.93 -3.46
N GLY A 452 1.76 39.43 -2.38
CA GLY A 452 3.08 39.86 -1.98
C GLY A 452 4.19 39.50 -2.94
N GLU A 453 3.93 38.62 -3.90
CA GLU A 453 4.95 38.28 -4.88
C GLU A 453 5.26 39.49 -5.75
N SER A 454 6.50 39.57 -6.20
CA SER A 454 6.97 40.72 -6.97
C SER A 454 7.86 40.26 -8.11
N LYS A 455 8.04 41.16 -9.08
CA LYS A 455 8.91 40.96 -10.22
C LYS A 455 8.49 39.77 -11.07
N GLY A 456 9.46 39.07 -11.66
CA GLY A 456 9.19 38.13 -12.72
C GLY A 456 9.27 38.82 -14.07
N GLU A 457 8.21 38.70 -14.87
CA GLU A 457 8.07 39.59 -16.02
C GLU A 457 7.95 41.03 -15.55
N HIS A 458 7.03 41.29 -14.63
CA HIS A 458 6.96 42.48 -13.79
C HIS A 458 5.75 42.36 -12.88
N GLY A 459 5.65 43.28 -11.93
CA GLY A 459 4.46 43.37 -11.11
C GLY A 459 4.34 42.23 -10.10
N ALA A 460 3.12 42.05 -9.61
CA ALA A 460 2.82 41.07 -8.57
C ALA A 460 2.29 39.79 -9.19
N LYS A 461 2.00 38.81 -8.34
CA LYS A 461 1.48 37.53 -8.80
C LYS A 461 0.72 36.85 -7.68
N SER A 462 -0.12 35.91 -8.06
CA SER A 462 -0.90 35.10 -7.13
C SER A 462 -0.48 33.65 -7.26
N ILE A 463 -1.04 32.80 -6.40
CA ILE A 463 -0.69 31.38 -6.45
C ILE A 463 -1.28 30.74 -7.70
N ALA A 464 -2.52 31.07 -8.03
CA ALA A 464 -3.12 30.54 -9.25
C ALA A 464 -2.37 31.03 -10.48
N GLU A 465 -2.02 32.32 -10.49
CA GLU A 465 -1.26 32.87 -11.60
C GLU A 465 0.09 32.20 -11.74
N VAL A 466 0.78 31.99 -10.61
CA VAL A 466 2.08 31.33 -10.65
C VAL A 466 1.94 29.91 -11.16
N CYS A 467 0.96 29.17 -10.65
CA CYS A 467 0.74 27.82 -11.12
C CYS A 467 0.43 27.78 -12.61
N GLU A 468 -0.26 28.80 -13.12
CA GLU A 468 -0.60 28.85 -14.53
C GLU A 468 0.60 29.16 -15.42
N LEU A 469 1.70 29.63 -14.84
CA LEU A 469 2.89 29.93 -15.62
C LEU A 469 3.55 28.64 -16.12
N SER A 470 4.34 28.78 -17.17
CA SER A 470 5.19 27.69 -17.60
C SER A 470 6.28 27.45 -16.57
N ILE A 471 6.91 26.28 -16.64
CA ILE A 471 7.94 25.94 -15.66
C ILE A 471 9.12 26.90 -15.78
N ALA A 472 9.57 27.16 -17.00
CA ALA A 472 10.67 28.08 -17.19
C ALA A 472 10.31 29.48 -16.71
N ASP A 473 9.11 29.94 -17.07
CA ASP A 473 8.66 31.25 -16.62
C ASP A 473 8.54 31.28 -15.10
N CYS A 474 8.05 30.19 -14.51
CA CYS A 474 7.92 30.13 -13.05
C CYS A 474 9.27 30.24 -12.38
N ALA A 475 10.26 29.49 -12.86
CA ALA A 475 11.59 29.56 -12.28
C ALA A 475 12.19 30.95 -12.45
N ASP A 476 12.02 31.54 -13.63
CA ASP A 476 12.56 32.88 -13.86
C ASP A 476 11.92 33.88 -12.91
N PHE A 477 10.60 33.80 -12.73
CA PHE A 477 9.91 34.70 -11.82
C PHE A 477 10.37 34.51 -10.39
N LEU A 478 10.47 33.25 -9.94
CA LEU A 478 10.87 33.00 -8.56
C LEU A 478 12.31 33.39 -8.31
N ASN A 479 13.14 33.41 -9.35
CA ASN A 479 14.52 33.84 -9.18
C ASN A 479 14.61 35.33 -8.90
N ALA A 480 13.73 36.11 -9.52
CA ALA A 480 13.85 37.57 -9.52
C ALA A 480 12.94 38.26 -8.52
N LEU A 481 12.18 37.50 -7.74
CA LEU A 481 11.27 38.12 -6.78
C LEU A 481 12.04 38.88 -5.71
N THR A 482 11.42 39.93 -5.19
CA THR A 482 12.04 40.89 -4.28
C THR A 482 11.20 41.10 -3.03
N LEU A 483 10.79 40.01 -2.41
CA LEU A 483 9.88 40.03 -1.26
C LEU A 483 10.45 40.74 0.00
N GLY A 484 11.67 41.28 0.09
CA GLY A 484 12.08 42.00 1.28
C GLY A 484 13.02 41.22 2.17
N PRO A 485 13.89 41.93 2.90
CA PRO A 485 14.99 41.25 3.61
C PRO A 485 14.56 40.37 4.77
N ARG A 486 13.79 40.92 5.71
CA ARG A 486 13.37 40.13 6.86
C ARG A 486 12.54 38.93 6.43
N GLU A 487 11.61 39.14 5.50
CA GLU A 487 10.82 38.05 4.96
C GLU A 487 11.71 37.05 4.24
N GLN A 488 12.74 37.54 3.56
CA GLN A 488 13.70 36.65 2.90
C GLN A 488 14.45 35.80 3.91
N ALA A 489 14.69 36.32 5.12
CA ALA A 489 15.38 35.53 6.13
C ALA A 489 14.65 34.21 6.39
N ILE A 490 13.33 34.21 6.23
CA ILE A 490 12.59 32.96 6.36
C ILE A 490 12.41 32.27 5.00
N ALA A 491 12.27 33.03 3.93
CA ALA A 491 11.93 32.45 2.64
C ALA A 491 13.12 31.91 1.87
N GLY A 492 14.35 32.14 2.34
CA GLY A 492 15.51 31.81 1.52
C GLY A 492 15.64 30.33 1.24
N GLN A 493 15.50 29.50 2.29
CA GLN A 493 15.68 28.07 2.09
C GLN A 493 14.57 27.49 1.24
N VAL A 494 13.34 27.95 1.44
CA VAL A 494 12.24 27.47 0.61
C VAL A 494 12.46 27.88 -0.84
N LEU A 495 12.95 29.09 -1.06
CA LEU A 495 13.24 29.54 -2.42
C LEU A 495 14.31 28.66 -3.05
N LYS A 496 15.36 28.34 -2.29
CA LYS A 496 16.40 27.47 -2.83
C LYS A 496 15.86 26.09 -3.17
N GLU A 497 14.99 25.55 -2.31
CA GLU A 497 14.41 24.24 -2.57
C GLU A 497 13.57 24.25 -3.84
N ILE A 498 12.72 25.26 -3.99
CA ILE A 498 11.90 25.35 -5.19
C ILE A 498 12.77 25.57 -6.41
N ARG A 499 13.85 26.33 -6.25
CA ARG A 499 14.78 26.55 -7.35
C ARG A 499 15.41 25.24 -7.81
N SER A 500 15.81 24.39 -6.85
CA SER A 500 16.40 23.12 -7.23
C SER A 500 15.37 22.21 -7.90
N ARG A 501 14.15 22.20 -7.39
CA ARG A 501 13.12 21.36 -8.02
C ARG A 501 12.84 21.82 -9.45
N LEU A 502 12.71 23.12 -9.66
CA LEU A 502 12.46 23.63 -11.00
C LEU A 502 13.66 23.44 -11.90
N GLY A 503 14.87 23.53 -11.36
CA GLY A 503 16.04 23.22 -12.17
C GLY A 503 16.05 21.79 -12.62
N PHE A 504 15.67 20.87 -11.73
CA PHE A 504 15.53 19.47 -12.12
C PHE A 504 14.52 19.35 -13.26
N LEU A 505 13.36 19.97 -13.10
CA LEU A 505 12.32 19.85 -14.12
C LEU A 505 12.80 20.39 -15.46
N LEU A 506 13.50 21.53 -15.43
CA LEU A 506 14.06 22.08 -16.67
C LEU A 506 15.07 21.13 -17.28
N ASP A 507 15.94 20.55 -16.46
CA ASP A 507 16.96 19.65 -16.98
C ASP A 507 16.34 18.43 -17.63
N VAL A 508 15.27 17.88 -17.05
CA VAL A 508 14.60 16.76 -17.68
C VAL A 508 14.00 17.17 -19.02
N GLY A 509 13.68 18.44 -19.20
CA GLY A 509 13.21 18.92 -20.49
C GLY A 509 11.72 19.13 -20.57
N LEU A 510 11.14 19.75 -19.54
CA LEU A 510 9.72 20.03 -19.49
C LEU A 510 9.46 21.50 -19.22
N GLU A 511 10.16 22.38 -19.92
CA GLU A 511 9.99 23.81 -19.69
C GLU A 511 8.66 24.35 -20.21
N TYR A 512 7.98 23.61 -21.08
CA TYR A 512 6.72 24.09 -21.62
C TYR A 512 5.55 23.80 -20.70
N LEU A 513 5.68 22.91 -19.74
CA LEU A 513 4.56 22.54 -18.89
C LEU A 513 4.23 23.66 -17.92
N SER A 514 2.99 23.65 -17.45
CA SER A 514 2.50 24.62 -16.47
C SER A 514 2.14 23.88 -15.19
N LEU A 515 2.47 24.50 -14.05
CA LEU A 515 2.31 23.83 -12.77
C LEU A 515 0.85 23.47 -12.50
N SER A 516 -0.09 24.16 -13.12
CA SER A 516 -1.50 23.92 -12.90
C SER A 516 -2.08 22.86 -13.82
N ARG A 517 -1.28 22.32 -14.73
CA ARG A 517 -1.80 21.36 -15.70
C ARG A 517 -2.23 20.08 -15.00
N ALA A 518 -3.45 19.64 -15.30
CA ALA A 518 -4.01 18.47 -14.64
C ALA A 518 -3.23 17.22 -15.02
N ALA A 519 -3.19 16.26 -14.10
CA ALA A 519 -2.43 15.03 -14.33
C ALA A 519 -3.00 14.22 -15.48
N ALA A 520 -4.30 14.35 -15.74
CA ALA A 520 -4.93 13.53 -16.78
C ALA A 520 -4.46 13.91 -18.18
N THR A 521 -3.89 15.10 -18.36
CA THR A 521 -3.51 15.59 -19.67
C THR A 521 -2.03 15.42 -19.95
N LEU A 522 -1.41 14.34 -19.47
CA LEU A 522 0.00 14.09 -19.67
C LEU A 522 0.19 12.79 -20.45
N SER A 523 1.11 12.82 -21.41
CA SER A 523 1.46 11.62 -22.15
C SER A 523 2.34 10.71 -21.29
N GLY A 524 2.60 9.52 -21.79
CA GLY A 524 3.42 8.57 -21.05
C GLY A 524 4.84 9.09 -20.83
N GLY A 525 5.45 9.62 -21.88
CA GLY A 525 6.80 10.15 -21.73
C GLY A 525 6.87 11.30 -20.76
N GLU A 526 5.89 12.20 -20.82
CA GLU A 526 5.84 13.31 -19.87
C GLU A 526 5.67 12.80 -18.45
N ALA A 527 4.84 11.77 -18.26
CA ALA A 527 4.66 11.21 -16.93
C ALA A 527 5.96 10.60 -16.42
N GLN A 528 6.68 9.88 -17.28
CA GLN A 528 7.95 9.30 -16.87
C GLN A 528 8.94 10.39 -16.48
N ARG A 529 9.03 11.44 -17.29
CA ARG A 529 9.97 12.51 -16.99
C ARG A 529 9.60 13.22 -15.70
N ILE A 530 8.30 13.43 -15.47
CA ILE A 530 7.87 14.05 -14.23
C ILE A 530 8.23 13.18 -13.03
N ARG A 531 8.01 11.87 -13.16
CA ARG A 531 8.34 10.97 -12.06
C ARG A 531 9.83 10.99 -11.77
N LEU A 532 10.66 10.98 -12.80
CA LEU A 532 12.11 11.02 -12.56
C LEU A 532 12.51 12.34 -11.93
N ALA A 533 11.91 13.45 -12.37
CA ALA A 533 12.25 14.75 -11.78
C ALA A 533 11.87 14.80 -10.31
N THR A 534 10.69 14.30 -9.96
CA THR A 534 10.30 14.35 -8.55
C THR A 534 11.14 13.39 -7.72
N GLN A 535 11.56 12.26 -8.31
CA GLN A 535 12.44 11.37 -7.57
C GLN A 535 13.79 12.01 -7.30
N ILE A 536 14.36 12.69 -8.28
CA ILE A 536 15.65 13.33 -8.05
C ILE A 536 15.49 14.52 -7.13
N GLY A 537 14.30 15.13 -7.08
CA GLY A 537 14.07 16.20 -6.14
C GLY A 537 13.86 15.73 -4.71
N SER A 538 13.30 14.54 -4.53
CA SER A 538 12.99 14.05 -3.20
C SER A 538 14.23 13.82 -2.36
N GLY A 539 15.37 13.54 -2.97
CA GLY A 539 16.59 13.36 -2.22
C GLY A 539 16.74 12.02 -1.55
N LEU A 540 15.92 11.04 -1.90
CA LEU A 540 16.08 9.70 -1.34
C LEU A 540 17.41 9.11 -1.77
N VAL A 541 18.10 8.48 -0.82
CA VAL A 541 19.37 7.83 -1.09
C VAL A 541 19.26 6.36 -0.74
N GLY A 542 20.19 5.58 -1.30
CA GLY A 542 20.16 4.14 -1.09
C GLY A 542 18.91 3.49 -1.65
N VAL A 543 18.50 3.89 -2.84
CA VAL A 543 17.29 3.37 -3.46
C VAL A 543 17.64 2.88 -4.86
N LEU A 544 17.06 1.75 -5.23
CA LEU A 544 17.29 1.14 -6.54
C LEU A 544 16.18 1.58 -7.48
N TYR A 545 16.55 2.26 -8.57
CA TYR A 545 15.62 2.76 -9.56
C TYR A 545 15.68 1.88 -10.80
N VAL A 546 14.52 1.48 -11.30
CA VAL A 546 14.41 0.87 -12.62
C VAL A 546 13.56 1.78 -13.48
N LEU A 547 13.99 1.98 -14.72
CA LEU A 547 13.37 2.96 -15.61
C LEU A 547 13.12 2.32 -16.96
N ASP A 548 11.93 2.53 -17.51
CA ASP A 548 11.72 2.23 -18.91
C ASP A 548 12.45 3.28 -19.76
N GLU A 549 12.35 3.13 -21.06
CA GLU A 549 12.99 4.04 -22.00
C GLU A 549 12.63 5.47 -21.65
N PRO A 550 13.58 6.26 -21.13
CA PRO A 550 13.24 7.61 -20.68
C PRO A 550 13.22 8.64 -21.79
N SER A 551 13.80 8.33 -22.94
CA SER A 551 13.89 9.28 -24.04
C SER A 551 12.65 9.29 -24.93
N ILE A 552 11.66 8.44 -24.63
CA ILE A 552 10.45 8.44 -25.44
C ILE A 552 9.73 9.77 -25.29
N GLY A 553 9.31 10.34 -26.41
CA GLY A 553 8.75 11.67 -26.36
C GLY A 553 9.75 12.76 -26.09
N LEU A 554 11.04 12.47 -26.20
CA LEU A 554 12.10 13.44 -25.95
C LEU A 554 12.95 13.59 -27.21
N HIS A 555 13.14 14.84 -27.63
CA HIS A 555 13.96 15.11 -28.80
C HIS A 555 15.42 14.84 -28.49
N GLN A 556 16.19 14.58 -29.56
CA GLN A 556 17.59 14.22 -29.39
C GLN A 556 18.39 15.36 -28.78
N ARG A 557 18.07 16.60 -29.14
CA ARG A 557 18.86 17.75 -28.68
C ARG A 557 18.87 17.87 -27.17
N ASP A 558 17.89 17.30 -26.48
CA ASP A 558 17.85 17.34 -25.03
C ASP A 558 18.35 16.06 -24.39
N ASN A 559 18.56 15.01 -25.18
CA ASN A 559 18.93 13.71 -24.63
C ASN A 559 20.16 13.81 -23.74
N ARG A 560 21.18 14.53 -24.20
CA ARG A 560 22.38 14.70 -23.40
C ARG A 560 22.06 15.28 -22.04
N ARG A 561 21.23 16.33 -22.01
CA ARG A 561 20.90 16.94 -20.73
C ARG A 561 20.13 15.97 -19.84
N LEU A 562 19.41 15.03 -20.44
CA LEU A 562 18.78 13.99 -19.63
C LEU A 562 19.83 13.12 -18.96
N ILE A 563 20.87 12.74 -19.70
CA ILE A 563 21.89 11.86 -19.14
C ILE A 563 22.57 12.52 -17.95
N GLU A 564 22.92 13.80 -18.08
CA GLU A 564 23.51 14.52 -16.96
C GLU A 564 22.59 14.49 -15.75
N THR A 565 21.28 14.47 -15.96
CA THR A 565 20.36 14.31 -14.85
C THR A 565 20.50 12.93 -14.23
N LEU A 566 20.49 11.89 -15.07
CA LEU A 566 20.57 10.52 -14.55
C LEU A 566 21.81 10.33 -13.70
N THR A 567 22.97 10.69 -14.24
CA THR A 567 24.20 10.59 -13.46
C THR A 567 24.09 11.38 -12.17
N ARG A 568 23.47 12.56 -12.23
CA ARG A 568 23.28 13.35 -11.03
C ARG A 568 22.50 12.57 -9.99
N LEU A 569 21.44 11.88 -10.41
CA LEU A 569 20.72 11.03 -9.49
C LEU A 569 21.62 9.94 -8.94
N ARG A 570 22.45 9.34 -9.81
CA ARG A 570 23.38 8.32 -9.33
C ARG A 570 24.39 8.92 -8.36
N ASP A 571 24.62 10.23 -8.44
CA ASP A 571 25.54 10.88 -7.52
C ASP A 571 24.96 11.00 -6.13
N LEU A 572 23.66 10.73 -5.97
CA LEU A 572 23.06 10.74 -4.63
C LEU A 572 23.16 9.39 -3.95
N GLY A 573 23.80 8.41 -4.57
CA GLY A 573 23.93 7.10 -3.97
C GLY A 573 22.77 6.20 -4.31
N ASN A 574 22.31 6.27 -5.56
CA ASN A 574 21.19 5.47 -6.03
C ASN A 574 21.63 4.63 -7.21
N THR A 575 21.36 3.33 -7.16
CA THR A 575 21.63 2.44 -8.27
C THR A 575 20.61 2.68 -9.36
N LEU A 576 21.06 2.68 -10.61
CA LEU A 576 20.20 2.98 -11.75
C LEU A 576 20.18 1.79 -12.69
N ILE A 577 18.99 1.38 -13.10
CA ILE A 577 18.80 0.39 -14.15
C ILE A 577 17.91 1.05 -15.21
N VAL A 578 18.44 1.18 -16.42
CA VAL A 578 17.74 1.88 -17.50
C VAL A 578 17.59 0.92 -18.67
N VAL A 579 16.36 0.67 -19.08
CA VAL A 579 16.08 -0.16 -20.24
C VAL A 579 15.99 0.79 -21.43
N GLU A 580 17.12 1.08 -22.04
CA GLU A 580 17.18 2.09 -23.09
C GLU A 580 18.06 1.59 -24.23
N HIS A 581 17.63 1.87 -25.45
CA HIS A 581 18.39 1.52 -26.65
C HIS A 581 19.06 2.73 -27.29
N ASP A 582 18.99 3.90 -26.65
CA ASP A 582 19.65 5.07 -27.21
C ASP A 582 21.17 4.88 -27.16
N GLU A 583 21.83 5.25 -28.26
CA GLU A 583 23.28 5.13 -28.30
C GLU A 583 23.94 6.06 -27.29
N ASP A 584 23.43 7.29 -27.16
CA ASP A 584 24.09 8.26 -26.30
C ASP A 584 24.03 7.87 -24.84
N THR A 585 22.97 7.17 -24.42
CA THR A 585 22.93 6.71 -23.03
C THR A 585 24.00 5.66 -22.77
N ILE A 586 24.36 4.90 -23.79
CA ILE A 586 25.52 4.01 -23.73
C ILE A 586 26.73 4.88 -24.00
N GLU A 587 27.93 4.36 -23.75
CA GLU A 587 29.18 5.12 -23.69
C GLU A 587 29.17 6.00 -22.46
N HIS A 588 28.08 5.98 -21.70
CA HIS A 588 27.99 6.71 -20.45
C HIS A 588 27.63 5.84 -19.27
N ALA A 589 26.92 4.74 -19.47
CA ALA A 589 26.62 3.82 -18.39
C ALA A 589 27.88 3.09 -17.97
N ASP A 590 28.07 2.98 -16.65
CA ASP A 590 29.22 2.26 -16.15
C ASP A 590 29.15 0.77 -16.46
N TRP A 591 27.94 0.23 -16.58
CA TRP A 591 27.77 -1.19 -16.84
C TRP A 591 26.70 -1.38 -17.90
N ILE A 592 26.91 -2.35 -18.79
CA ILE A 592 25.96 -2.69 -19.83
C ILE A 592 25.68 -4.18 -19.74
N VAL A 593 24.41 -4.54 -19.69
CA VAL A 593 24.00 -5.93 -19.76
C VAL A 593 23.15 -6.10 -21.02
N ASP A 594 23.60 -6.99 -21.91
CA ASP A 594 22.93 -7.27 -23.15
C ASP A 594 22.34 -8.67 -23.08
N ILE A 595 21.02 -8.75 -23.22
CA ILE A 595 20.27 -9.99 -23.25
C ILE A 595 19.75 -10.19 -24.66
N GLY A 596 19.36 -11.41 -24.99
CA GLY A 596 18.70 -11.66 -26.24
C GLY A 596 19.57 -12.09 -27.40
N PRO A 597 20.30 -13.20 -27.26
CA PRO A 597 20.86 -13.84 -28.45
C PRO A 597 19.75 -14.56 -29.21
N GLY A 598 18.74 -13.80 -29.60
CA GLY A 598 17.49 -14.33 -30.10
C GLY A 598 16.35 -13.45 -29.65
N ALA A 599 15.13 -13.76 -30.10
CA ALA A 599 13.99 -12.90 -29.85
C ALA A 599 13.12 -13.39 -28.70
N GLY A 600 12.60 -14.61 -28.81
CA GLY A 600 11.68 -15.11 -27.81
C GLY A 600 12.19 -16.31 -27.04
N GLU A 601 11.69 -17.49 -27.38
CA GLU A 601 12.07 -18.70 -26.67
C GLU A 601 13.57 -18.95 -26.77
N HIS A 602 14.22 -18.43 -27.80
CA HIS A 602 15.68 -18.55 -27.94
C HIS A 602 16.37 -17.21 -27.74
N GLY A 603 15.84 -16.38 -26.84
CA GLY A 603 16.47 -15.12 -26.54
C GLY A 603 16.57 -14.85 -25.05
N GLY A 604 16.19 -15.83 -24.24
CA GLY A 604 16.20 -15.66 -22.80
C GLY A 604 17.53 -15.98 -22.15
N ARG A 605 18.62 -15.52 -22.75
CA ARG A 605 19.96 -15.76 -22.23
C ARG A 605 20.72 -14.46 -22.20
N ILE A 606 21.64 -14.34 -21.26
CA ILE A 606 22.49 -13.16 -21.17
C ILE A 606 23.67 -13.34 -22.11
N VAL A 607 23.85 -12.39 -23.02
CA VAL A 607 24.90 -12.46 -24.01
C VAL A 607 26.07 -11.56 -23.70
N HIS A 608 25.90 -10.55 -22.85
CA HIS A 608 27.03 -9.71 -22.48
C HIS A 608 26.77 -9.02 -21.15
N SER A 609 27.85 -8.79 -20.40
CA SER A 609 27.78 -8.02 -19.17
C SER A 609 29.15 -7.39 -18.96
N GLY A 610 29.30 -6.11 -19.32
CA GLY A 610 30.59 -5.49 -19.28
C GLY A 610 30.57 -3.98 -19.46
N PRO A 611 31.75 -3.38 -19.47
CA PRO A 611 31.82 -1.91 -19.56
C PRO A 611 31.81 -1.39 -20.98
N TYR A 612 30.93 -1.93 -21.83
CA TYR A 612 30.65 -1.41 -23.16
C TYR A 612 31.81 -1.64 -24.13
N ASP A 613 32.97 -2.05 -23.62
CA ASP A 613 34.12 -2.18 -24.50
C ASP A 613 34.09 -3.51 -25.24
N GLU A 614 33.88 -4.61 -24.53
CA GLU A 614 33.75 -5.91 -25.17
C GLU A 614 32.41 -6.10 -25.84
N LEU A 615 31.47 -5.16 -25.66
CA LEU A 615 30.26 -5.18 -26.47
C LEU A 615 30.59 -4.97 -27.94
N LEU A 616 31.39 -3.94 -28.24
CA LEU A 616 31.82 -3.71 -29.61
C LEU A 616 32.74 -4.82 -30.11
N ARG A 617 33.26 -5.65 -29.22
CA ARG A 617 34.07 -6.80 -29.60
C ARG A 617 33.27 -8.08 -29.73
N ASN A 618 32.09 -8.14 -29.13
CA ASN A 618 31.30 -9.36 -29.15
C ASN A 618 30.80 -9.66 -30.55
N LYS A 619 30.64 -10.95 -30.84
CA LYS A 619 30.22 -11.41 -32.16
C LYS A 619 28.71 -11.59 -32.25
N ASP A 620 28.14 -12.43 -31.39
CA ASP A 620 26.72 -12.74 -31.46
C ASP A 620 25.86 -11.72 -30.73
N SER A 621 26.39 -10.53 -30.46
CA SER A 621 25.62 -9.46 -29.82
C SER A 621 25.09 -8.52 -30.90
N ILE A 622 23.78 -8.57 -31.13
CA ILE A 622 23.17 -7.72 -32.16
C ILE A 622 23.36 -6.25 -31.81
N THR A 623 23.16 -5.90 -30.54
CA THR A 623 23.35 -4.51 -30.11
C THR A 623 24.78 -4.07 -30.36
N GLY A 624 25.74 -4.95 -30.08
CA GLY A 624 27.13 -4.63 -30.38
C GLY A 624 27.35 -4.40 -31.86
N ALA A 625 26.72 -5.21 -32.70
CA ALA A 625 26.85 -5.03 -34.14
C ALA A 625 26.30 -3.68 -34.57
N TYR A 626 25.14 -3.29 -34.02
CA TYR A 626 24.53 -2.03 -34.43
C TYR A 626 25.35 -0.85 -33.92
N LEU A 627 25.89 -0.95 -32.71
CA LEU A 627 26.65 0.17 -32.16
C LEU A 627 28.00 0.31 -32.86
N SER A 628 28.62 -0.80 -33.21
CA SER A 628 29.92 -0.77 -33.85
C SER A 628 29.88 -0.25 -35.28
N GLY A 629 28.70 -0.17 -35.87
CA GLY A 629 28.59 0.16 -37.27
C GLY A 629 28.74 -1.01 -38.21
N ARG A 630 28.93 -2.22 -37.67
CA ARG A 630 29.00 -3.39 -38.54
C ARG A 630 27.68 -3.60 -39.27
N GLU A 631 26.57 -3.44 -38.57
CA GLU A 631 25.25 -3.52 -39.17
C GLU A 631 24.49 -2.26 -38.83
N SER A 632 23.87 -1.64 -39.84
CA SER A 632 23.20 -0.36 -39.64
C SER A 632 22.06 -0.22 -40.63
N ILE A 633 21.14 0.68 -40.31
CA ILE A 633 20.02 1.03 -41.18
C ILE A 633 20.50 2.10 -42.15
N GLU A 634 20.41 1.82 -43.43
CA GLU A 634 20.97 2.70 -44.46
C GLU A 634 19.90 3.65 -44.98
N ILE A 635 20.35 4.83 -45.39
CA ILE A 635 19.45 5.80 -46.02
C ILE A 635 19.14 5.34 -47.44
N PRO A 636 17.87 5.19 -47.79
CA PRO A 636 17.53 4.80 -49.17
C PRO A 636 18.00 5.88 -50.15
N ALA A 637 18.46 5.42 -51.32
CA ALA A 637 19.05 6.35 -52.27
C ALA A 637 18.01 7.27 -52.88
N ILE A 638 16.84 6.73 -53.20
CA ILE A 638 15.79 7.48 -53.90
C ILE A 638 14.61 7.67 -52.97
N ARG A 639 14.21 8.93 -52.79
CA ARG A 639 13.03 9.25 -52.01
C ARG A 639 11.81 9.28 -52.91
N ARG A 640 10.69 8.77 -52.39
CA ARG A 640 9.45 8.77 -53.16
C ARG A 640 9.07 10.18 -53.55
N SER A 641 8.71 10.37 -54.81
CA SER A 641 8.38 11.69 -55.32
C SER A 641 7.08 12.18 -54.71
N VAL A 642 7.03 13.47 -54.42
CA VAL A 642 5.85 14.08 -53.82
C VAL A 642 5.08 14.85 -54.89
N ASP A 643 3.77 14.62 -54.95
CA ASP A 643 2.92 15.30 -55.92
C ASP A 643 2.16 16.43 -55.22
N PRO A 644 2.46 17.69 -55.52
CA PRO A 644 1.70 18.78 -54.88
C PRO A 644 0.24 18.80 -55.28
N ARG A 645 -0.14 18.14 -56.37
CA ARG A 645 -1.53 18.15 -56.80
C ARG A 645 -2.43 17.47 -55.77
N ARG A 646 -1.99 16.36 -55.20
CA ARG A 646 -2.77 15.62 -54.23
C ARG A 646 -2.09 15.73 -52.87
N GLN A 647 -2.54 16.69 -52.07
CA GLN A 647 -2.01 16.90 -50.73
C GLN A 647 -3.17 17.15 -49.78
N LEU A 648 -2.96 16.85 -48.51
CA LEU A 648 -3.94 17.06 -47.47
C LEU A 648 -3.51 18.27 -46.65
N THR A 649 -4.20 19.40 -46.82
CA THR A 649 -3.77 20.64 -46.21
C THR A 649 -4.73 21.06 -45.11
N VAL A 650 -4.18 21.35 -43.94
CA VAL A 650 -4.94 21.85 -42.79
C VAL A 650 -4.62 23.32 -42.63
N VAL A 651 -5.65 24.17 -42.70
CA VAL A 651 -5.48 25.61 -42.59
C VAL A 651 -6.25 26.09 -41.36
N GLY A 652 -5.69 27.10 -40.70
CA GLY A 652 -6.33 27.69 -39.55
C GLY A 652 -6.19 26.92 -38.26
N ALA A 653 -5.13 26.13 -38.10
CA ALA A 653 -4.94 25.37 -36.88
C ALA A 653 -4.44 26.30 -35.78
N ARG A 654 -5.26 26.48 -34.74
CA ARG A 654 -4.92 27.39 -33.64
C ARG A 654 -5.06 26.74 -32.27
N GLU A 655 -5.28 25.42 -32.22
CA GLU A 655 -5.46 24.77 -30.93
C GLU A 655 -4.21 24.85 -30.08
N HIS A 656 -4.38 25.10 -28.79
CA HIS A 656 -3.30 25.17 -27.83
C HIS A 656 -2.22 26.16 -28.25
N ASN A 657 -1.09 25.64 -28.72
CA ASN A 657 0.09 26.44 -28.99
C ASN A 657 0.23 26.86 -30.44
N LEU A 658 -0.41 26.15 -31.37
CA LEU A 658 -0.24 26.44 -32.78
C LEU A 658 -0.64 27.87 -33.10
N ARG A 659 0.14 28.51 -33.97
CA ARG A 659 0.02 29.94 -34.24
C ARG A 659 -0.82 30.25 -35.46
N GLY A 660 -1.85 29.45 -35.74
CA GLY A 660 -2.67 29.70 -36.90
C GLY A 660 -1.91 29.46 -38.18
N ILE A 661 -1.56 28.21 -38.43
CA ILE A 661 -0.73 27.85 -39.57
C ILE A 661 -1.49 26.88 -40.46
N ASP A 662 -1.01 26.75 -41.70
CA ASP A 662 -1.53 25.78 -42.65
C ASP A 662 -0.39 24.88 -43.08
N VAL A 663 -0.60 23.57 -42.97
CA VAL A 663 0.43 22.58 -43.26
C VAL A 663 -0.12 21.61 -44.29
N SER A 664 0.73 21.20 -45.22
CA SER A 664 0.33 20.32 -46.31
C SER A 664 1.06 18.99 -46.17
N PHE A 665 0.31 17.93 -45.90
CA PHE A 665 0.86 16.60 -45.83
C PHE A 665 0.81 15.95 -47.21
N PRO A 666 1.93 15.49 -47.75
CA PRO A 666 1.89 14.80 -49.03
C PRO A 666 1.09 13.51 -48.93
N LEU A 667 0.48 13.13 -50.04
CA LEU A 667 -0.36 11.95 -50.11
C LEU A 667 0.34 10.88 -50.94
N GLY A 668 0.34 9.65 -50.43
CA GLY A 668 0.94 8.53 -51.12
C GLY A 668 2.35 8.19 -50.68
N VAL A 669 2.96 9.00 -49.80
CA VAL A 669 4.33 8.82 -49.39
C VAL A 669 4.37 8.66 -47.87
N LEU A 670 5.58 8.50 -47.34
CA LEU A 670 5.81 8.45 -45.90
C LEU A 670 6.30 9.81 -45.43
N THR A 671 5.55 10.42 -44.53
CA THR A 671 5.90 11.72 -43.99
C THR A 671 5.95 11.63 -42.48
N SER A 672 6.97 12.28 -41.90
CA SER A 672 7.16 12.31 -40.46
C SER A 672 7.20 13.76 -40.00
N VAL A 673 6.53 14.03 -38.90
CA VAL A 673 6.54 15.36 -38.29
C VAL A 673 7.28 15.28 -36.98
N THR A 674 8.35 16.06 -36.88
CA THR A 674 9.23 16.06 -35.72
C THR A 674 9.32 17.47 -35.16
N GLY A 675 10.02 17.59 -34.05
CA GLY A 675 10.23 18.85 -33.39
C GLY A 675 10.45 18.64 -31.91
N VAL A 676 10.90 19.71 -31.24
CA VAL A 676 11.13 19.63 -29.81
C VAL A 676 9.81 19.34 -29.11
N SER A 677 9.90 18.66 -27.96
CA SER A 677 8.70 18.36 -27.20
C SER A 677 7.98 19.64 -26.80
N GLY A 678 6.67 19.65 -26.97
CA GLY A 678 5.88 20.84 -26.75
C GLY A 678 5.70 21.73 -27.95
N SER A 679 6.33 21.40 -29.07
CA SER A 679 6.17 22.21 -30.27
C SER A 679 4.73 22.21 -30.76
N GLY A 680 4.07 21.05 -30.70
CA GLY A 680 2.69 20.97 -31.09
C GLY A 680 2.40 19.88 -32.10
N LYS A 681 3.29 18.91 -32.22
CA LYS A 681 3.05 17.82 -33.17
C LYS A 681 1.84 16.99 -32.75
N SER A 682 1.70 16.70 -31.46
CA SER A 682 0.57 15.89 -31.01
C SER A 682 -0.75 16.62 -31.24
N THR A 683 -0.79 17.93 -30.98
CA THR A 683 -2.01 18.69 -31.25
C THR A 683 -2.27 18.78 -32.75
N LEU A 684 -1.23 19.01 -33.54
CA LEU A 684 -1.43 19.20 -34.98
C LEU A 684 -1.87 17.89 -35.64
N VAL A 685 -1.50 16.75 -35.06
CA VAL A 685 -1.78 15.48 -35.72
C VAL A 685 -2.94 14.74 -35.06
N ASN A 686 -2.91 14.61 -33.73
CA ASN A 686 -3.83 13.69 -33.07
C ASN A 686 -5.22 14.29 -32.90
N ASP A 687 -5.33 15.41 -32.21
CA ASP A 687 -6.65 15.95 -31.88
C ASP A 687 -7.13 17.01 -32.85
N ILE A 688 -6.38 17.30 -33.91
CA ILE A 688 -6.81 18.21 -34.97
C ILE A 688 -7.03 17.47 -36.28
N LEU A 689 -5.96 16.88 -36.83
CA LEU A 689 -6.09 16.22 -38.12
C LEU A 689 -6.80 14.88 -37.98
N ALA A 690 -6.39 14.07 -37.00
CA ALA A 690 -6.96 12.74 -36.88
C ALA A 690 -8.44 12.79 -36.52
N ALA A 691 -8.83 13.72 -35.64
CA ALA A 691 -10.24 13.85 -35.29
C ALA A 691 -11.06 14.27 -36.51
N VAL A 692 -10.56 15.24 -37.27
CA VAL A 692 -11.28 15.68 -38.47
C VAL A 692 -11.42 14.53 -39.45
N LEU A 693 -10.34 13.81 -39.68
CA LEU A 693 -10.40 12.70 -40.63
C LEU A 693 -11.34 11.61 -40.14
N ALA A 694 -11.37 11.37 -38.83
CA ALA A 694 -12.22 10.31 -38.29
C ALA A 694 -13.69 10.68 -38.43
N ASN A 695 -14.06 11.90 -38.04
CA ASN A 695 -15.47 12.25 -38.07
C ASN A 695 -15.93 12.75 -39.43
N ARG A 696 -15.03 12.87 -40.41
CA ARG A 696 -15.43 13.19 -41.77
C ARG A 696 -15.24 12.03 -42.74
N LEU A 697 -14.55 10.98 -42.35
CA LEU A 697 -14.36 9.81 -43.19
C LEU A 697 -14.95 8.56 -42.58
N ASN A 698 -14.63 8.26 -41.33
CA ASN A 698 -15.19 7.10 -40.65
C ASN A 698 -16.47 7.42 -39.89
N GLY A 699 -16.96 8.64 -39.99
CA GLY A 699 -18.18 9.02 -39.31
C GLY A 699 -18.09 9.00 -37.79
N ALA A 700 -16.99 9.49 -37.24
CA ALA A 700 -16.85 9.59 -35.80
C ALA A 700 -17.59 10.82 -35.30
N ARG A 701 -17.42 11.13 -34.02
CA ARG A 701 -18.07 12.27 -33.40
C ARG A 701 -17.10 13.10 -32.55
N GLN A 702 -15.80 12.95 -32.78
CA GLN A 702 -14.81 13.62 -31.95
C GLN A 702 -14.84 15.13 -32.17
N VAL A 703 -14.44 15.85 -31.14
CA VAL A 703 -14.28 17.31 -31.24
C VAL A 703 -13.03 17.58 -32.07
N PRO A 704 -13.14 18.33 -33.17
CA PRO A 704 -12.01 18.51 -34.08
C PRO A 704 -11.03 19.59 -33.67
N GLY A 705 -11.08 20.09 -32.44
CA GLY A 705 -10.17 21.13 -32.02
C GLY A 705 -10.46 22.44 -32.73
N ARG A 706 -9.52 23.37 -32.61
CA ARG A 706 -9.68 24.71 -33.16
C ARG A 706 -8.95 24.78 -34.50
N HIS A 707 -9.67 24.52 -35.58
CA HIS A 707 -9.14 24.64 -36.92
C HIS A 707 -10.20 25.27 -37.81
N THR A 708 -9.76 25.85 -38.92
CA THR A 708 -10.70 26.45 -39.85
C THR A 708 -11.08 25.53 -41.01
N ARG A 709 -10.11 24.84 -41.62
CA ARG A 709 -10.48 23.99 -42.74
C ARG A 709 -9.46 22.87 -42.92
N VAL A 710 -9.93 21.77 -43.50
CA VAL A 710 -9.11 20.62 -43.86
C VAL A 710 -9.50 20.22 -45.27
N THR A 711 -8.62 20.47 -46.24
CA THR A 711 -8.92 20.23 -47.64
C THR A 711 -8.07 19.08 -48.18
N GLY A 712 -8.62 18.39 -49.16
CA GLY A 712 -8.00 17.23 -49.74
C GLY A 712 -8.59 15.91 -49.31
N LEU A 713 -9.66 15.92 -48.54
CA LEU A 713 -10.25 14.69 -48.02
C LEU A 713 -10.81 13.78 -49.10
N ASP A 714 -11.22 14.33 -50.25
CA ASP A 714 -11.82 13.53 -51.31
C ASP A 714 -10.89 12.45 -51.84
N TYR A 715 -9.58 12.63 -51.71
CA TYR A 715 -8.61 11.64 -52.19
C TYR A 715 -8.60 10.37 -51.37
N LEU A 716 -9.23 10.36 -50.21
CA LEU A 716 -9.17 9.23 -49.29
C LEU A 716 -10.56 8.64 -49.08
N ASP A 717 -10.60 7.54 -48.36
CA ASP A 717 -11.85 6.90 -48.01
C ASP A 717 -12.00 6.65 -46.52
N LYS A 718 -10.91 6.37 -45.81
CA LYS A 718 -10.98 6.12 -44.38
C LYS A 718 -9.62 6.28 -43.76
N LEU A 719 -9.61 6.65 -42.48
CA LEU A 719 -8.39 6.82 -41.70
C LEU A 719 -8.29 5.70 -40.68
N VAL A 720 -7.06 5.24 -40.44
CA VAL A 720 -6.78 4.29 -39.37
C VAL A 720 -5.61 4.81 -38.56
N ARG A 721 -5.79 4.89 -37.25
CA ARG A 721 -4.72 5.25 -36.33
C ARG A 721 -4.37 4.02 -35.52
N VAL A 722 -3.09 3.68 -35.45
CA VAL A 722 -2.64 2.48 -34.76
C VAL A 722 -1.90 2.88 -33.49
N ASP A 723 -2.30 2.29 -32.38
CA ASP A 723 -1.76 2.63 -31.07
C ASP A 723 -1.43 1.38 -30.25
N GLN A 724 -1.13 1.56 -28.98
CA GLN A 724 -0.74 0.47 -28.10
C GLN A 724 -1.91 -0.18 -27.38
N SER A 725 -3.13 0.24 -27.65
CA SER A 725 -4.28 -0.34 -26.96
C SER A 725 -4.39 -1.82 -27.30
N PRO A 726 -4.74 -2.67 -26.34
CA PRO A 726 -4.75 -4.11 -26.60
C PRO A 726 -5.75 -4.47 -27.69
N ILE A 727 -5.38 -5.48 -28.49
CA ILE A 727 -6.25 -5.94 -29.56
C ILE A 727 -7.49 -6.62 -29.01
N GLY A 728 -7.46 -7.07 -27.76
CA GLY A 728 -8.61 -7.70 -27.16
C GLY A 728 -8.52 -7.69 -25.65
N ARG A 729 -9.62 -7.36 -24.98
CA ARG A 729 -9.64 -7.27 -23.53
C ARG A 729 -10.06 -8.58 -22.87
N THR A 730 -10.27 -9.63 -23.66
CA THR A 730 -10.74 -10.89 -23.10
C THR A 730 -9.79 -12.02 -23.45
N PRO A 731 -9.75 -13.08 -22.66
CA PRO A 731 -8.99 -14.27 -23.06
C PRO A 731 -9.51 -14.92 -24.32
N ARG A 732 -10.75 -14.61 -24.73
CA ARG A 732 -11.31 -15.17 -25.95
C ARG A 732 -10.63 -14.64 -27.21
N SER A 733 -9.81 -13.60 -27.10
CA SER A 733 -9.13 -13.01 -28.25
C SER A 733 -7.64 -13.29 -28.17
N ASN A 734 -7.06 -13.70 -29.29
CA ASN A 734 -5.63 -13.91 -29.45
C ASN A 734 -5.26 -13.47 -30.86
N PRO A 735 -3.96 -13.33 -31.15
CA PRO A 735 -3.59 -12.89 -32.51
C PRO A 735 -4.16 -13.76 -33.61
N ALA A 736 -4.33 -15.05 -33.38
CA ALA A 736 -4.91 -15.91 -34.40
C ALA A 736 -6.31 -15.45 -34.78
N THR A 737 -7.15 -15.14 -33.80
CA THR A 737 -8.49 -14.69 -34.11
C THR A 737 -8.50 -13.26 -34.62
N TYR A 738 -7.69 -12.39 -34.01
CA TYR A 738 -7.70 -10.99 -34.39
C TYR A 738 -7.25 -10.79 -35.83
N THR A 739 -6.20 -11.51 -36.26
CA THR A 739 -5.73 -11.38 -37.62
C THR A 739 -6.73 -11.96 -38.62
N GLY A 740 -7.76 -12.67 -38.15
CA GLY A 740 -8.63 -13.36 -39.06
C GLY A 740 -7.94 -14.50 -39.77
N VAL A 741 -7.03 -15.18 -39.08
CA VAL A 741 -6.40 -16.37 -39.63
C VAL A 741 -6.86 -17.65 -38.94
N PHE A 742 -7.26 -17.56 -37.67
CA PHE A 742 -7.74 -18.75 -36.98
C PHE A 742 -9.00 -19.31 -37.63
N ASP A 743 -9.82 -18.44 -38.23
CA ASP A 743 -10.97 -18.95 -38.97
C ASP A 743 -10.53 -19.81 -40.15
N LYS A 744 -9.51 -19.39 -40.88
CA LYS A 744 -9.00 -20.20 -41.97
C LYS A 744 -8.38 -21.49 -41.45
N ILE A 745 -7.71 -21.42 -40.31
CA ILE A 745 -7.17 -22.63 -39.71
C ILE A 745 -8.30 -23.60 -39.36
N ARG A 746 -9.39 -23.08 -38.80
CA ARG A 746 -10.51 -23.93 -38.45
C ARG A 746 -11.16 -24.53 -39.69
N THR A 747 -11.28 -23.74 -40.76
CA THR A 747 -11.85 -24.29 -41.99
C THR A 747 -10.95 -25.37 -42.56
N LEU A 748 -9.63 -25.19 -42.45
CA LEU A 748 -8.70 -26.24 -42.87
C LEU A 748 -8.90 -27.49 -42.03
N PHE A 749 -9.04 -27.32 -40.71
CA PHE A 749 -9.23 -28.47 -39.82
C PHE A 749 -10.50 -29.21 -40.17
N ALA A 750 -11.59 -28.48 -40.43
CA ALA A 750 -12.82 -29.11 -40.89
C ALA A 750 -12.61 -29.78 -42.24
N ALA A 751 -11.81 -29.17 -43.11
CA ALA A 751 -11.51 -29.74 -44.41
C ALA A 751 -10.70 -31.02 -44.31
N THR A 752 -10.09 -31.30 -43.15
CA THR A 752 -9.37 -32.55 -42.98
C THR A 752 -10.33 -33.73 -43.10
N THR A 753 -9.85 -34.81 -43.73
CA THR A 753 -10.71 -35.94 -44.01
C THR A 753 -11.31 -36.54 -42.74
N GLU A 754 -10.55 -36.55 -41.65
CA GLU A 754 -11.08 -37.07 -40.39
C GLU A 754 -12.25 -36.23 -39.90
N ALA A 755 -12.10 -34.92 -39.90
CA ALA A 755 -13.19 -34.05 -39.49
C ALA A 755 -14.39 -34.21 -40.42
N LYS A 756 -14.13 -34.42 -41.70
CA LYS A 756 -15.22 -34.62 -42.65
C LYS A 756 -15.99 -35.89 -42.33
N VAL A 757 -15.28 -36.99 -42.10
CA VAL A 757 -15.97 -38.26 -41.87
C VAL A 757 -16.68 -38.26 -40.53
N ARG A 758 -16.15 -37.54 -39.53
CA ARG A 758 -16.86 -37.44 -38.27
C ARG A 758 -17.87 -36.29 -38.25
N GLY A 759 -17.96 -35.52 -39.33
CA GLY A 759 -18.96 -34.48 -39.42
C GLY A 759 -18.75 -33.33 -38.44
N TYR A 760 -17.68 -32.58 -38.62
CA TYR A 760 -17.32 -31.49 -37.74
C TYR A 760 -17.37 -30.17 -38.49
N GLN A 761 -18.14 -29.22 -37.97
CA GLN A 761 -18.29 -27.94 -38.61
C GLN A 761 -17.08 -27.05 -38.32
N PRO A 762 -16.75 -26.14 -39.23
CA PRO A 762 -15.57 -25.29 -39.02
C PRO A 762 -15.67 -24.45 -37.77
N GLY A 763 -16.87 -24.05 -37.37
CA GLY A 763 -17.01 -23.24 -36.17
C GLY A 763 -16.61 -23.99 -34.91
N ARG A 764 -16.87 -25.29 -34.87
CA ARG A 764 -16.63 -26.08 -33.66
C ARG A 764 -15.19 -25.97 -33.17
N PHE A 765 -14.25 -25.90 -34.08
CA PHE A 765 -12.83 -25.86 -33.72
C PHE A 765 -12.42 -24.56 -33.07
N SER A 766 -13.36 -23.66 -32.76
CA SER A 766 -13.07 -22.45 -32.00
C SER A 766 -13.32 -22.68 -30.52
N PHE A 767 -12.58 -21.99 -29.68
CA PHE A 767 -12.77 -22.05 -28.24
C PHE A 767 -13.81 -21.04 -27.75
N ASN A 768 -14.72 -20.62 -28.62
CA ASN A 768 -15.80 -19.73 -28.22
C ASN A 768 -17.18 -20.34 -28.41
N VAL A 769 -17.30 -21.40 -29.19
CA VAL A 769 -18.58 -22.08 -29.36
C VAL A 769 -18.54 -23.39 -28.58
N LYS A 770 -19.73 -23.84 -28.16
CA LYS A 770 -19.80 -24.94 -27.21
C LYS A 770 -19.38 -26.27 -27.84
N GLY A 771 -19.22 -26.30 -29.16
CA GLY A 771 -18.90 -27.56 -29.82
C GLY A 771 -17.54 -28.11 -29.42
N GLY A 772 -16.52 -27.27 -29.41
CA GLY A 772 -15.15 -27.74 -29.27
C GLY A 772 -14.52 -27.57 -27.90
N ARG A 773 -15.13 -26.75 -27.05
CA ARG A 773 -14.54 -26.49 -25.74
C ARG A 773 -14.83 -27.64 -24.79
N CYS A 774 -14.50 -27.43 -23.53
CA CYS A 774 -14.88 -28.34 -22.45
C CYS A 774 -15.85 -27.63 -21.51
N GLU A 775 -16.65 -28.40 -20.80
CA GLU A 775 -17.70 -27.81 -19.98
C GLU A 775 -17.17 -27.14 -18.72
N ALA A 776 -15.91 -27.38 -18.35
CA ALA A 776 -15.33 -26.77 -17.15
C ALA A 776 -14.59 -25.48 -17.47
N CYS A 777 -13.58 -25.56 -18.33
CA CYS A 777 -12.87 -24.35 -18.74
C CYS A 777 -13.78 -23.39 -19.49
N THR A 778 -14.86 -23.90 -20.09
CA THR A 778 -15.63 -23.16 -21.09
C THR A 778 -14.75 -22.60 -22.19
N GLY A 779 -13.66 -23.31 -22.50
CA GLY A 779 -12.69 -22.86 -23.47
C GLY A 779 -11.64 -21.92 -22.93
N ASP A 780 -11.76 -21.47 -21.69
CA ASP A 780 -10.80 -20.52 -21.15
C ASP A 780 -9.45 -21.15 -20.83
N GLY A 781 -9.42 -22.42 -20.48
CA GLY A 781 -8.19 -23.11 -20.14
C GLY A 781 -7.82 -23.09 -18.67
N THR A 782 -7.85 -21.92 -18.06
CA THR A 782 -7.50 -21.76 -16.66
C THR A 782 -8.75 -21.44 -15.86
N ILE A 783 -9.08 -22.30 -14.91
CA ILE A 783 -10.21 -22.05 -14.03
C ILE A 783 -9.75 -21.24 -12.82
N LYS A 784 -10.72 -20.61 -12.15
CA LYS A 784 -10.46 -19.77 -11.00
C LYS A 784 -10.50 -20.59 -9.72
N ILE A 785 -9.74 -20.16 -8.73
CA ILE A 785 -9.76 -20.76 -7.40
C ILE A 785 -9.71 -19.64 -6.37
N GLU A 786 -10.60 -19.69 -5.40
CA GLU A 786 -10.71 -18.67 -4.36
C GLU A 786 -10.35 -19.24 -3.00
N MET A 787 -9.68 -18.43 -2.19
CA MET A 787 -9.36 -18.77 -0.82
C MET A 787 -10.04 -17.81 0.14
N ASN A 788 -10.03 -18.17 1.41
CA ASN A 788 -10.74 -17.39 2.42
C ASN A 788 -10.15 -15.98 2.54
N PHE A 789 -8.83 -15.86 2.51
CA PHE A 789 -8.18 -14.57 2.68
C PHE A 789 -7.21 -14.27 1.56
N LEU A 790 -7.30 -14.95 0.43
CA LEU A 790 -6.35 -14.74 -0.63
C LEU A 790 -7.05 -14.35 -1.93
N PRO A 791 -6.38 -13.60 -2.79
CA PRO A 791 -6.96 -13.29 -4.10
C PRO A 791 -7.08 -14.54 -4.95
N ASP A 792 -7.93 -14.46 -5.98
CA ASP A 792 -8.15 -15.62 -6.84
C ASP A 792 -6.88 -16.01 -7.57
N VAL A 793 -6.74 -17.30 -7.84
CA VAL A 793 -5.59 -17.83 -8.56
C VAL A 793 -6.09 -18.67 -9.72
N TYR A 794 -5.22 -18.89 -10.70
CA TYR A 794 -5.59 -19.61 -11.90
C TYR A 794 -4.94 -20.99 -11.92
N VAL A 795 -5.72 -21.98 -12.34
CA VAL A 795 -5.22 -23.35 -12.39
C VAL A 795 -5.85 -24.07 -13.59
N PRO A 796 -5.06 -24.76 -14.41
CA PRO A 796 -5.61 -25.40 -15.60
C PRO A 796 -6.68 -26.44 -15.26
N CYS A 797 -7.67 -26.54 -16.11
CA CYS A 797 -8.71 -27.56 -15.99
C CYS A 797 -8.08 -28.95 -16.05
N GLU A 798 -8.60 -29.86 -15.24
CA GLU A 798 -8.03 -31.20 -15.18
C GLU A 798 -8.35 -32.01 -16.43
N VAL A 799 -9.34 -31.57 -17.21
CA VAL A 799 -9.65 -32.25 -18.47
C VAL A 799 -8.68 -31.82 -19.56
N CYS A 800 -8.69 -30.52 -19.88
CA CYS A 800 -7.87 -30.02 -20.98
C CYS A 800 -6.40 -29.94 -20.63
N GLN A 801 -6.07 -29.80 -19.35
CA GLN A 801 -4.72 -29.45 -18.92
C GLN A 801 -4.29 -28.15 -19.59
N GLY A 802 -5.23 -27.21 -19.72
CA GLY A 802 -4.98 -25.95 -20.38
C GLY A 802 -5.14 -25.96 -21.89
N ALA A 803 -5.63 -27.06 -22.47
CA ALA A 803 -5.78 -27.16 -23.91
C ALA A 803 -7.00 -26.42 -24.44
N ARG A 804 -7.93 -26.05 -23.57
CA ARG A 804 -9.13 -25.28 -23.91
C ARG A 804 -10.07 -26.03 -24.85
N TYR A 805 -9.82 -27.30 -25.13
CA TYR A 805 -10.65 -28.07 -26.03
C TYR A 805 -10.93 -29.44 -25.44
N ASN A 806 -12.10 -29.97 -25.76
CA ASN A 806 -12.43 -31.31 -25.30
C ASN A 806 -11.59 -32.34 -26.05
N ARG A 807 -11.60 -33.57 -25.53
CA ARG A 807 -10.74 -34.61 -26.09
C ARG A 807 -11.13 -34.94 -27.52
N GLU A 808 -12.43 -35.02 -27.81
CA GLU A 808 -12.86 -35.37 -29.16
C GLU A 808 -12.39 -34.35 -30.18
N THR A 809 -12.39 -33.07 -29.82
CA THR A 809 -11.87 -32.05 -30.73
C THR A 809 -10.37 -32.23 -30.96
N LEU A 810 -9.62 -32.50 -29.89
CA LEU A 810 -8.17 -32.55 -30.00
C LEU A 810 -7.70 -33.75 -30.81
N GLU A 811 -8.48 -34.80 -30.88
CA GLU A 811 -8.02 -36.01 -31.57
C GLU A 811 -8.12 -35.89 -33.08
N VAL A 812 -8.33 -34.70 -33.63
CA VAL A 812 -8.31 -34.49 -35.08
C VAL A 812 -6.94 -33.95 -35.46
N HIS A 813 -6.32 -34.59 -36.44
CA HIS A 813 -4.96 -34.23 -36.86
C HIS A 813 -5.01 -33.63 -38.25
N TYR A 814 -4.52 -32.40 -38.37
CA TYR A 814 -4.26 -31.76 -39.65
C TYR A 814 -2.76 -31.79 -39.89
N LYS A 815 -2.34 -32.51 -40.93
CA LYS A 815 -0.92 -32.73 -41.20
C LYS A 815 -0.22 -33.29 -39.97
N GLY A 816 -0.91 -34.19 -39.27
CA GLY A 816 -0.35 -34.89 -38.14
C GLY A 816 -0.33 -34.12 -36.84
N LYS A 817 -0.97 -32.95 -36.77
CA LYS A 817 -0.94 -32.14 -35.57
C LYS A 817 -2.35 -31.80 -35.14
N THR A 818 -2.55 -31.66 -33.83
CA THR A 818 -3.86 -31.34 -33.29
C THR A 818 -4.09 -29.84 -33.33
N VAL A 819 -5.29 -29.44 -32.94
CA VAL A 819 -5.63 -28.02 -32.91
C VAL A 819 -4.81 -27.30 -31.84
N SER A 820 -4.59 -27.95 -30.70
CA SER A 820 -3.88 -27.31 -29.60
C SER A 820 -2.44 -27.02 -29.96
N GLU A 821 -1.74 -27.99 -30.57
CA GLU A 821 -0.36 -27.77 -30.97
C GLU A 821 -0.24 -26.67 -32.00
N VAL A 822 -1.16 -26.65 -32.97
CA VAL A 822 -1.18 -25.56 -33.93
C VAL A 822 -1.41 -24.23 -33.23
N LEU A 823 -2.29 -24.24 -32.22
CA LEU A 823 -2.66 -22.99 -31.57
C LEU A 823 -1.51 -22.42 -30.75
N ASP A 824 -0.81 -23.26 -29.99
CA ASP A 824 0.20 -22.78 -29.07
C ASP A 824 1.57 -22.67 -29.71
N MET A 825 1.72 -23.04 -30.97
CA MET A 825 3.01 -22.92 -31.62
C MET A 825 3.32 -21.46 -31.93
N SER A 826 4.60 -21.15 -32.03
CA SER A 826 5.01 -19.78 -32.29
C SER A 826 4.71 -19.39 -33.72
N ILE A 827 4.80 -18.10 -33.99
CA ILE A 827 4.53 -17.59 -35.34
C ILE A 827 5.58 -18.11 -36.32
N GLU A 828 6.83 -18.25 -35.88
CA GLU A 828 7.88 -18.74 -36.77
C GLU A 828 7.54 -20.12 -37.31
N GLU A 829 7.40 -21.10 -36.43
CA GLU A 829 7.03 -22.44 -36.86
C GLU A 829 5.67 -22.49 -37.52
N ALA A 830 4.80 -21.51 -37.23
CA ALA A 830 3.56 -21.40 -37.98
C ALA A 830 3.82 -21.06 -39.43
N ALA A 831 4.73 -20.12 -39.70
CA ALA A 831 5.09 -19.78 -41.06
C ALA A 831 5.80 -20.94 -41.74
N GLU A 832 6.63 -21.67 -41.00
CA GLU A 832 7.19 -22.90 -41.54
C GLU A 832 6.09 -23.90 -41.84
N PHE A 833 5.11 -24.00 -40.96
CA PHE A 833 3.89 -24.73 -41.24
C PHE A 833 3.07 -23.97 -42.28
N PHE A 834 1.97 -24.58 -42.70
CA PHE A 834 0.99 -23.96 -43.58
C PHE A 834 1.59 -23.47 -44.90
N GLU A 835 2.77 -23.97 -45.29
CA GLU A 835 3.40 -23.50 -46.51
C GLU A 835 2.53 -23.68 -47.75
N PRO A 836 1.91 -24.83 -47.99
CA PRO A 836 1.09 -24.98 -49.21
C PRO A 836 -0.11 -24.04 -49.27
N ILE A 837 -0.59 -23.56 -48.13
CA ILE A 837 -1.77 -22.69 -48.10
C ILE A 837 -1.25 -21.25 -48.16
N ALA A 838 -1.39 -20.62 -49.33
CA ALA A 838 -0.86 -19.28 -49.50
C ALA A 838 -1.61 -18.26 -48.66
N GLY A 839 -2.91 -18.47 -48.45
CA GLY A 839 -3.73 -17.53 -47.72
C GLY A 839 -3.19 -17.18 -46.34
N VAL A 840 -3.18 -18.17 -45.45
CA VAL A 840 -2.66 -17.94 -44.11
C VAL A 840 -1.18 -17.65 -44.14
N HIS A 841 -0.47 -18.18 -45.15
CA HIS A 841 0.98 -18.01 -45.19
C HIS A 841 1.35 -16.56 -45.43
N ARG A 842 0.55 -15.84 -46.21
CA ARG A 842 0.84 -14.42 -46.41
C ARG A 842 0.74 -13.65 -45.11
N TYR A 843 -0.32 -13.91 -44.33
CA TYR A 843 -0.46 -13.26 -43.04
C TYR A 843 0.69 -13.60 -42.11
N LEU A 844 1.07 -14.87 -42.06
CA LEU A 844 2.14 -15.29 -41.17
C LEU A 844 3.46 -14.67 -41.61
N ARG A 845 3.70 -14.60 -42.91
CA ARG A 845 4.92 -13.98 -43.43
C ARG A 845 4.96 -12.51 -43.08
N THR A 846 3.83 -11.81 -43.20
CA THR A 846 3.79 -10.41 -42.80
C THR A 846 4.09 -10.26 -41.32
N LEU A 847 3.51 -11.12 -40.50
CA LEU A 847 3.76 -11.05 -39.06
C LEU A 847 5.23 -11.28 -38.75
N VAL A 848 5.87 -12.24 -39.42
CA VAL A 848 7.30 -12.45 -39.24
C VAL A 848 8.08 -11.22 -39.67
N ASP A 849 7.69 -10.62 -40.79
CA ASP A 849 8.39 -9.46 -41.30
C ASP A 849 8.33 -8.30 -40.33
N VAL A 850 7.20 -8.13 -39.63
CA VAL A 850 7.11 -7.10 -38.62
C VAL A 850 8.08 -7.39 -37.48
N GLY A 851 8.28 -8.67 -37.15
CA GLY A 851 9.18 -9.03 -36.09
C GLY A 851 8.47 -9.69 -34.92
N LEU A 852 7.38 -10.39 -35.22
CA LEU A 852 6.57 -11.06 -34.21
C LEU A 852 6.70 -12.58 -34.30
N GLY A 853 7.84 -13.07 -34.77
CA GLY A 853 7.98 -14.50 -34.96
C GLY A 853 7.87 -15.31 -33.68
N TYR A 854 8.26 -14.73 -32.55
CA TYR A 854 8.30 -15.47 -31.30
C TYR A 854 6.93 -15.69 -30.67
N VAL A 855 5.97 -14.80 -30.92
CA VAL A 855 4.69 -14.87 -30.22
C VAL A 855 3.93 -16.10 -30.67
N ARG A 856 3.44 -16.86 -29.69
CA ARG A 856 2.61 -18.02 -29.98
C ARG A 856 1.21 -17.56 -30.41
N LEU A 857 0.58 -18.35 -31.27
CA LEU A 857 -0.75 -18.01 -31.74
C LEU A 857 -1.77 -18.02 -30.60
N GLY A 858 -1.53 -18.83 -29.58
CA GLY A 858 -2.44 -18.94 -28.47
C GLY A 858 -2.26 -17.92 -27.37
N GLN A 859 -1.32 -17.00 -27.52
CA GLN A 859 -1.07 -16.04 -26.47
C GLN A 859 -2.28 -15.14 -26.29
N PRO A 860 -2.83 -15.03 -25.08
CA PRO A 860 -4.02 -14.18 -24.89
C PRO A 860 -3.73 -12.73 -25.23
N ALA A 861 -4.70 -12.09 -25.85
CA ALA A 861 -4.56 -10.69 -26.20
C ALA A 861 -4.26 -9.79 -25.01
N PRO A 862 -4.89 -9.94 -23.84
CA PRO A 862 -4.55 -9.05 -22.72
C PRO A 862 -3.09 -9.13 -22.31
N THR A 863 -2.46 -10.29 -22.46
CA THR A 863 -1.07 -10.43 -22.03
C THR A 863 -0.09 -9.73 -22.97
N LEU A 864 -0.51 -9.43 -24.19
CA LEU A 864 0.40 -8.78 -25.14
C LEU A 864 0.75 -7.38 -24.69
N SER A 865 1.99 -6.97 -24.96
CA SER A 865 2.43 -5.63 -24.66
C SER A 865 1.89 -4.65 -25.69
N GLY A 866 2.00 -3.36 -25.36
CA GLY A 866 1.52 -2.34 -26.28
C GLY A 866 2.26 -2.32 -27.59
N GLY A 867 3.59 -2.45 -27.54
CA GLY A 867 4.37 -2.48 -28.77
C GLY A 867 3.98 -3.64 -29.66
N GLU A 868 3.85 -4.83 -29.07
CA GLU A 868 3.41 -5.98 -29.84
C GLU A 868 2.00 -5.77 -30.37
N ALA A 869 1.15 -5.09 -29.61
CA ALA A 869 -0.21 -4.83 -30.07
C ALA A 869 -0.21 -3.96 -31.32
N GLN A 870 0.53 -2.85 -31.29
CA GLN A 870 0.57 -2.00 -32.47
C GLN A 870 1.24 -2.72 -33.65
N ARG A 871 2.24 -3.55 -33.36
CA ARG A 871 2.90 -4.28 -34.44
C ARG A 871 1.95 -5.26 -35.10
N VAL A 872 1.18 -6.02 -34.31
CA VAL A 872 0.24 -6.94 -34.91
C VAL A 872 -0.87 -6.19 -35.63
N LYS A 873 -1.26 -5.01 -35.12
CA LYS A 873 -2.27 -4.22 -35.82
C LYS A 873 -1.80 -3.83 -37.21
N LEU A 874 -0.61 -3.24 -37.29
CA LEU A 874 -0.13 -2.83 -38.62
C LEU A 874 0.17 -4.05 -39.50
N ALA A 875 0.57 -5.17 -38.90
CA ALA A 875 0.76 -6.38 -39.68
C ALA A 875 -0.54 -6.82 -40.34
N SER A 876 -1.60 -6.95 -39.56
CA SER A 876 -2.88 -7.36 -40.12
C SER A 876 -3.39 -6.33 -41.12
N GLU A 877 -3.05 -5.06 -40.92
CA GLU A 877 -3.48 -4.03 -41.85
C GLU A 877 -2.73 -4.04 -43.16
N LEU A 878 -1.48 -4.52 -43.16
CA LEU A 878 -0.69 -4.51 -44.39
C LEU A 878 -1.29 -5.38 -45.49
N GLN A 879 -2.16 -6.32 -45.14
CA GLN A 879 -2.55 -7.37 -46.07
C GLN A 879 -3.86 -7.12 -46.81
N LYS A 880 -4.80 -6.40 -46.22
CA LYS A 880 -6.18 -6.42 -46.70
C LYS A 880 -6.45 -5.30 -47.73
N ARG A 881 -5.77 -5.42 -48.88
CA ARG A 881 -5.99 -4.61 -50.08
C ARG A 881 -6.33 -3.16 -49.80
N SER A 882 -5.38 -2.42 -49.22
CA SER A 882 -5.61 -1.01 -48.92
C SER A 882 -5.92 -0.21 -50.17
N THR A 883 -5.48 -0.68 -51.34
CA THR A 883 -5.75 -0.06 -52.65
C THR A 883 -5.42 1.42 -52.69
N GLY A 884 -4.43 1.86 -51.91
CA GLY A 884 -3.95 3.22 -52.00
C GLY A 884 -4.98 4.29 -51.73
N ARG A 885 -5.91 4.05 -50.81
CA ARG A 885 -6.94 5.03 -50.51
C ARG A 885 -6.97 5.48 -49.06
N THR A 886 -6.52 4.63 -48.14
CA THR A 886 -6.59 4.95 -46.72
C THR A 886 -5.38 5.76 -46.28
N VAL A 887 -5.44 6.25 -45.05
CA VAL A 887 -4.32 6.94 -44.42
C VAL A 887 -4.09 6.31 -43.06
N TYR A 888 -2.83 6.29 -42.62
CA TYR A 888 -2.45 5.70 -41.35
C TYR A 888 -1.78 6.75 -40.48
N ILE A 889 -2.13 6.74 -39.20
CA ILE A 889 -1.59 7.67 -38.22
C ILE A 889 -0.91 6.88 -37.12
N LEU A 890 0.33 7.23 -36.83
CA LEU A 890 1.13 6.53 -35.84
C LEU A 890 1.69 7.51 -34.82
N ASP A 891 1.50 7.19 -33.55
CA ASP A 891 2.24 7.82 -32.46
C ASP A 891 3.67 7.31 -32.56
N GLU A 892 4.50 7.69 -31.59
CA GLU A 892 5.88 7.22 -31.58
C GLU A 892 5.92 5.70 -31.62
N PRO A 893 6.29 5.10 -32.74
CA PRO A 893 6.23 3.64 -32.86
C PRO A 893 7.51 2.93 -32.44
N THR A 894 8.59 3.68 -32.21
CA THR A 894 9.86 3.09 -31.79
C THR A 894 9.91 2.83 -30.30
N THR A 895 8.85 3.15 -29.57
CA THR A 895 8.84 2.97 -28.12
C THR A 895 9.05 1.51 -27.78
N GLY A 896 10.08 1.24 -26.98
CA GLY A 896 10.40 -0.12 -26.60
C GLY A 896 10.84 -1.01 -27.73
N LEU A 897 11.55 -0.46 -28.72
CA LEU A 897 11.98 -1.21 -29.88
C LEU A 897 13.49 -1.18 -30.01
N HIS A 898 14.08 -2.34 -30.24
CA HIS A 898 15.49 -2.46 -30.55
C HIS A 898 15.75 -1.98 -31.98
N PHE A 899 17.03 -1.82 -32.31
CA PHE A 899 17.38 -1.34 -33.64
C PHE A 899 16.84 -2.27 -34.72
N ASP A 900 17.00 -3.59 -34.52
CA ASP A 900 16.47 -4.54 -35.50
C ASP A 900 14.96 -4.41 -35.63
N ASP A 901 14.28 -4.19 -34.51
CA ASP A 901 12.83 -3.98 -34.58
C ASP A 901 12.50 -2.73 -35.36
N ILE A 902 13.30 -1.68 -35.21
CA ILE A 902 13.07 -0.45 -35.98
C ILE A 902 13.24 -0.73 -37.46
N ARG A 903 14.26 -1.53 -37.82
CA ARG A 903 14.44 -1.87 -39.22
C ARG A 903 13.25 -2.65 -39.76
N LYS A 904 12.75 -3.62 -38.99
CA LYS A 904 11.59 -4.39 -39.43
C LYS A 904 10.38 -3.49 -39.62
N LEU A 905 10.14 -2.59 -38.66
CA LEU A 905 8.98 -1.72 -38.73
C LEU A 905 9.09 -0.76 -39.91
N LEU A 906 10.31 -0.29 -40.19
CA LEU A 906 10.51 0.52 -41.39
C LEU A 906 10.20 -0.26 -42.65
N ASN A 907 10.61 -1.53 -42.69
CA ASN A 907 10.29 -2.35 -43.86
C ASN A 907 8.79 -2.46 -44.05
N VAL A 908 8.06 -2.71 -42.96
CA VAL A 908 6.61 -2.87 -43.08
C VAL A 908 5.95 -1.55 -43.47
N ILE A 909 6.43 -0.44 -42.91
CA ILE A 909 5.85 0.85 -43.24
C ILE A 909 6.09 1.19 -44.71
N ASN A 910 7.29 0.93 -45.21
CA ASN A 910 7.55 1.15 -46.62
C ASN A 910 6.67 0.27 -47.49
N GLY A 911 6.47 -0.99 -47.07
CA GLY A 911 5.57 -1.86 -47.81
C GLY A 911 4.16 -1.31 -47.86
N LEU A 912 3.68 -0.76 -46.74
CA LEU A 912 2.36 -0.16 -46.73
C LEU A 912 2.29 1.07 -47.64
N VAL A 913 3.33 1.90 -47.61
CA VAL A 913 3.32 3.12 -48.41
C VAL A 913 3.37 2.78 -49.90
N ASP A 914 4.10 1.74 -50.28
CA ASP A 914 4.22 1.38 -51.68
C ASP A 914 2.90 0.95 -52.30
N LYS A 915 1.89 0.65 -51.49
CA LYS A 915 0.56 0.36 -52.01
C LYS A 915 -0.19 1.62 -52.42
N GLY A 916 0.39 2.80 -52.20
CA GLY A 916 -0.24 4.05 -52.56
C GLY A 916 -0.86 4.81 -51.42
N ASN A 917 -0.93 4.24 -50.22
CA ASN A 917 -1.52 4.93 -49.09
C ASN A 917 -0.58 6.00 -48.58
N THR A 918 -1.03 6.69 -47.53
CA THR A 918 -0.24 7.70 -46.85
C THR A 918 -0.03 7.26 -45.41
N VAL A 919 1.18 7.47 -44.89
CA VAL A 919 1.51 7.13 -43.52
C VAL A 919 2.12 8.36 -42.86
N ILE A 920 1.53 8.80 -41.76
CA ILE A 920 2.02 9.95 -41.01
C ILE A 920 2.37 9.46 -39.62
N VAL A 921 3.59 9.72 -39.18
CA VAL A 921 4.10 9.25 -37.90
C VAL A 921 4.69 10.42 -37.14
N ILE A 922 4.51 10.43 -35.83
CA ILE A 922 5.22 11.35 -34.96
C ILE A 922 6.35 10.59 -34.28
N GLU A 923 7.58 11.04 -34.47
CA GLU A 923 8.72 10.29 -33.96
C GLU A 923 9.93 11.19 -33.84
N HIS A 924 10.74 10.93 -32.82
CA HIS A 924 12.00 11.62 -32.60
C HIS A 924 13.22 10.80 -33.02
N ASN A 925 13.02 9.55 -33.42
CA ASN A 925 14.13 8.68 -33.75
C ASN A 925 14.85 9.19 -34.99
N LEU A 926 16.18 9.31 -34.89
CA LEU A 926 16.94 9.88 -35.99
C LEU A 926 16.85 9.01 -37.24
N ASP A 927 16.86 7.69 -37.08
CA ASP A 927 16.87 6.80 -38.24
C ASP A 927 15.55 6.85 -38.99
N VAL A 928 14.42 6.74 -38.29
CA VAL A 928 13.13 6.70 -38.97
C VAL A 928 12.90 7.97 -39.75
N ILE A 929 13.17 9.12 -39.14
CA ILE A 929 13.02 10.38 -39.83
C ILE A 929 14.11 10.63 -40.86
N LYS A 930 15.25 9.96 -40.75
CA LYS A 930 16.27 10.08 -41.78
C LYS A 930 15.95 9.24 -43.00
N THR A 931 15.10 8.22 -42.85
CA THR A 931 14.68 7.42 -43.99
C THR A 931 13.25 7.72 -44.44
N SER A 932 12.67 8.82 -43.99
CA SER A 932 11.33 9.18 -44.42
C SER A 932 11.38 9.93 -45.75
N ASP A 933 10.23 9.99 -46.42
CA ASP A 933 10.14 10.73 -47.67
C ASP A 933 9.94 12.23 -47.44
N TRP A 934 9.04 12.59 -46.53
CA TRP A 934 8.75 13.98 -46.23
C TRP A 934 8.94 14.23 -44.74
N ILE A 935 9.36 15.45 -44.41
CA ILE A 935 9.67 15.82 -43.03
C ILE A 935 9.05 17.19 -42.75
N ILE A 936 8.34 17.29 -41.63
CA ILE A 936 7.75 18.55 -41.18
C ILE A 936 8.29 18.84 -39.79
N ASP A 937 9.07 19.90 -39.65
CA ASP A 937 9.66 20.27 -38.38
C ASP A 937 8.85 21.40 -37.76
N LEU A 938 8.42 21.19 -36.51
CA LEU A 938 7.51 22.11 -35.84
C LEU A 938 8.25 22.86 -34.73
N GLY A 939 8.22 24.19 -34.81
CA GLY A 939 8.54 25.02 -33.67
C GLY A 939 10.02 25.18 -33.42
N PRO A 940 10.46 26.41 -33.16
CA PRO A 940 11.83 26.58 -32.66
C PRO A 940 12.03 25.93 -31.30
N GLU A 941 11.02 25.98 -30.44
CA GLU A 941 11.08 25.38 -29.11
C GLU A 941 9.68 24.91 -28.73
N GLY A 942 9.62 24.12 -27.66
CA GLY A 942 8.34 23.70 -27.15
C GLY A 942 7.59 24.84 -26.47
N GLY A 943 6.30 24.62 -26.26
CA GLY A 943 5.49 25.62 -25.58
C GLY A 943 5.33 26.88 -26.41
N ALA A 944 5.14 28.00 -25.72
CA ALA A 944 4.82 29.27 -26.36
C ALA A 944 5.90 29.70 -27.36
N GLY A 945 7.12 29.20 -27.23
CA GLY A 945 8.16 29.56 -28.16
C GLY A 945 8.08 28.89 -29.52
N GLY A 946 7.17 27.94 -29.69
CA GLY A 946 7.05 27.25 -30.96
C GLY A 946 5.67 27.33 -31.57
N GLY A 947 5.11 26.18 -31.94
CA GLY A 947 3.81 26.17 -32.58
C GLY A 947 3.80 26.64 -34.02
N THR A 948 4.94 26.66 -34.68
CA THR A 948 5.04 27.05 -36.07
C THR A 948 5.70 25.93 -36.85
N VAL A 949 6.00 26.18 -38.11
CA VAL A 949 6.74 25.24 -38.94
C VAL A 949 8.06 25.89 -39.34
N VAL A 950 9.16 25.25 -38.96
CA VAL A 950 10.47 25.85 -39.19
C VAL A 950 11.11 25.36 -40.48
N ALA A 951 10.84 24.12 -40.88
CA ALA A 951 11.39 23.59 -42.12
C ALA A 951 10.59 22.38 -42.53
N GLN A 952 10.33 22.25 -43.83
CA GLN A 952 9.64 21.09 -44.37
C GLN A 952 10.23 20.73 -45.72
N GLY A 953 10.16 19.45 -46.05
CA GLY A 953 10.69 18.92 -47.28
C GLY A 953 11.33 17.57 -47.04
N THR A 954 12.18 17.17 -47.97
CA THR A 954 12.88 15.90 -47.86
C THR A 954 13.90 15.98 -46.73
N PRO A 955 14.32 14.84 -46.18
CA PRO A 955 15.36 14.88 -45.14
C PRO A 955 16.62 15.59 -45.58
N GLU A 956 17.01 15.44 -46.85
CA GLU A 956 18.26 16.03 -47.32
C GLU A 956 18.22 17.55 -47.22
N ASP A 957 17.16 18.18 -47.72
CA ASP A 957 17.10 19.63 -47.68
C ASP A 957 16.57 20.16 -46.36
N VAL A 958 15.98 19.31 -45.51
CA VAL A 958 15.64 19.77 -44.17
C VAL A 958 16.89 19.77 -43.29
N ALA A 959 17.86 18.92 -43.60
CA ALA A 959 19.12 18.96 -42.88
C ALA A 959 19.91 20.23 -43.17
N ALA A 960 19.57 20.94 -44.24
CA ALA A 960 20.27 22.15 -44.63
C ALA A 960 19.69 23.40 -43.99
N VAL A 961 18.68 23.27 -43.14
CA VAL A 961 18.04 24.41 -42.50
C VAL A 961 18.70 24.62 -41.14
N PRO A 962 19.46 25.68 -40.92
CA PRO A 962 20.16 25.87 -39.64
C PRO A 962 19.23 26.07 -38.46
N ALA A 963 17.99 26.51 -38.70
CA ALA A 963 17.09 26.83 -37.60
C ALA A 963 16.43 25.61 -36.98
N SER A 964 16.58 24.43 -37.56
CA SER A 964 15.94 23.22 -37.08
C SER A 964 16.95 22.36 -36.34
N TYR A 965 16.66 22.04 -35.08
CA TYR A 965 17.50 21.12 -34.33
C TYR A 965 17.48 19.74 -34.98
N THR A 966 16.32 19.31 -35.44
CA THR A 966 16.22 18.05 -36.16
C THR A 966 17.11 18.06 -37.39
N GLY A 967 17.12 19.17 -38.13
CA GLY A 967 18.04 19.29 -39.24
C GLY A 967 19.48 19.24 -38.81
N LYS A 968 19.79 19.84 -37.66
CA LYS A 968 21.14 19.81 -37.14
C LYS A 968 21.60 18.38 -36.89
N PHE A 969 20.72 17.57 -36.28
CA PHE A 969 21.08 16.18 -36.03
C PHE A 969 21.06 15.34 -37.30
N LEU A 970 20.26 15.74 -38.29
CA LEU A 970 20.22 15.01 -39.55
C LEU A 970 21.44 15.30 -40.40
N ALA A 971 22.08 16.45 -40.20
CA ALA A 971 23.21 16.83 -41.05
C ALA A 971 24.34 15.80 -40.99
N GLU A 972 24.67 15.31 -39.79
CA GLU A 972 25.79 14.39 -39.64
C GLU A 972 25.40 12.94 -39.90
N VAL A 973 24.13 12.65 -40.13
CA VAL A 973 23.69 11.29 -40.41
C VAL A 973 23.46 11.04 -41.89
N VAL A 974 23.46 12.07 -42.72
CA VAL A 974 23.28 11.89 -44.16
C VAL A 974 24.49 12.45 -44.90
N MET B 22 28.80 11.33 -2.76
CA MET B 22 27.85 10.55 -2.00
C MET B 22 27.40 11.30 -0.74
N ALA B 23 26.26 10.89 -0.19
CA ALA B 23 25.73 11.50 1.02
C ALA B 23 25.86 10.52 2.19
N ASP B 24 26.37 11.02 3.31
CA ASP B 24 26.60 10.19 4.49
C ASP B 24 26.01 10.77 5.76
N ARG B 25 25.07 11.71 5.65
CA ARG B 25 24.47 12.32 6.82
C ARG B 25 22.98 12.48 6.61
N LEU B 26 22.24 12.58 7.71
CA LEU B 26 20.81 12.85 7.70
C LEU B 26 20.57 14.16 8.42
N ILE B 27 19.89 15.09 7.76
CA ILE B 27 19.67 16.43 8.29
C ILE B 27 18.16 16.69 8.35
N VAL B 28 17.71 17.22 9.47
CA VAL B 28 16.31 17.60 9.66
C VAL B 28 16.28 19.03 10.16
N LYS B 29 15.48 19.88 9.51
CA LYS B 29 15.31 21.25 9.93
C LYS B 29 13.82 21.55 10.01
N GLY B 30 13.38 22.08 11.15
CA GLY B 30 12.00 22.48 11.30
C GLY B 30 11.04 21.39 11.69
N ALA B 31 11.46 20.44 12.54
CA ALA B 31 10.52 19.45 13.05
C ALA B 31 9.61 20.10 14.08
N ARG B 32 8.30 19.93 13.92
CA ARG B 32 7.34 20.60 14.79
C ARG B 32 6.17 19.72 15.20
N GLU B 33 6.27 18.39 15.05
CA GLU B 33 5.18 17.52 15.45
C GLU B 33 4.98 17.58 16.96
N HIS B 34 3.72 17.69 17.38
CA HIS B 34 3.35 17.73 18.79
C HIS B 34 4.11 18.82 19.54
N ASN B 35 4.84 18.43 20.58
CA ASN B 35 5.54 19.38 21.43
C ASN B 35 6.93 19.73 20.91
N LEU B 36 7.40 19.07 19.85
CA LEU B 36 8.66 19.45 19.26
C LEU B 36 8.57 20.85 18.70
N ARG B 37 9.60 21.66 18.95
CA ARG B 37 9.59 23.08 18.58
C ARG B 37 10.78 23.39 17.70
N SER B 38 10.58 23.34 16.38
CA SER B 38 11.59 23.73 15.40
C SER B 38 12.90 22.99 15.65
N VAL B 39 12.79 21.67 15.71
CA VAL B 39 13.93 20.82 16.03
C VAL B 39 14.87 20.79 14.83
N ASP B 40 16.16 21.00 15.08
CA ASP B 40 17.19 20.89 14.06
C ASP B 40 18.16 19.78 14.47
N LEU B 41 18.34 18.81 13.59
CA LEU B 41 19.04 17.58 13.92
C LEU B 41 19.99 17.21 12.80
N ASP B 42 21.16 16.72 13.16
CA ASP B 42 22.17 16.23 12.23
C ASP B 42 22.69 14.90 12.74
N LEU B 43 22.61 13.86 11.90
CA LEU B 43 22.97 12.53 12.32
C LEU B 43 23.91 11.88 11.32
N PRO B 44 24.80 11.01 11.77
CA PRO B 44 25.65 10.28 10.82
C PRO B 44 24.87 9.09 10.24
N ARG B 45 24.88 9.00 8.92
CA ARG B 45 24.26 7.87 8.26
C ARG B 45 25.10 6.63 8.45
N ASP B 46 24.47 5.47 8.25
CA ASP B 46 25.14 4.18 8.36
C ASP B 46 25.80 4.02 9.72
N ALA B 47 25.06 4.35 10.77
CA ALA B 47 25.58 4.28 12.12
C ALA B 47 24.45 3.83 13.05
N LEU B 48 24.78 3.70 14.32
CA LEU B 48 23.81 3.36 15.36
C LEU B 48 23.48 4.62 16.13
N ILE B 49 22.24 5.09 16.01
CA ILE B 49 21.79 6.31 16.67
C ILE B 49 20.73 5.93 17.69
N VAL B 50 20.88 6.45 18.91
CA VAL B 50 20.01 6.11 20.02
C VAL B 50 19.33 7.39 20.50
N PHE B 51 18.00 7.36 20.56
CA PHE B 51 17.20 8.49 21.01
C PHE B 51 16.81 8.26 22.47
N THR B 52 17.01 9.26 23.31
CA THR B 52 16.68 9.16 24.72
C THR B 52 15.83 10.35 25.15
N GLY B 53 15.07 10.13 26.22
CA GLY B 53 14.23 11.16 26.78
C GLY B 53 13.13 10.55 27.62
N LEU B 54 12.48 11.41 28.38
CA LEU B 54 11.39 10.95 29.23
C LEU B 54 10.24 10.43 28.38
N SER B 55 9.36 9.67 29.02
CA SER B 55 8.17 9.20 28.32
C SER B 55 7.32 10.38 27.91
N GLY B 56 6.91 10.39 26.65
CA GLY B 56 6.14 11.50 26.14
C GLY B 56 6.89 12.81 26.06
N SER B 57 8.22 12.77 26.05
CA SER B 57 9.02 13.98 25.91
C SER B 57 9.25 14.35 24.46
N GLY B 58 8.77 13.54 23.52
CA GLY B 58 8.92 13.82 22.11
C GLY B 58 9.77 12.83 21.34
N LYS B 59 10.34 11.84 22.01
CA LYS B 59 11.16 10.85 21.30
C LYS B 59 10.33 10.07 20.29
N SER B 60 9.12 9.66 20.68
CA SER B 60 8.27 8.93 19.75
C SER B 60 7.88 9.80 18.56
N SER B 61 7.59 11.07 18.80
CA SER B 61 7.24 11.98 17.71
C SER B 61 8.42 12.20 16.78
N LEU B 62 9.62 12.44 17.33
CA LEU B 62 10.77 12.71 16.50
C LEU B 62 11.21 11.48 15.71
N ALA B 63 11.06 10.30 16.29
CA ALA B 63 11.49 9.09 15.60
C ALA B 63 10.43 8.61 14.62
N PHE B 64 9.24 8.27 15.11
CA PHE B 64 8.22 7.65 14.29
C PHE B 64 7.39 8.66 13.51
N ASP B 65 6.91 9.71 14.18
CA ASP B 65 5.94 10.60 13.58
C ASP B 65 6.55 11.58 12.58
N THR B 66 7.86 11.76 12.59
CA THR B 66 8.35 12.79 11.68
C THR B 66 9.55 12.35 10.86
N ILE B 67 10.23 11.28 11.24
CA ILE B 67 11.33 10.77 10.42
C ILE B 67 10.88 9.54 9.63
N PHE B 68 10.47 8.50 10.35
CA PHE B 68 10.00 7.30 9.67
C PHE B 68 8.79 7.62 8.81
N ALA B 69 7.85 8.42 9.34
CA ALA B 69 6.67 8.74 8.56
C ALA B 69 7.03 9.45 7.27
N GLU B 70 7.94 10.42 7.36
CA GLU B 70 8.32 11.15 6.15
C GLU B 70 9.03 10.26 5.16
N GLY B 71 9.95 9.41 5.62
CA GLY B 71 10.65 8.53 4.71
C GLY B 71 9.71 7.56 4.03
N GLN B 72 8.84 6.92 4.80
CA GLN B 72 7.91 5.96 4.22
C GLN B 72 6.96 6.63 3.25
N ARG B 73 6.46 7.82 3.60
CA ARG B 73 5.57 8.53 2.68
C ARG B 73 6.30 8.89 1.39
N ARG B 74 7.53 9.37 1.50
CA ARG B 74 8.29 9.74 0.30
C ARG B 74 8.49 8.54 -0.60
N TYR B 75 8.78 7.38 -0.01
CA TYR B 75 8.95 6.20 -0.85
C TYR B 75 7.63 5.79 -1.49
N VAL B 76 6.57 5.64 -0.69
CA VAL B 76 5.36 5.01 -1.21
C VAL B 76 4.63 5.94 -2.16
N GLU B 77 4.84 7.25 -2.05
CA GLU B 77 4.18 8.17 -2.95
C GLU B 77 4.65 7.97 -4.39
N SER B 78 5.87 7.47 -4.58
CA SER B 78 6.35 7.17 -5.91
C SER B 78 5.84 5.84 -6.44
N LEU B 79 5.25 5.01 -5.57
CA LEU B 79 4.76 3.72 -6.00
C LEU B 79 3.54 3.86 -6.90
N SER B 80 3.48 3.02 -7.93
CA SER B 80 2.37 3.03 -8.87
C SER B 80 1.33 1.96 -8.57
N ALA B 81 1.53 1.16 -7.52
CA ALA B 81 0.58 0.11 -7.21
C ALA B 81 -0.79 0.68 -6.88
N TYR B 82 -0.82 1.76 -6.11
CA TYR B 82 -2.06 2.39 -5.72
C TYR B 82 -2.51 3.40 -6.77
N ALA B 83 -3.66 4.03 -6.54
CA ALA B 83 -4.12 5.18 -7.31
C ALA B 83 -3.85 6.48 -6.59
N ARG B 84 -2.72 6.56 -5.89
CA ARG B 84 -2.29 7.65 -5.01
C ARG B 84 -3.09 7.72 -3.71
N GLN B 85 -4.04 6.80 -3.49
CA GLN B 85 -4.71 6.74 -2.19
C GLN B 85 -3.80 6.12 -1.14
N PHE B 86 -3.04 5.09 -1.50
CA PHE B 86 -2.03 4.45 -0.65
C PHE B 86 -2.71 3.93 0.62
N LEU B 87 -2.08 4.06 1.80
CA LEU B 87 -2.64 3.56 3.05
C LEU B 87 -3.32 4.71 3.79
N GLY B 88 -4.37 5.22 3.14
CA GLY B 88 -5.03 6.40 3.67
C GLY B 88 -4.16 7.64 3.62
N GLN B 89 -3.39 7.80 2.54
CA GLN B 89 -2.55 8.96 2.28
C GLN B 89 -1.45 9.17 3.33
N MET B 90 -1.17 8.16 4.16
CA MET B 90 -0.21 8.29 5.23
C MET B 90 -0.48 9.54 6.06
N ASP B 91 0.50 10.43 6.13
CA ASP B 91 0.35 11.73 6.77
C ASP B 91 1.49 12.62 6.30
N LYS B 92 1.35 13.91 6.57
CA LYS B 92 2.38 14.87 6.18
C LYS B 92 2.99 15.49 7.43
N PRO B 93 4.14 15.01 7.88
CA PRO B 93 4.77 15.59 9.07
C PRO B 93 5.15 17.04 8.84
N ASP B 94 5.07 17.83 9.91
CA ASP B 94 5.37 19.26 9.85
C ASP B 94 6.88 19.45 9.99
N VAL B 95 7.57 19.28 8.87
CA VAL B 95 9.01 19.49 8.80
C VAL B 95 9.32 20.46 7.67
N ASP B 96 10.15 21.46 7.98
CA ASP B 96 10.56 22.41 6.95
C ASP B 96 11.36 21.71 5.85
N PHE B 97 12.39 20.98 6.23
CA PHE B 97 13.24 20.29 5.26
C PHE B 97 13.83 19.04 5.89
N ILE B 98 13.94 17.99 5.10
CA ILE B 98 14.63 16.78 5.53
C ILE B 98 15.47 16.28 4.37
N GLU B 99 16.75 16.02 4.63
CA GLU B 99 17.73 15.72 3.60
C GLU B 99 18.52 14.49 4.00
N GLY B 100 18.89 13.68 3.01
CA GLY B 100 19.60 12.46 3.29
C GLY B 100 18.73 11.33 3.77
N LEU B 101 17.43 11.38 3.50
CA LEU B 101 16.53 10.32 3.93
C LEU B 101 16.77 9.05 3.15
N SER B 102 16.15 7.98 3.62
CA SER B 102 16.14 6.68 2.97
C SER B 102 14.78 6.05 3.20
N PRO B 103 14.39 5.09 2.36
CA PRO B 103 13.12 4.40 2.61
C PRO B 103 13.07 3.80 4.00
N ALA B 104 12.15 4.31 4.81
CA ALA B 104 12.16 4.06 6.25
C ALA B 104 11.24 2.89 6.60
N VAL B 105 11.74 2.00 7.44
CA VAL B 105 10.97 0.86 7.92
C VAL B 105 10.96 0.91 9.43
N SER B 106 9.77 0.81 10.02
CA SER B 106 9.59 0.90 11.47
C SER B 106 9.34 -0.49 12.02
N ILE B 107 10.09 -0.86 13.05
CA ILE B 107 9.86 -2.10 13.78
C ILE B 107 9.22 -1.69 15.10
N ASP B 108 7.89 -1.72 15.13
CA ASP B 108 7.13 -1.18 16.24
C ASP B 108 6.20 -2.25 16.79
N GLN B 109 5.66 -1.97 17.99
CA GLN B 109 4.81 -2.93 18.68
C GLN B 109 3.50 -3.18 17.94
N LYS B 110 3.03 -2.19 17.18
CA LYS B 110 1.73 -2.27 16.52
C LYS B 110 1.78 -3.06 15.22
N SER B 111 2.79 -3.90 15.03
CA SER B 111 2.91 -4.74 13.83
C SER B 111 2.28 -6.10 14.01
N THR B 112 1.27 -6.22 14.88
CA THR B 112 0.66 -7.50 15.21
C THR B 112 -0.16 -7.99 14.02
N ASN B 113 0.42 -8.89 13.23
CA ASN B 113 -0.30 -9.47 12.11
C ASN B 113 -1.36 -10.43 12.61
N ARG B 114 -2.59 -10.28 12.10
CA ARG B 114 -3.72 -11.08 12.53
C ARG B 114 -4.22 -12.01 11.44
N ASN B 115 -3.57 -12.03 10.29
CA ASN B 115 -4.00 -12.90 9.22
C ASN B 115 -3.86 -14.36 9.65
N PRO B 116 -4.92 -15.16 9.59
CA PRO B 116 -4.80 -16.57 10.00
C PRO B 116 -3.85 -17.35 9.12
N ARG B 117 -3.59 -16.91 7.91
CA ARG B 117 -2.57 -17.55 7.09
C ARG B 117 -1.17 -17.29 7.60
N SER B 118 -0.95 -16.18 8.29
CA SER B 118 0.39 -15.79 8.70
C SER B 118 0.91 -16.74 9.77
N THR B 119 2.19 -17.09 9.66
CA THR B 119 2.90 -17.86 10.65
C THR B 119 4.34 -17.36 10.72
N VAL B 120 5.03 -17.71 11.79
CA VAL B 120 6.41 -17.26 11.96
C VAL B 120 7.27 -17.74 10.81
N GLY B 121 6.92 -18.87 10.21
CA GLY B 121 7.65 -19.31 9.03
C GLY B 121 7.48 -18.36 7.85
N THR B 122 6.26 -17.90 7.63
CA THR B 122 6.00 -17.04 6.47
C THR B 122 6.47 -15.62 6.72
N ILE B 123 6.41 -15.15 7.97
CA ILE B 123 6.82 -13.79 8.26
C ILE B 123 8.30 -13.59 7.96
N THR B 124 9.13 -14.55 8.31
CA THR B 124 10.56 -14.46 8.13
C THR B 124 11.05 -15.05 6.82
N GLU B 125 10.16 -15.51 5.95
CA GLU B 125 10.47 -16.09 4.66
C GLU B 125 11.28 -17.38 4.77
N VAL B 126 11.56 -17.84 5.98
CA VAL B 126 12.25 -19.12 6.13
C VAL B 126 11.41 -20.24 5.56
N TYR B 127 10.10 -20.15 5.70
CA TYR B 127 9.23 -21.16 5.12
C TYR B 127 9.41 -21.25 3.62
N ASP B 128 9.65 -20.11 2.96
CA ASP B 128 9.82 -20.12 1.51
C ASP B 128 11.03 -20.95 1.11
N TYR B 129 12.18 -20.66 1.69
CA TYR B 129 13.38 -21.41 1.33
C TYR B 129 13.30 -22.85 1.81
N LEU B 130 12.58 -23.09 2.90
CA LEU B 130 12.39 -24.47 3.34
C LEU B 130 11.56 -25.25 2.34
N ARG B 131 10.52 -24.62 1.79
CA ARG B 131 9.76 -25.26 0.72
C ARG B 131 10.64 -25.49 -0.48
N LEU B 132 11.50 -24.53 -0.81
CA LEU B 132 12.41 -24.70 -1.93
C LEU B 132 13.30 -25.91 -1.73
N LEU B 133 13.88 -26.04 -0.53
CA LEU B 133 14.74 -27.18 -0.23
C LEU B 133 13.96 -28.48 -0.29
N TYR B 134 12.75 -28.51 0.28
CA TYR B 134 11.97 -29.73 0.27
C TYR B 134 11.54 -30.11 -1.14
N ALA B 135 11.46 -29.13 -2.03
CA ALA B 135 11.21 -29.45 -3.44
C ALA B 135 12.46 -30.00 -4.10
N ARG B 136 13.62 -29.43 -3.78
CA ARG B 136 14.85 -29.89 -4.43
C ARG B 136 15.30 -31.24 -3.92
N ALA B 137 14.88 -31.64 -2.72
CA ALA B 137 15.38 -32.87 -2.10
C ALA B 137 14.28 -33.71 -1.47
N GLY B 138 13.05 -33.57 -1.94
CA GLY B 138 11.94 -34.32 -1.37
C GLY B 138 11.78 -35.72 -1.91
N THR B 139 12.60 -36.65 -1.46
CA THR B 139 12.50 -38.01 -1.96
C THR B 139 11.14 -38.61 -1.62
N PRO B 140 10.49 -39.31 -2.55
CA PRO B 140 9.14 -39.84 -2.29
C PRO B 140 9.09 -40.96 -1.27
N HIS B 141 10.22 -41.36 -0.70
CA HIS B 141 10.28 -42.45 0.27
C HIS B 141 9.79 -43.73 -0.42
N CYS B 142 9.15 -44.63 0.32
CA CYS B 142 8.67 -45.89 -0.27
C CYS B 142 7.63 -45.68 -1.35
N PRO B 143 6.55 -44.88 -1.16
CA PRO B 143 5.59 -44.80 -2.26
C PRO B 143 6.06 -43.87 -3.38
N ASP B 287 11.38 -33.43 -9.99
CA ASP B 287 10.47 -34.46 -10.48
C ASP B 287 9.06 -34.25 -9.94
N ASP B 288 8.19 -33.70 -10.78
CA ASP B 288 6.78 -33.43 -10.46
C ASP B 288 6.62 -32.80 -9.08
N LEU B 289 7.56 -31.95 -8.68
CA LEU B 289 7.51 -31.23 -7.43
C LEU B 289 7.87 -29.78 -7.66
N GLU B 290 7.12 -28.88 -7.04
CA GLU B 290 7.28 -27.45 -7.26
C GLU B 290 7.30 -26.73 -5.92
N PRO B 291 7.96 -25.57 -5.84
CA PRO B 291 7.98 -24.83 -4.57
C PRO B 291 6.60 -24.48 -4.06
N ARG B 292 5.67 -24.11 -4.95
CA ARG B 292 4.33 -23.77 -4.53
C ARG B 292 3.54 -24.99 -4.04
N SER B 293 3.98 -26.19 -4.38
CA SER B 293 3.26 -27.39 -3.98
C SER B 293 3.26 -27.60 -2.47
N PHE B 294 4.19 -26.97 -1.75
CA PHE B 294 4.31 -27.15 -0.32
C PHE B 294 3.63 -26.04 0.49
N SER B 295 3.19 -24.98 -0.16
CA SER B 295 2.63 -23.83 0.53
C SER B 295 1.16 -24.07 0.86
N PHE B 296 0.78 -23.76 2.09
CA PHE B 296 -0.63 -23.77 2.46
C PHE B 296 -1.37 -22.55 1.96
N ASN B 297 -0.66 -21.55 1.46
CA ASN B 297 -1.27 -20.35 0.90
C ASN B 297 -1.57 -20.48 -0.58
N SER B 298 -1.40 -21.67 -1.15
CA SER B 298 -1.73 -21.96 -2.53
C SER B 298 -2.59 -23.21 -2.60
N PRO B 299 -3.48 -23.31 -3.58
CA PRO B 299 -4.32 -24.52 -3.69
C PRO B 299 -3.53 -25.77 -3.96
N TYR B 300 -2.29 -25.64 -4.45
CA TYR B 300 -1.49 -26.84 -4.69
C TYR B 300 -1.05 -27.50 -3.40
N GLY B 301 -1.08 -26.79 -2.28
CA GLY B 301 -0.67 -27.38 -1.03
C GLY B 301 -1.73 -27.44 0.05
N ALA B 302 -2.63 -26.46 0.08
CA ALA B 302 -3.66 -26.43 1.11
C ALA B 302 -4.65 -27.57 0.91
N CYS B 303 -5.16 -28.10 2.03
CA CYS B 303 -6.10 -29.20 1.93
C CYS B 303 -7.46 -28.68 1.51
N PRO B 304 -8.30 -29.52 0.89
CA PRO B 304 -9.66 -29.06 0.59
C PRO B 304 -10.49 -28.75 1.82
N GLU B 305 -10.24 -29.44 2.94
CA GLU B 305 -11.14 -29.36 4.08
C GLU B 305 -11.07 -28.00 4.76
N CYS B 306 -9.93 -27.66 5.31
CA CYS B 306 -9.76 -26.41 6.05
C CYS B 306 -9.13 -25.31 5.20
N SER B 307 -8.93 -25.55 3.90
CA SER B 307 -8.34 -24.57 3.00
C SER B 307 -6.97 -24.12 3.50
N GLY B 308 -6.23 -25.07 4.08
CA GLY B 308 -4.92 -24.77 4.60
C GLY B 308 -4.91 -23.83 5.79
N LEU B 309 -5.94 -23.85 6.62
CA LEU B 309 -6.00 -23.01 7.80
C LEU B 309 -5.56 -23.73 9.06
N GLY B 310 -5.71 -25.05 9.10
CA GLY B 310 -5.40 -25.83 10.27
C GLY B 310 -6.53 -25.94 11.27
N ILE B 311 -7.54 -25.08 11.18
CA ILE B 311 -8.64 -25.06 12.13
C ILE B 311 -9.96 -24.88 11.39
N ARG B 312 -11.04 -25.24 12.06
CA ARG B 312 -12.38 -24.97 11.58
C ARG B 312 -13.21 -24.44 12.75
N LYS B 313 -14.05 -23.46 12.49
CA LYS B 313 -14.77 -22.77 13.54
C LYS B 313 -16.12 -23.44 13.82
N GLU B 314 -16.44 -23.57 15.10
CA GLU B 314 -17.71 -24.12 15.54
C GLU B 314 -18.08 -23.44 16.84
N VAL B 315 -19.07 -24.01 17.55
CA VAL B 315 -19.50 -23.48 18.84
C VAL B 315 -20.22 -24.58 19.59
N ASP B 316 -19.95 -24.66 20.89
CA ASP B 316 -20.71 -25.57 21.74
C ASP B 316 -22.09 -25.00 22.03
N PRO B 317 -23.10 -25.85 22.16
CA PRO B 317 -24.48 -25.37 22.36
C PRO B 317 -24.77 -24.86 23.76
N GLU B 318 -23.78 -24.73 24.63
CA GLU B 318 -24.00 -24.26 25.99
C GLU B 318 -23.59 -22.80 26.17
N LEU B 319 -22.42 -22.41 25.68
CA LEU B 319 -21.93 -21.07 25.91
C LEU B 319 -22.73 -20.04 25.13
N VAL B 320 -23.26 -20.43 23.96
CA VAL B 320 -24.05 -19.50 23.17
C VAL B 320 -25.45 -19.28 23.75
N VAL B 321 -25.95 -20.22 24.53
CA VAL B 321 -27.27 -20.07 25.17
C VAL B 321 -27.06 -19.76 26.64
N PRO B 322 -27.29 -18.51 27.07
CA PRO B 322 -27.04 -18.16 28.48
C PRO B 322 -28.06 -18.73 29.45
N ASP B 323 -29.31 -18.91 29.03
CA ASP B 323 -30.37 -19.35 29.94
C ASP B 323 -31.06 -20.56 29.34
N PRO B 324 -30.47 -21.75 29.50
CA PRO B 324 -31.12 -22.97 28.99
C PRO B 324 -32.48 -23.24 29.61
N ASP B 325 -32.67 -22.90 30.89
CA ASP B 325 -33.95 -23.12 31.53
C ASP B 325 -35.04 -22.17 31.04
N ARG B 326 -34.68 -21.14 30.28
CA ARG B 326 -35.64 -20.17 29.78
C ARG B 326 -36.10 -20.53 28.38
N THR B 327 -37.33 -20.12 28.06
CA THR B 327 -37.95 -20.48 26.80
C THR B 327 -37.21 -19.87 25.62
N LEU B 328 -37.26 -20.58 24.49
CA LEU B 328 -36.70 -20.09 23.24
C LEU B 328 -37.66 -19.19 22.48
N ALA B 329 -38.87 -18.95 23.02
CA ALA B 329 -39.84 -18.12 22.33
C ALA B 329 -39.34 -16.70 22.15
N GLN B 330 -38.69 -16.14 23.17
CA GLN B 330 -38.23 -14.75 23.14
C GLN B 330 -36.71 -14.66 23.13
N GLY B 331 -36.04 -15.64 22.55
CA GLY B 331 -34.61 -15.54 22.33
C GLY B 331 -33.72 -16.12 23.42
N ALA B 332 -33.92 -17.40 23.74
CA ALA B 332 -33.08 -18.04 24.76
C ALA B 332 -31.61 -18.02 24.35
N VAL B 333 -31.33 -18.24 23.07
CA VAL B 333 -29.98 -18.15 22.55
C VAL B 333 -29.59 -16.67 22.47
N ALA B 334 -28.32 -16.39 22.76
CA ALA B 334 -27.87 -15.01 22.89
C ALA B 334 -28.06 -14.19 21.61
N PRO B 335 -27.66 -14.66 20.41
CA PRO B 335 -27.88 -13.83 19.21
C PRO B 335 -29.34 -13.57 18.91
N TRP B 336 -30.25 -14.40 19.44
CA TRP B 336 -31.66 -14.27 19.15
C TRP B 336 -32.31 -13.07 19.83
N SER B 337 -31.69 -12.52 20.88
CA SER B 337 -32.26 -11.40 21.60
C SER B 337 -31.75 -10.05 21.11
N ASN B 338 -30.89 -10.02 20.10
CA ASN B 338 -30.31 -8.78 19.62
C ASN B 338 -31.21 -8.11 18.60
N GLY B 339 -31.48 -6.83 18.81
CA GLY B 339 -32.24 -6.03 17.86
C GLY B 339 -33.71 -6.39 17.85
N HIS B 340 -34.46 -5.65 17.04
CA HIS B 340 -35.87 -5.91 16.85
C HIS B 340 -36.14 -7.18 16.05
N THR B 341 -35.10 -7.74 15.42
CA THR B 341 -35.22 -8.97 14.66
C THR B 341 -35.49 -10.19 15.54
N ALA B 342 -35.65 -10.00 16.85
CA ALA B 342 -36.05 -11.10 17.71
C ALA B 342 -37.39 -11.67 17.27
N GLU B 343 -38.29 -10.80 16.81
CA GLU B 343 -39.57 -11.29 16.28
C GLU B 343 -39.36 -12.14 15.03
N TYR B 344 -38.44 -11.72 14.15
CA TYR B 344 -38.10 -12.55 13.00
C TYR B 344 -37.60 -13.91 13.46
N PHE B 345 -36.59 -13.92 14.34
CA PHE B 345 -36.03 -15.16 14.86
C PHE B 345 -37.13 -16.06 15.40
N THR B 346 -38.05 -15.49 16.19
CA THR B 346 -39.18 -16.26 16.70
C THR B 346 -40.01 -16.83 15.56
N ARG B 347 -40.20 -16.04 14.49
CA ARG B 347 -41.00 -16.52 13.37
C ARG B 347 -40.37 -17.74 12.71
N MET B 348 -39.07 -17.69 12.41
CA MET B 348 -38.51 -18.87 11.74
C MET B 348 -38.34 -20.04 12.70
N MET B 349 -38.06 -19.79 13.98
CA MET B 349 -37.88 -20.96 14.85
C MET B 349 -39.23 -21.58 15.18
N ALA B 350 -40.31 -20.80 15.18
CA ALA B 350 -41.64 -21.37 15.34
C ALA B 350 -42.06 -22.13 14.08
N GLY B 351 -41.72 -21.60 12.90
CA GLY B 351 -41.94 -22.37 11.69
C GLY B 351 -41.17 -23.69 11.70
N LEU B 352 -39.96 -23.67 12.24
CA LEU B 352 -39.19 -24.91 12.39
C LEU B 352 -39.87 -25.87 13.35
N GLY B 353 -40.40 -25.35 14.47
CA GLY B 353 -41.11 -26.19 15.39
C GLY B 353 -42.41 -26.75 14.82
N GLU B 354 -42.97 -26.04 13.83
CA GLU B 354 -44.20 -26.51 13.19
C GLU B 354 -44.01 -27.85 12.49
N ALA B 355 -42.91 -28.02 11.76
CA ALA B 355 -42.69 -29.21 10.94
C ALA B 355 -41.69 -30.17 11.54
N LEU B 356 -40.59 -29.66 12.11
CA LEU B 356 -39.60 -30.53 12.73
C LEU B 356 -40.17 -31.29 13.91
N GLY B 357 -41.00 -30.64 14.73
CA GLY B 357 -41.64 -31.32 15.83
C GLY B 357 -41.18 -30.90 17.20
N PHE B 358 -40.89 -29.62 17.40
CA PHE B 358 -40.60 -29.08 18.72
C PHE B 358 -41.52 -27.89 18.99
N ASP B 359 -41.44 -27.37 20.20
CA ASP B 359 -42.35 -26.32 20.66
C ASP B 359 -41.62 -24.99 20.78
N VAL B 360 -42.33 -23.92 20.41
CA VAL B 360 -41.77 -22.58 20.49
C VAL B 360 -41.50 -22.18 21.93
N ASP B 361 -42.44 -22.48 22.83
CA ASP B 361 -42.33 -22.04 24.21
C ASP B 361 -41.49 -22.98 25.07
N THR B 362 -41.02 -24.09 24.52
CA THR B 362 -40.25 -25.03 25.31
C THR B 362 -38.83 -24.52 25.50
N PRO B 363 -38.34 -24.44 26.73
CA PRO B 363 -36.95 -23.99 26.96
C PRO B 363 -35.93 -24.96 26.40
N TRP B 364 -34.65 -24.61 26.54
CA TRP B 364 -33.58 -25.44 25.98
C TRP B 364 -33.54 -26.81 26.62
N ARG B 365 -33.50 -26.86 27.96
CA ARG B 365 -33.37 -28.14 28.65
C ARG B 365 -34.57 -29.04 28.38
N LYS B 366 -35.77 -28.48 28.39
CA LYS B 366 -36.97 -29.28 28.11
C LYS B 366 -37.09 -29.64 26.63
N LEU B 367 -36.33 -28.99 25.77
CA LEU B 367 -36.40 -29.28 24.35
C LEU B 367 -35.84 -30.67 24.06
N PRO B 368 -36.48 -31.45 23.18
CA PRO B 368 -35.91 -32.74 22.81
C PRO B 368 -34.54 -32.57 22.16
N ALA B 369 -33.64 -33.51 22.46
CA ALA B 369 -32.27 -33.41 21.94
C ALA B 369 -32.25 -33.46 20.42
N LYS B 370 -33.21 -34.16 19.81
CA LYS B 370 -33.31 -34.15 18.35
C LYS B 370 -33.52 -32.73 17.83
N ALA B 371 -34.40 -31.98 18.49
CA ALA B 371 -34.59 -30.58 18.10
C ALA B 371 -33.33 -29.77 18.33
N ARG B 372 -32.62 -30.02 19.44
CA ARG B 372 -31.37 -29.30 19.70
C ARG B 372 -30.38 -29.49 18.57
N LYS B 373 -30.20 -30.74 18.14
CA LYS B 373 -29.27 -31.01 17.05
C LYS B 373 -29.77 -30.44 15.74
N ALA B 374 -31.08 -30.54 15.49
CA ALA B 374 -31.61 -30.18 14.17
C ALA B 374 -31.67 -28.68 13.97
N ILE B 375 -31.87 -27.90 15.04
CA ILE B 375 -31.86 -26.45 14.89
C ILE B 375 -30.45 -25.96 14.58
N LEU B 376 -29.45 -26.57 15.20
CA LEU B 376 -28.07 -26.19 14.90
C LEU B 376 -27.63 -26.66 13.52
N GLU B 377 -28.05 -27.85 13.11
CA GLU B 377 -27.60 -28.45 11.87
C GLU B 377 -28.51 -28.17 10.67
N GLY B 378 -29.69 -27.60 10.90
CA GLY B 378 -30.61 -27.32 9.82
C GLY B 378 -31.50 -28.51 9.50
N ALA B 379 -32.46 -28.26 8.60
CA ALA B 379 -33.40 -29.28 8.19
C ALA B 379 -33.76 -29.06 6.73
N ASP B 380 -34.17 -30.14 6.07
CA ASP B 380 -34.54 -30.10 4.65
C ASP B 380 -36.05 -29.85 4.49
N GLU B 381 -36.54 -28.78 5.09
CA GLU B 381 -37.95 -28.41 5.00
C GLU B 381 -38.06 -26.91 4.77
N GLN B 382 -39.16 -26.50 4.15
CA GLN B 382 -39.40 -25.09 3.88
C GLN B 382 -40.10 -24.45 5.08
N VAL B 383 -39.41 -23.53 5.73
CA VAL B 383 -39.92 -22.86 6.92
C VAL B 383 -39.86 -21.36 6.66
N HIS B 384 -41.02 -20.71 6.59
CA HIS B 384 -41.13 -19.27 6.40
C HIS B 384 -40.29 -18.78 5.22
N TYR B 398 -41.45 -21.31 3.68
CA TYR B 398 -41.19 -21.37 2.25
C TYR B 398 -39.70 -21.22 1.95
N ALA B 399 -38.88 -21.22 3.00
CA ALA B 399 -37.44 -21.11 2.85
C ALA B 399 -36.76 -22.18 3.69
N ASP B 400 -35.86 -22.93 3.06
CA ASP B 400 -35.16 -24.00 3.76
C ASP B 400 -34.22 -23.43 4.82
N PHE B 401 -34.04 -24.20 5.89
CA PHE B 401 -33.24 -23.78 7.04
C PHE B 401 -31.94 -24.58 7.05
N GLU B 402 -30.81 -23.87 7.04
CA GLU B 402 -29.51 -24.49 6.92
C GLU B 402 -28.84 -24.76 8.26
N GLY B 403 -29.38 -24.24 9.37
CA GLY B 403 -28.79 -24.50 10.66
C GLY B 403 -28.39 -23.24 11.42
N VAL B 404 -28.34 -23.34 12.75
CA VAL B 404 -27.93 -22.20 13.56
C VAL B 404 -26.48 -21.85 13.29
N LEU B 405 -25.61 -22.86 13.30
CA LEU B 405 -24.19 -22.61 13.04
C LEU B 405 -23.98 -22.08 11.63
N ALA B 406 -24.66 -22.67 10.64
CA ALA B 406 -24.56 -22.18 9.27
C ALA B 406 -25.07 -20.75 9.16
N PHE B 407 -26.19 -20.45 9.83
CA PHE B 407 -26.75 -19.12 9.76
C PHE B 407 -25.81 -18.08 10.37
N LEU B 408 -25.27 -18.36 11.54
CA LEU B 408 -24.33 -17.41 12.13
C LEU B 408 -23.07 -17.29 11.28
N GLN B 409 -22.60 -18.40 10.72
CA GLN B 409 -21.41 -18.33 9.87
C GLN B 409 -21.66 -17.44 8.67
N ARG B 410 -22.83 -17.56 8.05
CA ARG B 410 -23.14 -16.69 6.93
C ARG B 410 -23.34 -15.24 7.38
N LYS B 411 -23.82 -15.02 8.60
CA LYS B 411 -23.90 -13.65 9.12
C LYS B 411 -22.52 -13.03 9.21
N MET B 412 -21.58 -13.72 9.84
CA MET B 412 -20.22 -13.17 9.92
C MET B 412 -19.56 -13.03 8.56
N SER B 413 -19.77 -13.99 7.66
CA SER B 413 -19.20 -13.84 6.32
C SER B 413 -19.86 -12.70 5.54
N GLN B 414 -21.08 -12.31 5.90
CA GLN B 414 -21.82 -11.28 5.19
C GLN B 414 -21.67 -9.89 5.81
N THR B 415 -20.91 -9.77 6.91
CA THR B 415 -20.74 -8.48 7.57
C THR B 415 -19.26 -8.09 7.53
N GLU B 416 -19.01 -6.80 7.46
CA GLU B 416 -17.66 -6.26 7.42
C GLU B 416 -17.36 -5.35 8.60
N SER B 417 -18.35 -5.06 9.44
CA SER B 417 -18.18 -4.22 10.62
C SER B 417 -17.68 -5.11 11.75
N GLU B 418 -16.39 -5.02 12.05
CA GLU B 418 -15.79 -5.88 13.06
C GLU B 418 -16.30 -5.56 14.45
N GLN B 419 -16.34 -4.27 14.80
CA GLN B 419 -16.66 -3.86 16.16
C GLN B 419 -17.98 -4.42 16.64
N MET B 420 -18.95 -4.62 15.75
CA MET B 420 -20.23 -5.20 16.13
C MET B 420 -20.28 -6.71 15.95
N LYS B 421 -19.28 -7.33 15.32
CA LYS B 421 -19.32 -8.75 15.01
C LYS B 421 -18.43 -9.62 15.88
N GLU B 422 -17.35 -9.06 16.46
CA GLU B 422 -16.62 -9.87 17.44
C GLU B 422 -17.47 -10.18 18.66
N ARG B 423 -18.58 -9.46 18.87
CA ARG B 423 -19.49 -9.86 19.93
C ARG B 423 -20.23 -11.14 19.60
N TYR B 424 -20.24 -11.58 18.33
CA TYR B 424 -20.73 -12.91 18.02
C TYR B 424 -19.62 -13.93 17.77
N GLU B 425 -18.54 -13.57 17.07
CA GLU B 425 -17.54 -14.64 16.96
C GLU B 425 -16.75 -14.83 18.25
N GLY B 426 -17.10 -14.10 19.31
CA GLY B 426 -16.42 -14.28 20.58
C GLY B 426 -16.65 -15.66 21.19
N PHE B 427 -17.83 -16.24 20.96
CA PHE B 427 -18.19 -17.50 21.60
C PHE B 427 -17.99 -18.71 20.70
N MET B 428 -17.31 -18.56 19.57
CA MET B 428 -16.93 -19.72 18.79
C MET B 428 -15.69 -20.39 19.38
N ARG B 429 -15.56 -21.68 19.08
CA ARG B 429 -14.43 -22.48 19.50
C ARG B 429 -13.74 -23.06 18.28
N ASP B 430 -12.41 -23.06 18.29
CA ASP B 430 -11.64 -23.51 17.15
C ASP B 430 -11.22 -24.96 17.35
N VAL B 431 -11.49 -25.78 16.34
CA VAL B 431 -11.18 -27.21 16.37
C VAL B 431 -10.19 -27.50 15.24
N PRO B 432 -9.16 -28.30 15.47
CA PRO B 432 -8.24 -28.64 14.38
C PRO B 432 -8.94 -29.35 13.24
N CYS B 433 -8.45 -29.11 12.03
CA CYS B 433 -8.98 -29.78 10.86
C CYS B 433 -8.86 -31.28 11.04
N PRO B 434 -9.95 -32.04 10.89
CA PRO B 434 -9.88 -33.49 11.18
C PRO B 434 -8.86 -34.24 10.34
N VAL B 435 -8.71 -33.88 9.08
CA VAL B 435 -7.76 -34.57 8.22
C VAL B 435 -6.38 -33.93 8.26
N CYS B 436 -6.32 -32.61 8.34
CA CYS B 436 -5.02 -31.94 8.44
C CYS B 436 -4.33 -32.22 9.76
N ALA B 437 -5.10 -32.47 10.82
CA ALA B 437 -4.56 -32.67 12.16
C ALA B 437 -3.67 -31.50 12.57
N GLY B 438 -4.11 -30.29 12.23
CA GLY B 438 -3.37 -29.08 12.51
C GLY B 438 -2.44 -28.63 11.41
N THR B 439 -1.60 -29.53 10.91
CA THR B 439 -0.67 -29.21 9.82
C THR B 439 -1.48 -28.88 8.59
N ARG B 440 -1.37 -27.66 8.09
CA ARG B 440 -2.29 -27.16 7.09
C ARG B 440 -1.87 -27.50 5.67
N LEU B 441 -1.59 -28.77 5.40
CA LEU B 441 -1.16 -29.21 4.08
C LEU B 441 -1.92 -30.46 3.68
N LYS B 442 -1.93 -30.73 2.37
CA LYS B 442 -2.55 -31.94 1.88
C LYS B 442 -1.74 -33.16 2.29
N PRO B 443 -2.41 -34.26 2.65
CA PRO B 443 -1.68 -35.43 3.20
C PRO B 443 -0.66 -36.01 2.25
N GLU B 444 -0.93 -36.03 0.95
CA GLU B 444 0.01 -36.63 0.00
C GLU B 444 1.32 -35.85 -0.02
N ILE B 445 1.24 -34.52 -0.03
CA ILE B 445 2.44 -33.68 -0.01
C ILE B 445 3.05 -33.60 1.37
N LEU B 446 2.30 -33.93 2.42
CA LEU B 446 2.71 -33.67 3.78
C LEU B 446 3.87 -34.55 4.20
N ALA B 447 3.62 -35.86 4.30
CA ALA B 447 4.66 -36.79 4.74
C ALA B 447 4.69 -38.09 3.97
N VAL B 448 3.67 -38.41 3.18
CA VAL B 448 3.61 -39.70 2.50
C VAL B 448 4.79 -39.87 1.57
N THR B 449 5.20 -38.80 0.90
CA THR B 449 6.29 -38.86 -0.07
C THR B 449 7.32 -37.77 0.16
N LEU B 450 7.41 -37.22 1.37
CA LEU B 450 8.35 -36.13 1.63
C LEU B 450 9.23 -36.40 2.85
N ALA B 451 9.36 -37.65 3.27
CA ALA B 451 10.05 -37.99 4.51
C ALA B 451 11.49 -38.40 4.26
N GLY B 452 12.17 -37.75 3.31
CA GLY B 452 13.50 -38.18 2.93
C GLY B 452 14.64 -37.36 3.49
N GLU B 453 14.53 -36.92 4.73
CA GLU B 453 15.59 -36.16 5.37
C GLU B 453 16.50 -37.11 6.15
N SER B 454 17.37 -36.55 6.99
CA SER B 454 18.15 -37.33 7.93
C SER B 454 18.07 -36.67 9.29
N LYS B 455 18.88 -37.11 10.26
CA LYS B 455 18.86 -36.46 11.56
C LYS B 455 20.16 -36.77 12.28
N GLY B 456 20.64 -35.78 13.02
CA GLY B 456 21.81 -36.00 13.86
C GLY B 456 21.59 -37.10 14.88
N GLU B 457 20.36 -37.19 15.40
CA GLU B 457 20.03 -38.28 16.32
C GLU B 457 19.72 -39.57 15.56
N HIS B 458 18.63 -39.55 14.78
CA HIS B 458 18.21 -40.71 14.00
C HIS B 458 16.98 -40.38 13.14
N GLY B 459 16.80 -41.11 12.05
CA GLY B 459 15.56 -41.02 11.30
C GLY B 459 15.45 -39.78 10.44
N ALA B 460 14.26 -39.60 9.88
CA ALA B 460 13.96 -38.51 8.97
C ALA B 460 12.67 -37.82 9.38
N LYS B 461 12.50 -36.60 8.90
CA LYS B 461 11.34 -35.79 9.27
C LYS B 461 10.84 -35.03 8.06
N SER B 462 9.54 -34.71 8.09
CA SER B 462 8.86 -34.01 7.01
C SER B 462 8.79 -32.53 7.33
N ILE B 463 8.16 -31.78 6.43
CA ILE B 463 8.10 -30.32 6.58
C ILE B 463 7.27 -29.94 7.80
N ALA B 464 6.19 -30.68 8.07
CA ALA B 464 5.37 -30.37 9.23
C ALA B 464 6.16 -30.53 10.52
N GLU B 465 6.92 -31.63 10.62
CA GLU B 465 7.73 -31.83 11.81
C GLU B 465 8.78 -30.74 11.95
N VAL B 466 9.39 -30.34 10.84
CA VAL B 466 10.42 -29.31 10.89
C VAL B 466 9.82 -28.00 11.36
N CYS B 467 8.67 -27.61 10.79
CA CYS B 467 8.02 -26.38 11.21
C CYS B 467 7.53 -26.46 12.64
N GLU B 468 7.25 -27.67 13.13
CA GLU B 468 6.82 -27.85 14.51
C GLU B 468 7.97 -27.72 15.50
N LEU B 469 9.20 -28.01 15.09
CA LEU B 469 10.35 -27.96 15.97
C LEU B 469 10.59 -26.54 16.47
N SER B 470 11.33 -26.45 17.56
CA SER B 470 11.85 -25.16 17.99
C SER B 470 12.88 -24.66 16.98
N ILE B 471 13.20 -23.37 17.07
CA ILE B 471 14.14 -22.79 16.12
C ILE B 471 15.52 -23.44 16.27
N ALA B 472 15.98 -23.60 17.51
CA ALA B 472 17.29 -24.21 17.74
C ALA B 472 17.31 -25.66 17.26
N ASP B 473 16.26 -26.41 17.58
CA ASP B 473 16.21 -27.81 17.16
C ASP B 473 16.20 -27.92 15.65
N CYS B 474 15.40 -27.09 14.98
CA CYS B 474 15.34 -27.13 13.52
C CYS B 474 16.69 -26.77 12.92
N ALA B 475 17.35 -25.74 13.47
CA ALA B 475 18.63 -25.30 12.93
C ALA B 475 19.68 -26.38 13.08
N ASP B 476 19.86 -26.89 14.30
CA ASP B 476 20.91 -27.88 14.49
C ASP B 476 20.56 -29.23 13.88
N PHE B 477 19.30 -29.46 13.53
CA PHE B 477 18.97 -30.61 12.70
C PHE B 477 19.35 -30.36 11.25
N LEU B 478 19.11 -29.16 10.75
CA LEU B 478 19.52 -28.79 9.40
C LEU B 478 21.03 -28.80 9.24
N ASN B 479 21.77 -28.63 10.34
CA ASN B 479 23.21 -28.80 10.27
C ASN B 479 23.62 -30.24 10.01
N ALA B 480 22.69 -31.18 10.09
CA ALA B 480 23.00 -32.61 10.02
C ALA B 480 22.17 -33.29 8.94
N LEU B 481 22.14 -32.72 7.74
CA LEU B 481 21.40 -33.32 6.64
C LEU B 481 22.32 -34.12 5.74
N THR B 482 21.88 -35.33 5.39
CA THR B 482 22.61 -36.22 4.47
C THR B 482 21.66 -36.63 3.36
N LEU B 483 22.01 -36.29 2.12
CA LEU B 483 21.14 -36.50 0.98
C LEU B 483 21.80 -37.22 -0.18
N GLY B 484 23.11 -37.10 -0.35
CA GLY B 484 23.78 -37.57 -1.53
C GLY B 484 24.42 -36.43 -2.29
N PRO B 485 25.56 -36.68 -2.93
CA PRO B 485 26.34 -35.57 -3.51
C PRO B 485 25.57 -34.76 -4.54
N ARG B 486 24.75 -35.40 -5.36
CA ARG B 486 23.99 -34.67 -6.37
C ARG B 486 23.03 -33.69 -5.72
N GLU B 487 22.31 -34.13 -4.69
CA GLU B 487 21.38 -33.25 -4.00
C GLU B 487 22.11 -32.14 -3.25
N GLN B 488 23.26 -32.45 -2.65
CA GLN B 488 24.03 -31.41 -2.00
C GLN B 488 24.49 -30.35 -2.98
N ALA B 489 24.88 -30.76 -4.19
CA ALA B 489 25.40 -29.81 -5.16
C ALA B 489 24.37 -28.73 -5.51
N ILE B 490 23.09 -29.01 -5.30
CA ILE B 490 22.06 -28.05 -5.67
C ILE B 490 21.47 -27.41 -4.41
N ALA B 491 21.54 -28.10 -3.28
CA ALA B 491 20.95 -27.62 -2.05
C ALA B 491 21.94 -26.91 -1.13
N GLY B 492 23.20 -26.79 -1.54
CA GLY B 492 24.18 -26.14 -0.67
C GLY B 492 23.81 -24.70 -0.36
N GLN B 493 23.46 -23.93 -1.39
CA GLN B 493 23.13 -22.53 -1.15
C GLN B 493 21.82 -22.39 -0.38
N VAL B 494 20.84 -23.26 -0.65
CA VAL B 494 19.59 -23.22 0.09
C VAL B 494 19.85 -23.48 1.57
N LEU B 495 20.66 -24.49 1.87
CA LEU B 495 21.00 -24.79 3.25
C LEU B 495 21.73 -23.62 3.88
N LYS B 496 22.64 -22.99 3.14
CA LYS B 496 23.38 -21.86 3.68
C LYS B 496 22.44 -20.72 4.04
N GLU B 497 21.51 -20.40 3.15
CA GLU B 497 20.57 -19.31 3.42
C GLU B 497 19.69 -19.63 4.62
N ILE B 498 19.15 -20.84 4.69
CA ILE B 498 18.28 -21.19 5.81
C ILE B 498 19.07 -21.18 7.11
N ARG B 499 20.31 -21.66 7.07
CA ARG B 499 21.15 -21.63 8.27
C ARG B 499 21.42 -20.22 8.72
N SER B 500 21.72 -19.31 7.78
CA SER B 500 21.95 -17.93 8.16
C SER B 500 20.70 -17.31 8.76
N ARG B 501 19.55 -17.58 8.16
CA ARG B 501 18.30 -17.00 8.68
C ARG B 501 18.01 -17.49 10.09
N LEU B 502 18.15 -18.81 10.31
CA LEU B 502 17.91 -19.35 11.65
C LEU B 502 18.95 -18.88 12.64
N GLY B 503 20.19 -18.66 12.19
CA GLY B 503 21.19 -18.08 13.07
C GLY B 503 20.82 -16.68 13.51
N PHE B 504 20.32 -15.87 12.57
CA PHE B 504 19.82 -14.55 12.94
C PHE B 504 18.70 -14.67 13.95
N LEU B 505 17.75 -15.58 13.69
CA LEU B 505 16.62 -15.74 14.59
C LEU B 505 17.06 -16.12 15.99
N LEU B 506 18.00 -17.07 16.09
CA LEU B 506 18.54 -17.45 17.39
C LEU B 506 19.24 -16.27 18.04
N ASP B 507 20.01 -15.51 17.28
CA ASP B 507 20.81 -14.44 17.85
C ASP B 507 19.92 -13.33 18.41
N VAL B 508 18.77 -13.08 17.79
CA VAL B 508 17.86 -12.10 18.36
C VAL B 508 17.28 -12.58 19.69
N GLY B 509 17.24 -13.88 19.91
CA GLY B 509 16.83 -14.44 21.18
C GLY B 509 15.53 -15.23 21.17
N LEU B 510 15.10 -15.73 20.03
CA LEU B 510 13.84 -16.45 19.93
C LEU B 510 14.06 -17.96 19.82
N GLU B 511 15.03 -18.48 20.58
CA GLU B 511 15.36 -19.90 20.50
C GLU B 511 14.16 -20.79 20.81
N TYR B 512 13.37 -20.43 21.81
CA TYR B 512 12.23 -21.24 22.22
C TYR B 512 11.13 -21.31 21.17
N LEU B 513 11.11 -20.40 20.21
CA LEU B 513 9.98 -20.22 19.33
C LEU B 513 9.89 -21.35 18.32
N SER B 514 8.67 -21.81 18.06
CA SER B 514 8.45 -22.80 17.01
C SER B 514 8.48 -22.14 15.65
N LEU B 515 8.55 -22.95 14.59
CA LEU B 515 8.48 -22.42 13.24
C LEU B 515 7.07 -22.44 12.67
N SER B 516 6.09 -22.94 13.42
CA SER B 516 4.72 -22.99 12.97
C SER B 516 3.78 -22.16 13.83
N ARG B 517 4.33 -21.35 14.74
CA ARG B 517 3.49 -20.53 15.60
C ARG B 517 2.73 -19.50 14.79
N ALA B 518 1.44 -19.37 15.05
CA ALA B 518 0.61 -18.41 14.36
C ALA B 518 0.99 -17.00 14.77
N ALA B 519 0.91 -16.06 13.81
CA ALA B 519 1.29 -14.69 14.09
C ALA B 519 0.37 -14.03 15.11
N ALA B 520 -0.81 -14.59 15.35
CA ALA B 520 -1.73 -14.00 16.30
C ALA B 520 -1.24 -14.20 17.73
N THR B 521 -0.81 -15.41 18.06
CA THR B 521 -0.46 -15.75 19.44
C THR B 521 0.83 -15.07 19.90
N LEU B 522 1.62 -14.51 18.98
CA LEU B 522 2.85 -13.85 19.37
C LEU B 522 2.57 -12.58 20.15
N SER B 523 3.34 -12.38 21.22
CA SER B 523 3.26 -11.13 21.94
C SER B 523 3.93 -10.02 21.13
N GLY B 524 3.86 -8.80 21.67
CA GLY B 524 4.41 -7.67 20.94
C GLY B 524 5.91 -7.75 20.79
N GLY B 525 6.62 -8.06 21.87
CA GLY B 525 8.07 -8.13 21.79
C GLY B 525 8.55 -9.25 20.88
N GLU B 526 7.89 -10.40 20.94
CA GLU B 526 8.25 -11.50 20.06
C GLU B 526 8.08 -11.11 18.60
N ALA B 527 6.97 -10.47 18.26
CA ALA B 527 6.75 -10.06 16.89
C ALA B 527 7.75 -9.00 16.45
N GLN B 528 8.09 -8.08 17.36
CA GLN B 528 9.08 -7.06 17.02
C GLN B 528 10.44 -7.68 16.72
N ARG B 529 10.86 -8.64 17.55
CA ARG B 529 12.14 -9.28 17.30
C ARG B 529 12.09 -10.16 16.05
N ILE B 530 10.94 -10.76 15.78
CA ILE B 530 10.77 -11.52 14.54
C ILE B 530 10.96 -10.61 13.34
N ARG B 531 10.37 -9.41 13.40
CA ARG B 531 10.54 -8.46 12.31
C ARG B 531 11.99 -8.05 12.16
N LEU B 532 12.69 -7.85 13.28
CA LEU B 532 14.10 -7.52 13.20
C LEU B 532 14.89 -8.63 12.51
N ALA B 533 14.64 -9.87 12.89
CA ALA B 533 15.34 -10.98 12.27
C ALA B 533 15.02 -11.10 10.79
N THR B 534 13.76 -10.89 10.43
CA THR B 534 13.39 -10.93 9.02
C THR B 534 14.10 -9.82 8.24
N GLN B 535 14.19 -8.63 8.83
CA GLN B 535 14.86 -7.53 8.15
C GLN B 535 16.33 -7.83 7.94
N ILE B 536 17.00 -8.39 8.94
CA ILE B 536 18.42 -8.72 8.74
C ILE B 536 18.56 -9.86 7.74
N GLY B 537 17.58 -10.76 7.68
CA GLY B 537 17.67 -11.86 6.73
C GLY B 537 17.41 -11.45 5.30
N SER B 538 16.60 -10.40 5.09
CA SER B 538 16.30 -9.97 3.74
C SER B 538 17.53 -9.41 3.04
N GLY B 539 18.44 -8.82 3.79
CA GLY B 539 19.63 -8.26 3.17
C GLY B 539 19.41 -6.97 2.43
N LEU B 540 18.31 -6.28 2.69
CA LEU B 540 18.08 -4.99 2.05
C LEU B 540 19.14 -3.99 2.48
N VAL B 541 19.58 -3.17 1.53
CA VAL B 541 20.67 -2.23 1.75
C VAL B 541 20.16 -0.82 1.55
N GLY B 542 20.59 0.09 2.41
CA GLY B 542 20.18 1.47 2.31
C GLY B 542 18.90 1.82 3.03
N VAL B 543 18.19 0.84 3.54
CA VAL B 543 16.96 1.06 4.29
C VAL B 543 17.29 1.81 5.57
N LEU B 544 16.44 2.74 5.94
CA LEU B 544 16.53 3.44 7.21
C LEU B 544 15.59 2.76 8.19
N TYR B 545 16.15 1.95 9.09
CA TYR B 545 15.36 1.23 10.07
C TYR B 545 15.23 2.07 11.32
N VAL B 546 14.00 2.35 11.73
CA VAL B 546 13.73 2.93 13.03
C VAL B 546 13.07 1.85 13.86
N LEU B 547 13.49 1.73 15.11
CA LEU B 547 13.09 0.64 15.98
C LEU B 547 12.60 1.21 17.29
N ASP B 548 11.41 0.81 17.71
CA ASP B 548 10.98 1.07 19.06
C ASP B 548 11.87 0.28 20.03
N GLU B 549 11.65 0.49 21.32
CA GLU B 549 12.34 -0.24 22.38
C GLU B 549 12.30 -1.73 22.04
N PRO B 550 13.43 -2.34 21.65
CA PRO B 550 13.39 -3.72 21.16
C PRO B 550 13.58 -4.76 22.24
N SER B 551 14.19 -4.37 23.35
CA SER B 551 14.56 -5.33 24.38
C SER B 551 13.39 -5.73 25.29
N ILE B 552 12.19 -5.25 25.02
CA ILE B 552 11.03 -5.67 25.80
C ILE B 552 10.79 -7.14 25.58
N GLY B 553 10.53 -7.86 26.67
CA GLY B 553 10.38 -9.29 26.57
C GLY B 553 11.67 -10.04 26.39
N LEU B 554 12.80 -9.37 26.49
CA LEU B 554 14.11 -9.98 26.33
C LEU B 554 14.87 -9.92 27.65
N HIS B 555 15.28 -11.08 28.15
CA HIS B 555 16.07 -11.12 29.37
C HIS B 555 17.42 -10.45 29.15
N GLN B 556 17.99 -9.92 30.23
CA GLN B 556 19.23 -9.16 30.11
C GLN B 556 20.37 -10.00 29.55
N ARG B 557 20.39 -11.30 29.84
CA ARG B 557 21.50 -12.15 29.40
C ARG B 557 21.58 -12.22 27.88
N ASP B 558 20.45 -12.13 27.20
CA ASP B 558 20.47 -12.12 25.74
C ASP B 558 20.69 -10.73 25.18
N ASN B 559 20.63 -9.70 26.03
CA ASN B 559 20.66 -8.33 25.54
C ASN B 559 21.95 -8.05 24.76
N ARG B 560 23.09 -8.50 25.28
CA ARG B 560 24.34 -8.33 24.54
C ARG B 560 24.24 -8.98 23.17
N ARG B 561 23.75 -10.23 23.13
CA ARG B 561 23.60 -10.90 21.85
C ARG B 561 22.65 -10.15 20.92
N LEU B 562 21.73 -9.38 21.48
CA LEU B 562 20.90 -8.52 20.64
C LEU B 562 21.74 -7.48 19.93
N ILE B 563 22.60 -6.79 20.67
CA ILE B 563 23.34 -5.66 20.11
C ILE B 563 24.20 -6.14 18.95
N GLU B 564 24.86 -7.29 19.10
CA GLU B 564 25.66 -7.82 18.01
C GLU B 564 24.81 -8.11 16.79
N THR B 565 23.58 -8.62 16.98
CA THR B 565 22.66 -8.72 15.85
C THR B 565 22.37 -7.35 15.26
N LEU B 566 22.10 -6.38 16.14
CA LEU B 566 21.73 -5.05 15.69
C LEU B 566 22.82 -4.44 14.83
N THR B 567 24.07 -4.47 15.33
CA THR B 567 25.18 -3.93 14.56
C THR B 567 25.32 -4.63 13.22
N ARG B 568 24.90 -5.88 13.12
CA ARG B 568 24.95 -6.57 11.84
C ARG B 568 24.18 -5.80 10.79
N LEU B 569 22.97 -5.33 11.13
CA LEU B 569 22.23 -4.51 10.18
C LEU B 569 22.98 -3.22 9.89
N ARG B 570 23.60 -2.64 10.91
CA ARG B 570 24.42 -1.45 10.69
C ARG B 570 25.54 -1.74 9.72
N ASP B 571 25.99 -2.98 9.65
CA ASP B 571 27.06 -3.38 8.74
C ASP B 571 26.53 -3.96 7.44
N LEU B 572 25.22 -3.97 7.25
CA LEU B 572 24.67 -4.30 5.94
C LEU B 572 24.57 -3.08 5.05
N GLY B 573 25.02 -1.92 5.52
CA GLY B 573 24.89 -0.69 4.77
C GLY B 573 23.67 0.13 5.10
N ASN B 574 22.96 -0.18 6.18
CA ASN B 574 21.75 0.52 6.57
C ASN B 574 22.07 1.54 7.66
N THR B 575 21.04 2.25 8.07
CA THR B 575 21.12 3.21 9.17
C THR B 575 20.08 2.83 10.21
N LEU B 576 20.47 2.91 11.49
CA LEU B 576 19.61 2.47 12.59
C LEU B 576 19.30 3.64 13.50
N ILE B 577 18.04 3.79 13.86
CA ILE B 577 17.59 4.73 14.86
C ILE B 577 16.78 3.95 15.88
N VAL B 578 17.25 3.89 17.12
CA VAL B 578 16.60 3.11 18.15
C VAL B 578 16.29 4.01 19.33
N VAL B 579 15.01 4.09 19.70
CA VAL B 579 14.60 4.76 20.92
C VAL B 579 14.79 3.78 22.07
N GLU B 580 15.63 4.15 23.03
CA GLU B 580 16.12 3.17 24.00
C GLU B 580 16.46 3.84 25.32
N HIS B 581 16.48 3.02 26.36
CA HIS B 581 16.98 3.44 27.66
C HIS B 581 17.82 2.37 28.34
N ASP B 582 18.00 1.21 27.74
CA ASP B 582 18.82 0.18 28.35
C ASP B 582 20.27 0.62 28.36
N GLU B 583 20.92 0.45 29.51
CA GLU B 583 22.29 0.93 29.67
C GLU B 583 23.26 0.26 28.72
N ASP B 584 23.12 -1.04 28.49
CA ASP B 584 24.04 -1.76 27.62
C ASP B 584 23.86 -1.42 26.16
N THR B 585 22.64 -1.11 25.72
CA THR B 585 22.44 -0.68 24.34
C THR B 585 23.18 0.63 24.08
N ILE B 586 23.05 1.59 25.00
CA ILE B 586 23.97 2.71 24.97
C ILE B 586 25.35 2.23 25.40
N GLU B 587 26.34 3.11 25.20
CA GLU B 587 27.78 2.83 25.28
C GLU B 587 28.22 2.03 24.06
N HIS B 588 27.29 1.57 23.23
CA HIS B 588 27.62 0.95 21.96
C HIS B 588 27.16 1.77 20.77
N ALA B 589 26.24 2.70 20.97
CA ALA B 589 25.73 3.50 19.86
C ALA B 589 26.80 4.46 19.37
N ASP B 590 26.90 4.60 18.05
CA ASP B 590 27.79 5.59 17.47
C ASP B 590 27.37 6.99 17.86
N TRP B 591 26.07 7.25 17.84
CA TRP B 591 25.54 8.58 18.11
C TRP B 591 24.38 8.47 19.09
N ILE B 592 24.29 9.41 20.01
CA ILE B 592 23.22 9.46 20.98
C ILE B 592 22.65 10.87 21.01
N VAL B 593 21.33 10.98 20.90
CA VAL B 593 20.63 12.26 20.97
C VAL B 593 19.61 12.19 22.09
N ASP B 594 19.65 13.17 22.98
CA ASP B 594 18.73 13.26 24.10
C ASP B 594 17.81 14.45 23.90
N ILE B 595 16.51 14.21 24.02
CA ILE B 595 15.52 15.24 23.79
C ILE B 595 14.52 15.23 24.94
N GLY B 596 13.88 16.38 25.15
CA GLY B 596 12.82 16.47 26.11
C GLY B 596 13.28 16.37 27.55
N PRO B 597 13.97 17.39 28.05
CA PRO B 597 14.25 17.42 29.50
C PRO B 597 13.00 17.27 30.33
N GLY B 598 11.86 17.74 29.83
CA GLY B 598 10.58 17.45 30.44
C GLY B 598 9.66 16.79 29.43
N ALA B 599 8.57 16.23 29.95
CA ALA B 599 7.62 15.56 29.07
C ALA B 599 6.54 16.50 28.56
N GLY B 600 6.45 17.71 29.10
CA GLY B 600 5.37 18.61 28.77
C GLY B 600 5.73 19.58 27.67
N GLU B 601 4.89 20.61 27.54
CA GLU B 601 5.18 21.68 26.61
C GLU B 601 6.48 22.39 26.94
N HIS B 602 6.87 22.38 28.21
CA HIS B 602 8.14 22.96 28.63
C HIS B 602 9.30 22.00 28.45
N GLY B 603 9.05 20.80 27.95
CA GLY B 603 10.10 19.82 27.82
C GLY B 603 10.65 19.61 26.42
N GLY B 604 9.77 19.55 25.42
CA GLY B 604 10.19 19.18 24.08
C GLY B 604 11.26 20.07 23.49
N ARG B 605 12.48 19.55 23.41
CA ARG B 605 13.63 20.28 22.91
C ARG B 605 14.73 19.27 22.65
N ILE B 606 15.91 19.78 22.29
CA ILE B 606 17.11 18.96 22.18
C ILE B 606 18.07 19.40 23.27
N VAL B 607 18.57 18.44 24.06
CA VAL B 607 19.47 18.75 25.14
C VAL B 607 20.89 18.23 24.90
N HIS B 608 21.07 17.21 24.06
CA HIS B 608 22.39 16.69 23.79
C HIS B 608 22.39 15.92 22.48
N SER B 609 23.51 16.01 21.77
CA SER B 609 23.70 15.27 20.52
C SER B 609 25.20 14.95 20.41
N GLY B 610 25.59 13.77 20.88
CA GLY B 610 26.98 13.40 20.92
C GLY B 610 27.20 11.92 21.12
N PRO B 611 28.46 11.50 21.13
CA PRO B 611 28.80 10.07 21.19
C PRO B 611 28.98 9.54 22.60
N TYR B 612 27.97 9.75 23.45
CA TYR B 612 27.89 9.17 24.79
C TYR B 612 28.89 9.79 25.75
N ASP B 613 29.81 10.60 25.24
CA ASP B 613 30.83 11.17 26.11
C ASP B 613 30.36 12.49 26.70
N GLU B 614 29.86 13.39 25.85
CA GLU B 614 29.26 14.62 26.34
C GLU B 614 28.01 14.33 27.15
N LEU B 615 27.33 13.21 26.88
CA LEU B 615 26.09 12.90 27.57
C LEU B 615 26.33 12.71 29.06
N LEU B 616 27.31 11.89 29.42
CA LEU B 616 27.63 11.71 30.84
C LEU B 616 28.15 13.02 31.44
N ARG B 617 28.65 13.92 30.60
CA ARG B 617 29.14 15.21 31.06
C ARG B 617 28.08 16.30 31.04
N ASN B 618 26.87 15.99 30.58
CA ASN B 618 25.83 17.01 30.48
C ASN B 618 25.09 17.13 31.81
N LYS B 619 25.14 18.33 32.39
CA LYS B 619 24.59 18.52 33.72
C LYS B 619 23.06 18.55 33.72
N ASP B 620 22.45 19.12 32.70
CA ASP B 620 21.01 19.29 32.65
C ASP B 620 20.29 18.12 32.00
N SER B 621 21.01 17.09 31.58
CA SER B 621 20.40 15.92 30.96
C SER B 621 20.09 14.89 32.03
N ILE B 622 18.80 14.56 32.18
CA ILE B 622 18.40 13.57 33.16
C ILE B 622 18.96 12.19 32.79
N THR B 623 18.95 11.87 31.49
CA THR B 623 19.48 10.59 31.04
C THR B 623 20.97 10.46 31.38
N GLY B 624 21.73 11.53 31.14
CA GLY B 624 23.13 11.51 31.50
C GLY B 624 23.34 11.41 32.99
N ALA B 625 22.48 12.07 33.76
CA ALA B 625 22.58 11.98 35.21
C ALA B 625 22.37 10.55 35.69
N TYR B 626 21.39 9.85 35.10
CA TYR B 626 21.16 8.46 35.47
C TYR B 626 22.31 7.57 35.02
N LEU B 627 22.79 7.76 33.80
CA LEU B 627 23.85 6.90 33.27
C LEU B 627 25.14 7.07 34.06
N SER B 628 25.48 8.31 34.40
CA SER B 628 26.71 8.60 35.13
C SER B 628 26.68 8.09 36.56
N GLY B 629 25.52 7.65 37.05
CA GLY B 629 25.40 7.27 38.44
C GLY B 629 25.24 8.43 39.39
N ARG B 630 25.02 9.64 38.88
CA ARG B 630 24.80 10.79 39.76
C ARG B 630 23.61 10.54 40.67
N GLU B 631 22.56 9.91 40.15
CA GLU B 631 21.44 9.47 40.95
C GLU B 631 20.83 8.25 40.28
N SER B 632 20.30 7.34 41.08
CA SER B 632 19.77 6.09 40.56
C SER B 632 18.75 5.55 41.55
N ILE B 633 18.05 4.50 41.13
CA ILE B 633 17.09 3.82 41.99
C ILE B 633 17.86 3.17 43.13
N GLU B 634 17.54 3.56 44.35
CA GLU B 634 18.25 3.04 45.52
C GLU B 634 17.59 1.76 46.00
N ILE B 635 18.42 0.80 46.38
CA ILE B 635 17.91 -0.47 46.91
C ILE B 635 17.15 -0.20 48.20
N PRO B 636 15.95 -0.75 48.37
CA PRO B 636 15.22 -0.50 49.62
C PRO B 636 16.00 -1.00 50.82
N ALA B 637 15.97 -0.23 51.90
CA ALA B 637 16.72 -0.60 53.09
C ALA B 637 16.18 -1.88 53.71
N ILE B 638 14.85 -2.02 53.79
CA ILE B 638 14.21 -3.18 54.40
C ILE B 638 13.13 -3.69 53.46
N ARG B 639 13.15 -4.98 53.18
CA ARG B 639 12.10 -5.62 52.40
C ARG B 639 10.93 -5.95 53.31
N ARG B 640 9.73 -5.72 52.81
CA ARG B 640 8.54 -6.06 53.59
C ARG B 640 8.49 -7.56 53.84
N SER B 641 8.21 -7.93 55.08
CA SER B 641 8.30 -9.32 55.48
C SER B 641 7.25 -10.16 54.79
N VAL B 642 7.66 -11.33 54.30
CA VAL B 642 6.72 -12.30 53.75
C VAL B 642 6.04 -13.05 54.88
N ASP B 643 4.73 -13.20 54.78
CA ASP B 643 3.98 -13.96 55.77
C ASP B 643 3.72 -15.35 55.23
N PRO B 644 4.34 -16.39 55.77
CA PRO B 644 4.10 -17.74 55.24
C PRO B 644 2.65 -18.19 55.37
N ARG B 645 1.92 -17.65 56.34
CA ARG B 645 0.54 -18.09 56.55
C ARG B 645 -0.34 -17.74 55.36
N ARG B 646 -0.19 -16.54 54.82
CA ARG B 646 -1.09 -16.03 53.78
C ARG B 646 -0.30 -15.86 52.48
N GLN B 647 -0.28 -16.91 51.67
CA GLN B 647 0.30 -16.86 50.34
C GLN B 647 -0.65 -17.50 49.35
N LEU B 648 -0.67 -16.99 48.13
CA LEU B 648 -1.48 -17.53 47.06
C LEU B 648 -0.65 -18.57 46.33
N THR B 649 -1.05 -19.83 46.42
CA THR B 649 -0.26 -20.92 45.87
C THR B 649 -1.00 -21.60 44.73
N VAL B 650 -0.33 -21.75 43.61
CA VAL B 650 -0.87 -22.43 42.44
C VAL B 650 -0.17 -23.77 42.33
N VAL B 651 -0.92 -24.86 42.41
CA VAL B 651 -0.38 -26.21 42.34
C VAL B 651 -0.87 -26.85 41.06
N GLY B 652 -0.01 -27.64 40.43
CA GLY B 652 -0.37 -28.35 39.21
C GLY B 652 -0.28 -27.54 37.94
N ALA B 653 0.37 -26.38 37.96
CA ALA B 653 0.47 -25.54 36.78
C ALA B 653 1.38 -26.22 35.77
N ARG B 654 0.78 -26.87 34.77
CA ARG B 654 1.52 -27.67 33.81
C ARG B 654 1.27 -27.23 32.38
N GLU B 655 0.69 -26.06 32.18
CA GLU B 655 0.45 -25.57 30.83
C GLU B 655 1.76 -25.33 30.11
N HIS B 656 1.78 -25.64 28.81
CA HIS B 656 2.95 -25.42 27.97
C HIS B 656 4.20 -26.06 28.54
N ASN B 657 5.28 -25.29 28.61
CA ASN B 657 6.56 -25.81 29.08
C ASN B 657 6.61 -25.99 30.59
N LEU B 658 5.63 -25.47 31.33
CA LEU B 658 5.58 -25.73 32.76
C LEU B 658 5.28 -27.21 33.01
N ARG B 659 5.75 -27.70 34.15
CA ARG B 659 5.69 -29.13 34.42
C ARG B 659 4.97 -29.44 35.73
N GLY B 660 3.80 -28.84 35.93
CA GLY B 660 3.05 -29.11 37.14
C GLY B 660 3.63 -28.46 38.37
N ILE B 661 4.48 -27.46 38.21
CA ILE B 661 5.10 -26.81 39.36
C ILE B 661 4.03 -26.10 40.19
N ASP B 662 4.39 -25.82 41.44
CA ASP B 662 3.54 -25.04 42.33
C ASP B 662 4.30 -23.80 42.76
N VAL B 663 3.67 -22.64 42.63
CA VAL B 663 4.30 -21.35 42.89
C VAL B 663 3.57 -20.68 44.04
N SER B 664 4.33 -20.10 44.96
CA SER B 664 3.77 -19.42 46.12
C SER B 664 4.05 -17.92 45.98
N PHE B 665 2.99 -17.13 45.85
CA PHE B 665 3.11 -15.69 45.78
C PHE B 665 2.78 -15.10 47.13
N PRO B 666 3.71 -14.40 47.77
CA PRO B 666 3.39 -13.74 49.04
C PRO B 666 2.36 -12.65 48.85
N LEU B 667 1.49 -12.50 49.85
CA LEU B 667 0.40 -11.54 49.81
C LEU B 667 0.79 -10.30 50.59
N GLY B 668 0.46 -9.13 50.06
CA GLY B 668 0.76 -7.88 50.72
C GLY B 668 2.14 -7.33 50.43
N VAL B 669 2.93 -8.00 49.60
CA VAL B 669 4.25 -7.50 49.21
C VAL B 669 4.36 -7.57 47.70
N LEU B 670 5.26 -6.75 47.16
CA LEU B 670 5.48 -6.68 45.73
C LEU B 670 6.36 -7.83 45.28
N THR B 671 5.87 -8.65 44.38
CA THR B 671 6.62 -9.77 43.83
C THR B 671 6.79 -9.59 42.34
N SER B 672 7.93 -10.04 41.81
CA SER B 672 8.23 -9.94 40.39
C SER B 672 8.62 -11.30 39.85
N VAL B 673 7.98 -11.71 38.77
CA VAL B 673 8.31 -12.96 38.10
C VAL B 673 9.36 -12.64 37.03
N THR B 674 10.45 -13.39 37.05
CA THR B 674 11.58 -13.16 36.15
C THR B 674 11.91 -14.45 35.40
N GLY B 675 12.92 -14.35 34.54
CA GLY B 675 13.38 -15.52 33.80
C GLY B 675 13.82 -15.21 32.39
N VAL B 676 14.38 -16.21 31.71
CA VAL B 676 14.74 -16.04 30.31
C VAL B 676 13.46 -15.93 29.48
N SER B 677 13.57 -15.26 28.34
CA SER B 677 12.42 -15.12 27.46
C SER B 677 11.87 -16.49 27.09
N GLY B 678 10.55 -16.63 27.17
CA GLY B 678 9.95 -17.91 26.88
C GLY B 678 10.03 -18.92 28.00
N SER B 679 10.35 -18.48 29.23
CA SER B 679 10.43 -19.42 30.35
C SER B 679 9.06 -19.91 30.79
N GLY B 680 8.00 -19.33 30.28
CA GLY B 680 6.66 -19.65 30.71
C GLY B 680 6.06 -18.70 31.74
N LYS B 681 6.68 -17.55 31.98
CA LYS B 681 6.18 -16.63 32.99
C LYS B 681 4.80 -16.11 32.63
N SER B 682 4.59 -15.73 31.36
CA SER B 682 3.30 -15.18 30.97
C SER B 682 2.19 -16.23 31.05
N THR B 683 2.49 -17.47 30.66
CA THR B 683 1.49 -18.52 30.81
C THR B 683 1.21 -18.81 32.28
N LEU B 684 2.22 -18.66 33.13
CA LEU B 684 1.99 -18.89 34.56
C LEU B 684 1.11 -17.80 35.15
N VAL B 685 1.42 -16.54 34.86
CA VAL B 685 0.75 -15.42 35.51
C VAL B 685 -0.48 -15.00 34.72
N ASN B 686 -0.28 -14.55 33.48
CA ASN B 686 -1.37 -13.97 32.71
C ASN B 686 -2.38 -15.02 32.25
N ASP B 687 -1.97 -16.29 32.18
CA ASP B 687 -2.87 -17.30 31.64
C ASP B 687 -3.47 -18.16 32.76
N ILE B 688 -2.63 -18.71 33.64
CA ILE B 688 -3.13 -19.60 34.67
C ILE B 688 -3.68 -18.81 35.85
N LEU B 689 -2.83 -18.00 36.48
CA LEU B 689 -3.24 -17.29 37.68
C LEU B 689 -4.29 -16.23 37.37
N ALA B 690 -4.07 -15.46 36.30
CA ALA B 690 -4.93 -14.32 36.01
C ALA B 690 -6.36 -14.76 35.73
N ALA B 691 -6.52 -15.80 34.91
CA ALA B 691 -7.86 -16.26 34.55
C ALA B 691 -8.58 -16.81 35.76
N VAL B 692 -7.89 -17.61 36.57
CA VAL B 692 -8.51 -18.16 37.77
C VAL B 692 -8.95 -17.04 38.70
N LEU B 693 -8.06 -16.07 38.93
CA LEU B 693 -8.38 -14.97 39.82
C LEU B 693 -9.55 -14.16 39.30
N ALA B 694 -9.58 -13.91 37.99
CA ALA B 694 -10.66 -13.11 37.42
C ALA B 694 -12.00 -13.83 37.50
N ASN B 695 -12.02 -15.13 37.19
CA ASN B 695 -13.29 -15.84 37.21
C ASN B 695 -13.71 -16.19 38.62
N ARG B 696 -12.82 -16.06 39.60
CA ARG B 696 -13.21 -16.35 40.98
C ARG B 696 -13.48 -15.11 41.80
N LEU B 697 -13.03 -13.94 41.35
CA LEU B 697 -13.20 -12.71 42.10
C LEU B 697 -14.04 -11.68 41.36
N ASN B 698 -13.94 -11.64 40.03
CA ASN B 698 -14.67 -10.66 39.25
C ASN B 698 -15.90 -11.25 38.57
N GLY B 699 -15.95 -12.57 38.44
CA GLY B 699 -17.07 -13.23 37.81
C GLY B 699 -16.94 -13.50 36.33
N ALA B 700 -15.76 -13.31 35.74
CA ALA B 700 -15.56 -13.57 34.32
C ALA B 700 -15.65 -15.07 34.05
N ARG B 701 -15.56 -15.42 32.77
CA ARG B 701 -15.67 -16.82 32.34
C ARG B 701 -14.45 -17.24 31.52
N GLN B 702 -13.31 -16.61 31.74
CA GLN B 702 -12.12 -16.94 30.98
C GLN B 702 -11.63 -18.35 31.30
N VAL B 703 -11.04 -18.99 30.30
CA VAL B 703 -10.50 -20.34 30.49
C VAL B 703 -9.30 -20.26 31.44
N PRO B 704 -9.27 -21.06 32.49
CA PRO B 704 -8.25 -20.87 33.54
C PRO B 704 -6.91 -21.49 33.21
N GLY B 705 -6.68 -21.84 31.95
CA GLY B 705 -5.46 -22.53 31.61
C GLY B 705 -5.47 -23.97 32.12
N ARG B 706 -4.28 -24.52 32.29
CA ARG B 706 -4.11 -25.91 32.72
C ARG B 706 -3.38 -25.95 34.04
N HIS B 707 -4.09 -26.34 35.10
CA HIS B 707 -3.50 -26.50 36.42
C HIS B 707 -4.42 -27.40 37.23
N THR B 708 -3.98 -27.75 38.44
CA THR B 708 -4.80 -28.60 39.30
C THR B 708 -5.57 -27.80 40.34
N ARG B 709 -4.94 -26.84 41.01
CA ARG B 709 -5.67 -26.13 42.04
C ARG B 709 -4.99 -24.80 42.34
N VAL B 710 -5.78 -23.86 42.86
CA VAL B 710 -5.28 -22.60 43.40
C VAL B 710 -5.82 -22.45 44.81
N THR B 711 -4.93 -22.20 45.77
CA THR B 711 -5.32 -22.07 47.16
C THR B 711 -4.78 -20.76 47.73
N GLY B 712 -5.35 -20.36 48.86
CA GLY B 712 -5.07 -19.06 49.43
C GLY B 712 -5.88 -17.94 48.84
N LEU B 713 -6.90 -18.28 48.05
CA LEU B 713 -7.66 -17.28 47.30
C LEU B 713 -8.57 -16.44 48.19
N ASP B 714 -9.09 -17.02 49.28
CA ASP B 714 -10.10 -16.35 50.08
C ASP B 714 -9.62 -15.07 50.74
N TYR B 715 -8.32 -14.84 50.80
CA TYR B 715 -7.80 -13.63 51.41
C TYR B 715 -8.04 -12.39 50.55
N LEU B 716 -8.56 -12.55 49.34
CA LEU B 716 -8.75 -11.45 48.42
C LEU B 716 -10.24 -11.17 48.24
N ASP B 717 -10.54 -10.09 47.55
CA ASP B 717 -11.90 -9.75 47.18
C ASP B 717 -12.08 -9.42 45.70
N LYS B 718 -11.03 -9.02 44.99
CA LYS B 718 -11.16 -8.67 43.59
C LYS B 718 -9.78 -8.74 42.94
N LEU B 719 -9.79 -8.76 41.61
CA LEU B 719 -8.56 -8.72 40.83
C LEU B 719 -8.65 -7.54 39.86
N VAL B 720 -7.59 -6.74 39.82
CA VAL B 720 -7.52 -5.58 38.94
C VAL B 720 -6.31 -5.78 38.04
N ARG B 721 -6.54 -5.91 36.74
CA ARG B 721 -5.47 -6.05 35.76
C ARG B 721 -5.32 -4.74 35.02
N VAL B 722 -4.10 -4.25 34.92
CA VAL B 722 -3.81 -2.97 34.27
C VAL B 722 -2.99 -3.24 33.03
N ASP B 723 -3.47 -2.78 31.88
CA ASP B 723 -2.81 -3.00 30.61
C ASP B 723 -2.82 -1.69 29.83
N GLN B 724 -2.36 -1.75 28.58
CA GLN B 724 -2.24 -0.56 27.75
C GLN B 724 -3.53 -0.22 27.01
N SER B 725 -4.60 -0.97 27.22
CA SER B 725 -5.84 -0.73 26.50
C SER B 725 -6.36 0.68 26.83
N PRO B 726 -6.82 1.44 25.83
CA PRO B 726 -7.24 2.81 26.10
C PRO B 726 -8.46 2.88 26.98
N ILE B 727 -8.60 4.01 27.67
CA ILE B 727 -9.73 4.23 28.58
C ILE B 727 -10.84 4.83 27.74
N GLY B 728 -11.59 3.94 27.07
CA GLY B 728 -12.68 4.38 26.22
C GLY B 728 -12.21 4.85 24.86
N ARG B 729 -12.93 4.48 23.82
CA ARG B 729 -12.55 4.80 22.44
C ARG B 729 -13.27 6.03 21.91
N THR B 730 -14.07 6.69 22.72
CA THR B 730 -14.85 7.80 22.20
C THR B 730 -14.26 9.13 22.63
N PRO B 731 -14.36 10.16 21.78
CA PRO B 731 -13.85 11.48 22.17
C PRO B 731 -14.55 12.07 23.37
N ARG B 732 -15.76 11.61 23.70
CA ARG B 732 -16.43 12.10 24.89
C ARG B 732 -15.68 11.69 26.16
N SER B 733 -14.87 10.63 26.08
CA SER B 733 -14.09 10.22 27.23
C SER B 733 -12.94 11.20 27.46
N ASN B 734 -12.43 11.22 28.69
CA ASN B 734 -11.44 12.20 29.09
C ASN B 734 -10.72 11.65 30.31
N PRO B 735 -9.49 12.08 30.58
CA PRO B 735 -8.87 11.73 31.86
C PRO B 735 -9.70 12.19 33.05
N ALA B 736 -10.22 13.42 32.98
CA ALA B 736 -11.02 13.94 34.07
C ALA B 736 -12.31 13.15 34.24
N THR B 737 -12.98 12.84 33.15
CA THR B 737 -14.22 12.06 33.24
C THR B 737 -13.94 10.64 33.71
N TYR B 738 -12.88 10.00 33.20
CA TYR B 738 -12.58 8.63 33.60
C TYR B 738 -12.25 8.56 35.08
N THR B 739 -11.35 9.42 35.56
CA THR B 739 -10.98 9.38 36.95
C THR B 739 -12.08 9.89 37.88
N GLY B 740 -13.13 10.48 37.34
CA GLY B 740 -14.22 10.96 38.14
C GLY B 740 -14.03 12.34 38.74
N VAL B 741 -12.88 12.98 38.51
CA VAL B 741 -12.68 14.32 39.05
C VAL B 741 -13.59 15.32 38.36
N PHE B 742 -13.98 15.05 37.12
CA PHE B 742 -14.76 16.04 36.39
C PHE B 742 -16.15 16.23 36.97
N ASP B 743 -16.72 15.18 37.58
CA ASP B 743 -18.01 15.35 38.23
C ASP B 743 -17.91 16.35 39.38
N LYS B 744 -16.87 16.23 40.19
CA LYS B 744 -16.67 17.19 41.26
C LYS B 744 -16.39 18.59 40.71
N ILE B 745 -15.64 18.67 39.61
CA ILE B 745 -15.40 19.97 38.99
C ILE B 745 -16.71 20.61 38.55
N ARG B 746 -17.58 19.83 37.92
CA ARG B 746 -18.85 20.36 37.45
C ARG B 746 -19.74 20.78 38.61
N THR B 747 -19.80 19.97 39.67
CA THR B 747 -20.59 20.36 40.83
C THR B 747 -20.06 21.63 41.46
N LEU B 748 -18.73 21.79 41.47
CA LEU B 748 -18.14 23.02 41.97
C LEU B 748 -18.55 24.20 41.11
N PHE B 749 -18.52 24.03 39.79
CA PHE B 749 -18.91 25.11 38.90
C PHE B 749 -20.36 25.50 39.11
N ALA B 750 -21.25 24.51 39.24
CA ALA B 750 -22.65 24.82 39.51
C ALA B 750 -22.82 25.49 40.86
N ALA B 751 -21.93 25.20 41.81
CA ALA B 751 -22.01 25.82 43.13
C ALA B 751 -21.65 27.29 43.11
N THR B 752 -21.09 27.79 42.02
CA THR B 752 -20.74 29.21 41.96
C THR B 752 -21.99 30.07 41.98
N THR B 753 -21.83 31.29 42.48
CA THR B 753 -22.99 32.18 42.67
C THR B 753 -23.67 32.48 41.34
N GLU B 754 -22.90 32.72 40.29
CA GLU B 754 -23.49 33.03 38.99
C GLU B 754 -24.31 31.85 38.46
N ALA B 755 -23.77 30.64 38.57
CA ALA B 755 -24.53 29.47 38.14
C ALA B 755 -25.77 29.27 39.00
N LYS B 756 -25.68 29.58 40.30
CA LYS B 756 -26.83 29.43 41.18
C LYS B 756 -27.94 30.41 40.80
N VAL B 757 -27.59 31.69 40.63
CA VAL B 757 -28.60 32.68 40.28
C VAL B 757 -29.13 32.43 38.88
N ARG B 758 -28.33 31.81 38.01
CA ARG B 758 -28.82 31.43 36.70
C ARG B 758 -29.58 30.11 36.70
N GLY B 759 -29.65 29.44 37.85
CA GLY B 759 -30.36 28.17 37.92
C GLY B 759 -29.75 27.08 37.07
N TYR B 760 -28.43 26.96 37.08
CA TYR B 760 -27.73 25.99 36.25
C TYR B 760 -27.46 24.72 37.06
N GLN B 761 -27.88 23.60 36.51
CA GLN B 761 -27.57 22.31 37.12
C GLN B 761 -26.13 21.92 36.83
N PRO B 762 -25.57 20.98 37.60
CA PRO B 762 -24.22 20.51 37.28
C PRO B 762 -24.10 19.95 35.88
N GLY B 763 -25.13 19.24 35.40
CA GLY B 763 -25.07 18.69 34.05
C GLY B 763 -24.94 19.74 32.97
N ARG B 764 -25.26 21.00 33.27
CA ARG B 764 -25.06 22.06 32.30
C ARG B 764 -23.60 22.21 31.91
N PHE B 765 -22.68 21.71 32.73
CA PHE B 765 -21.26 21.81 32.43
C PHE B 765 -20.72 20.55 31.78
N SER B 766 -21.58 19.62 31.37
CA SER B 766 -21.16 18.42 30.66
C SER B 766 -21.29 18.64 29.16
N PHE B 767 -20.29 18.20 28.41
CA PHE B 767 -20.35 18.25 26.96
C PHE B 767 -21.02 17.01 26.37
N ASN B 768 -21.84 16.31 27.15
CA ASN B 768 -22.56 15.15 26.67
C ASN B 768 -24.07 15.30 26.74
N VAL B 769 -24.56 16.38 27.31
CA VAL B 769 -25.99 16.68 27.34
C VAL B 769 -26.23 18.02 26.66
N LYS B 770 -27.48 18.27 26.32
CA LYS B 770 -27.82 19.40 25.46
C LYS B 770 -27.84 20.74 26.21
N GLY B 771 -27.65 20.73 27.53
CA GLY B 771 -27.81 21.95 28.29
C GLY B 771 -26.78 23.02 27.94
N GLY B 772 -25.51 22.63 27.86
CA GLY B 772 -24.46 23.62 27.75
C GLY B 772 -23.56 23.48 26.55
N ARG B 773 -23.56 22.31 25.92
CA ARG B 773 -22.70 22.09 24.77
C ARG B 773 -23.23 22.84 23.55
N CYS B 774 -22.32 23.17 22.64
CA CYS B 774 -22.74 23.70 21.34
C CYS B 774 -23.53 22.64 20.60
N GLU B 775 -24.67 23.01 20.06
CA GLU B 775 -25.50 22.03 19.37
C GLU B 775 -24.95 21.67 18.00
N ALA B 776 -24.28 22.61 17.32
CA ALA B 776 -23.66 22.28 16.05
C ALA B 776 -22.58 21.21 16.23
N CYS B 777 -21.75 21.36 17.25
CA CYS B 777 -20.74 20.36 17.54
C CYS B 777 -21.33 19.10 18.15
N THR B 778 -22.47 19.20 18.82
CA THR B 778 -22.96 18.24 19.79
C THR B 778 -21.96 18.01 20.91
N GLY B 779 -21.04 18.95 21.15
CA GLY B 779 -20.12 18.89 22.26
C GLY B 779 -18.70 18.48 21.89
N ASP B 780 -18.49 17.92 20.70
CA ASP B 780 -17.17 17.38 20.38
C ASP B 780 -16.16 18.46 20.06
N GLY B 781 -16.60 19.69 19.82
CA GLY B 781 -15.70 20.79 19.55
C GLY B 781 -15.16 20.88 18.14
N THR B 782 -15.55 19.96 17.26
CA THR B 782 -15.08 19.97 15.88
C THR B 782 -16.11 19.30 15.00
N ILE B 783 -16.05 19.59 13.70
CA ILE B 783 -16.99 19.05 12.73
C ILE B 783 -16.23 18.36 11.62
N LYS B 784 -16.90 17.42 10.96
CA LYS B 784 -16.31 16.65 9.88
C LYS B 784 -16.75 17.26 8.54
N ILE B 785 -15.79 17.45 7.64
CA ILE B 785 -16.03 18.00 6.32
C ILE B 785 -15.63 16.96 5.28
N GLU B 786 -16.46 16.77 4.27
CA GLU B 786 -16.29 15.72 3.28
C GLU B 786 -16.15 16.33 1.90
N MET B 787 -15.18 15.84 1.13
CA MET B 787 -15.08 16.10 -0.30
C MET B 787 -14.81 14.79 -1.01
N ASN B 788 -15.24 14.72 -2.28
CA ASN B 788 -14.97 13.53 -3.08
C ASN B 788 -13.46 13.39 -3.31
N PHE B 789 -13.03 12.14 -3.44
CA PHE B 789 -11.64 11.75 -3.67
C PHE B 789 -10.71 12.15 -2.54
N LEU B 790 -11.23 12.56 -1.40
CA LEU B 790 -10.42 12.94 -0.25
C LEU B 790 -10.91 12.20 0.99
N PRO B 791 -10.02 11.91 1.93
CA PRO B 791 -10.44 11.28 3.19
C PRO B 791 -11.14 12.26 4.12
N ASP B 792 -11.54 11.79 5.30
CA ASP B 792 -12.26 12.64 6.24
C ASP B 792 -11.34 13.68 6.85
N VAL B 793 -11.85 14.89 7.04
CA VAL B 793 -11.11 16.00 7.63
C VAL B 793 -11.95 16.59 8.74
N TYR B 794 -11.29 17.00 9.82
CA TYR B 794 -11.95 17.62 10.96
C TYR B 794 -11.50 19.07 11.10
N VAL B 795 -12.44 19.97 11.33
CA VAL B 795 -12.13 21.38 11.50
C VAL B 795 -12.90 21.88 12.73
N PRO B 796 -12.28 22.72 13.58
CA PRO B 796 -12.98 23.19 14.78
C PRO B 796 -14.26 23.92 14.42
N CYS B 797 -15.27 23.75 15.28
CA CYS B 797 -16.55 24.43 15.09
C CYS B 797 -16.35 25.93 15.05
N GLU B 798 -17.04 26.59 14.13
CA GLU B 798 -16.82 28.02 13.90
C GLU B 798 -17.38 28.87 15.03
N VAL B 799 -18.47 28.44 15.67
CA VAL B 799 -19.04 29.23 16.75
C VAL B 799 -18.48 28.77 18.09
N CYS B 800 -18.16 27.49 18.22
CA CYS B 800 -17.53 27.00 19.44
C CYS B 800 -16.12 27.51 19.58
N GLN B 801 -15.41 27.68 18.46
CA GLN B 801 -13.96 27.87 18.45
C GLN B 801 -13.27 26.69 19.13
N GLY B 802 -13.92 25.53 19.10
CA GLY B 802 -13.42 24.35 19.78
C GLY B 802 -13.76 24.27 21.25
N ALA B 803 -14.41 25.29 21.82
CA ALA B 803 -14.68 25.32 23.25
C ALA B 803 -15.76 24.34 23.68
N ARG B 804 -16.49 23.75 22.72
CA ARG B 804 -17.47 22.69 22.95
C ARG B 804 -18.71 23.16 23.70
N TYR B 805 -18.81 24.43 24.07
CA TYR B 805 -19.93 24.92 24.86
C TYR B 805 -20.47 26.21 24.27
N ASN B 806 -21.75 26.46 24.51
CA ASN B 806 -22.34 27.73 24.11
C ASN B 806 -21.81 28.84 25.00
N ARG B 807 -22.03 30.08 24.54
CA ARG B 807 -21.41 31.22 25.22
C ARG B 807 -21.93 31.38 26.64
N GLU B 808 -23.23 31.19 26.85
CA GLU B 808 -23.79 31.40 28.18
C GLU B 808 -23.18 30.45 29.20
N THR B 809 -22.98 29.19 28.82
CA THR B 809 -22.32 28.26 29.72
C THR B 809 -20.89 28.69 30.00
N LEU B 810 -20.18 29.15 28.97
CA LEU B 810 -18.81 29.60 29.15
C LEU B 810 -18.71 30.90 29.92
N GLU B 811 -19.82 31.61 30.12
CA GLU B 811 -19.79 32.87 30.85
C GLU B 811 -19.40 32.70 32.31
N VAL B 812 -19.55 31.51 32.88
CA VAL B 812 -19.19 31.28 34.28
C VAL B 812 -17.68 31.45 34.43
N HIS B 813 -17.27 32.12 35.51
CA HIS B 813 -15.88 32.50 35.72
C HIS B 813 -15.40 32.03 37.09
N TYR B 814 -15.63 30.77 37.41
CA TYR B 814 -15.17 30.21 38.68
C TYR B 814 -13.67 30.40 38.84
N LYS B 815 -13.27 31.17 39.86
CA LYS B 815 -11.87 31.48 40.11
C LYS B 815 -11.20 32.12 38.90
N GLY B 816 -11.99 32.86 38.13
CA GLY B 816 -11.48 33.54 36.96
C GLY B 816 -11.22 32.65 35.76
N LYS B 817 -11.71 31.41 35.77
CA LYS B 817 -11.48 30.48 34.67
C LYS B 817 -12.79 29.84 34.26
N THR B 818 -12.87 29.48 32.98
CA THR B 818 -14.06 28.86 32.43
C THR B 818 -13.91 27.35 32.44
N VAL B 819 -14.97 26.65 32.00
CA VAL B 819 -14.92 25.20 31.96
C VAL B 819 -13.96 24.72 30.87
N SER B 820 -14.04 25.31 29.68
CA SER B 820 -13.10 24.94 28.62
C SER B 820 -11.69 25.33 29.01
N GLU B 821 -11.52 26.49 29.63
CA GLU B 821 -10.21 26.90 30.10
C GLU B 821 -9.65 25.91 31.10
N VAL B 822 -10.49 25.43 32.02
CA VAL B 822 -10.05 24.40 32.96
C VAL B 822 -9.66 23.13 32.24
N LEU B 823 -10.46 22.73 31.24
CA LEU B 823 -10.14 21.52 30.49
C LEU B 823 -8.80 21.64 29.78
N ASP B 824 -8.44 22.85 29.36
CA ASP B 824 -7.16 23.05 28.69
C ASP B 824 -5.97 22.93 29.64
N MET B 825 -6.19 23.11 30.94
CA MET B 825 -5.09 23.05 31.90
C MET B 825 -4.50 21.65 31.97
N SER B 826 -3.18 21.60 32.10
CA SER B 826 -2.49 20.32 32.28
C SER B 826 -2.79 19.76 33.66
N ILE B 827 -2.49 18.48 33.83
CA ILE B 827 -2.76 17.82 35.10
C ILE B 827 -1.93 18.46 36.21
N GLU B 828 -0.66 18.74 35.95
CA GLU B 828 0.17 19.41 36.95
C GLU B 828 -0.36 20.80 37.26
N GLU B 829 -0.70 21.57 36.23
CA GLU B 829 -1.22 22.91 36.45
C GLU B 829 -2.53 22.87 37.21
N ALA B 830 -3.40 21.91 36.87
CA ALA B 830 -4.63 21.72 37.63
C ALA B 830 -4.36 21.31 39.06
N ALA B 831 -3.33 20.51 39.31
CA ALA B 831 -2.96 20.16 40.67
C ALA B 831 -2.53 21.38 41.46
N GLU B 832 -1.80 22.29 40.82
CA GLU B 832 -1.56 23.58 41.47
C GLU B 832 -2.86 24.33 41.71
N PHE B 833 -3.76 24.31 40.73
CA PHE B 833 -5.12 24.75 40.94
C PHE B 833 -5.84 23.79 41.88
N PHE B 834 -7.10 24.10 42.19
CA PHE B 834 -7.97 23.24 42.97
C PHE B 834 -7.35 22.79 44.29
N GLU B 835 -6.33 23.50 44.77
CA GLU B 835 -5.63 23.06 45.97
C GLU B 835 -6.53 23.00 47.20
N PRO B 836 -7.37 23.99 47.51
CA PRO B 836 -8.19 23.90 48.72
C PRO B 836 -9.21 22.77 48.71
N ILE B 837 -9.58 22.25 47.55
CA ILE B 837 -10.57 21.18 47.47
C ILE B 837 -9.82 19.86 47.50
N ALA B 838 -9.79 19.23 48.67
CA ALA B 838 -9.03 18.01 48.84
C ALA B 838 -9.58 16.88 47.99
N GLY B 839 -10.90 16.86 47.78
CA GLY B 839 -11.50 15.76 47.03
C GLY B 839 -10.96 15.66 45.61
N VAL B 840 -10.56 16.80 45.04
CA VAL B 840 -9.97 16.76 43.70
C VAL B 840 -8.46 16.91 43.78
N HIS B 841 -7.96 17.60 44.81
CA HIS B 841 -6.53 17.77 44.94
C HIS B 841 -5.84 16.44 45.16
N ARG B 842 -6.51 15.51 45.84
CA ARG B 842 -5.96 14.17 46.02
C ARG B 842 -5.75 13.49 44.68
N TYR B 843 -6.77 13.51 43.84
CA TYR B 843 -6.67 12.87 42.53
C TYR B 843 -5.58 13.53 41.69
N LEU B 844 -5.54 14.85 41.68
CA LEU B 844 -4.55 15.54 40.86
C LEU B 844 -3.14 15.29 41.38
N ARG B 845 -2.95 15.27 42.69
CA ARG B 845 -1.64 14.97 43.25
C ARG B 845 -1.22 13.55 42.93
N THR B 846 -2.15 12.60 43.00
CA THR B 846 -1.81 11.23 42.62
C THR B 846 -1.39 11.16 41.16
N LEU B 847 -2.14 11.83 40.28
CA LEU B 847 -1.81 11.83 38.86
C LEU B 847 -0.43 12.43 38.63
N VAL B 848 -0.12 13.54 39.31
CA VAL B 848 1.20 14.15 39.17
C VAL B 848 2.28 13.20 39.65
N ASP B 849 2.05 12.55 40.79
CA ASP B 849 3.06 11.66 41.36
C ASP B 849 3.31 10.46 40.46
N VAL B 850 2.30 9.98 39.75
CA VAL B 850 2.53 8.91 38.79
C VAL B 850 3.43 9.41 37.67
N GLY B 851 3.29 10.67 37.30
CA GLY B 851 4.14 11.25 36.28
C GLY B 851 3.37 11.75 35.08
N LEU B 852 2.10 12.10 35.29
CA LEU B 852 1.22 12.53 34.22
C LEU B 852 0.99 14.04 34.24
N GLY B 853 1.91 14.79 34.83
CA GLY B 853 1.73 16.23 34.94
C GLY B 853 1.66 16.95 33.61
N TYR B 854 2.08 16.29 32.53
CA TYR B 854 2.08 16.93 31.22
C TYR B 854 0.76 16.77 30.48
N VAL B 855 0.03 15.69 30.74
CA VAL B 855 -1.22 15.43 30.01
C VAL B 855 -2.26 16.44 30.47
N ARG B 856 -2.87 17.14 29.52
CA ARG B 856 -3.95 18.07 29.83
C ARG B 856 -5.22 17.32 30.16
N LEU B 857 -6.08 17.97 30.94
CA LEU B 857 -7.31 17.33 31.40
C LEU B 857 -8.23 16.97 30.24
N GLY B 858 -8.33 17.84 29.24
CA GLY B 858 -9.29 17.66 28.19
C GLY B 858 -8.81 16.82 27.02
N GLN B 859 -7.68 16.15 27.18
CA GLN B 859 -7.12 15.37 26.09
C GLN B 859 -8.04 14.19 25.78
N PRO B 860 -8.46 14.01 24.53
CA PRO B 860 -9.35 12.89 24.20
C PRO B 860 -8.68 11.57 24.52
N ALA B 861 -9.50 10.61 24.97
CA ALA B 861 -8.98 9.31 25.38
C ALA B 861 -8.25 8.57 24.27
N PRO B 862 -8.78 8.45 23.05
CA PRO B 862 -8.05 7.68 22.03
C PRO B 862 -6.69 8.24 21.67
N THR B 863 -6.42 9.51 21.98
CA THR B 863 -5.13 10.11 21.67
C THR B 863 -4.07 9.81 22.71
N LEU B 864 -4.41 9.07 23.77
CA LEU B 864 -3.46 8.65 24.78
C LEU B 864 -2.91 7.29 24.41
N SER B 865 -1.58 7.16 24.37
CA SER B 865 -0.98 5.88 24.05
C SER B 865 -1.03 4.96 25.26
N GLY B 866 -0.43 3.79 25.11
CA GLY B 866 -0.54 2.77 26.15
C GLY B 866 0.04 3.21 27.48
N GLY B 867 1.14 3.96 27.45
CA GLY B 867 1.78 4.37 28.69
C GLY B 867 0.89 5.24 29.54
N GLU B 868 0.25 6.23 28.91
CA GLU B 868 -0.65 7.11 29.66
C GLU B 868 -1.83 6.33 30.21
N ALA B 869 -2.37 5.40 29.43
CA ALA B 869 -3.48 4.59 29.92
C ALA B 869 -3.07 3.77 31.14
N GLN B 870 -1.92 3.11 31.04
CA GLN B 870 -1.37 2.34 32.15
C GLN B 870 -1.25 3.20 33.40
N ARG B 871 -0.60 4.36 33.25
CA ARG B 871 -0.30 5.18 34.41
C ARG B 871 -1.55 5.84 34.99
N VAL B 872 -2.50 6.24 34.14
CA VAL B 872 -3.74 6.82 34.64
C VAL B 872 -4.55 5.79 35.38
N LYS B 873 -4.59 4.55 34.86
CA LYS B 873 -5.28 3.49 35.59
C LYS B 873 -4.62 3.24 36.93
N LEU B 874 -3.29 3.24 36.97
CA LEU B 874 -2.60 3.10 38.25
C LEU B 874 -2.97 4.22 39.20
N ALA B 875 -3.00 5.46 38.70
CA ALA B 875 -3.34 6.60 39.54
C ALA B 875 -4.75 6.48 40.10
N SER B 876 -5.70 6.07 39.26
CA SER B 876 -7.07 5.94 39.72
C SER B 876 -7.21 4.83 40.75
N GLU B 877 -6.61 3.68 40.49
CA GLU B 877 -6.67 2.58 41.43
C GLU B 877 -5.92 2.86 42.73
N LEU B 878 -4.99 3.80 42.73
CA LEU B 878 -4.31 4.16 43.97
C LEU B 878 -5.28 4.74 45.00
N GLN B 879 -6.35 5.38 44.55
CA GLN B 879 -7.28 6.07 45.42
C GLN B 879 -8.66 5.42 45.39
N LYS B 880 -8.70 4.10 45.41
CA LYS B 880 -9.95 3.35 45.30
C LYS B 880 -10.38 2.72 46.62
N ARG B 881 -9.80 3.14 47.74
CA ARG B 881 -10.18 2.64 49.06
C ARG B 881 -10.00 1.12 49.13
N SER B 882 -8.74 0.70 48.97
CA SER B 882 -8.44 -0.70 48.73
C SER B 882 -8.72 -1.56 49.95
N THR B 883 -8.52 -1.02 51.15
CA THR B 883 -8.66 -1.75 52.41
C THR B 883 -7.80 -3.00 52.47
N GLY B 884 -6.74 -3.06 51.65
CA GLY B 884 -5.79 -4.16 51.73
C GLY B 884 -6.38 -5.53 51.42
N ARG B 885 -7.23 -5.62 50.39
CA ARG B 885 -7.81 -6.91 50.04
C ARG B 885 -7.83 -7.15 48.54
N THR B 886 -7.19 -6.29 47.75
CA THR B 886 -7.18 -6.42 46.30
C THR B 886 -5.82 -6.90 45.83
N VAL B 887 -5.80 -7.46 44.62
CA VAL B 887 -4.57 -7.95 44.00
C VAL B 887 -4.46 -7.35 42.61
N TYR B 888 -3.35 -6.69 42.35
CA TYR B 888 -3.06 -6.09 41.05
C TYR B 888 -2.01 -6.94 40.34
N ILE B 889 -2.30 -7.31 39.10
CA ILE B 889 -1.33 -7.97 38.24
C ILE B 889 -1.03 -7.04 37.08
N LEU B 890 0.24 -6.88 36.76
CA LEU B 890 0.69 -5.95 35.72
C LEU B 890 1.66 -6.68 34.81
N ASP B 891 1.43 -6.57 33.50
CA ASP B 891 2.47 -6.94 32.56
C ASP B 891 3.60 -5.93 32.65
N GLU B 892 4.63 -6.11 31.82
CA GLU B 892 5.81 -5.27 31.87
C GLU B 892 5.43 -3.79 31.84
N PRO B 893 5.57 -3.08 32.95
CA PRO B 893 5.14 -1.69 32.98
C PRO B 893 6.22 -0.74 32.50
N THR B 894 7.47 -1.18 32.57
CA THR B 894 8.60 -0.35 32.16
C THR B 894 8.70 -0.17 30.67
N THR B 895 7.73 -0.69 29.91
CA THR B 895 7.73 -0.55 28.46
C THR B 895 7.75 0.92 28.08
N GLY B 896 8.81 1.34 27.39
CA GLY B 896 8.93 2.72 27.00
C GLY B 896 8.99 3.70 28.14
N LEU B 897 9.71 3.37 29.21
CA LEU B 897 9.82 4.24 30.37
C LEU B 897 11.28 4.61 30.61
N HIS B 898 11.52 5.89 30.83
CA HIS B 898 12.84 6.36 31.25
C HIS B 898 13.12 5.88 32.67
N PHE B 899 14.34 6.10 33.13
CA PHE B 899 14.68 5.72 34.50
C PHE B 899 13.84 6.50 35.51
N ASP B 900 13.68 7.80 35.28
CA ASP B 900 12.90 8.62 36.20
C ASP B 900 11.44 8.19 36.23
N ASP B 901 10.88 7.88 35.06
CA ASP B 901 9.51 7.37 35.03
C ASP B 901 9.40 6.06 35.78
N ILE B 902 10.42 5.21 35.66
CA ILE B 902 10.43 3.97 36.42
C ILE B 902 10.46 4.24 37.91
N ARG B 903 11.23 5.25 38.33
CA ARG B 903 11.27 5.60 39.74
C ARG B 903 9.91 6.08 40.23
N LYS B 904 9.24 6.92 39.44
CA LYS B 904 7.91 7.39 39.83
C LYS B 904 6.93 6.23 39.92
N LEU B 905 6.97 5.33 38.95
CA LEU B 905 6.10 4.17 38.99
C LEU B 905 6.41 3.29 40.19
N LEU B 906 7.69 3.20 40.56
CA LEU B 906 8.06 2.45 41.75
C LEU B 906 7.49 3.09 43.01
N ASN B 907 7.53 4.42 43.07
CA ASN B 907 6.93 5.11 44.22
C ASN B 907 5.44 4.83 44.30
N VAL B 908 4.75 4.88 43.17
CA VAL B 908 3.32 4.61 43.15
C VAL B 908 3.05 3.17 43.56
N ILE B 909 3.84 2.23 43.06
CA ILE B 909 3.64 0.83 43.43
C ILE B 909 3.88 0.62 44.91
N ASN B 910 4.89 1.28 45.46
CA ASN B 910 5.15 1.17 46.90
C ASN B 910 3.98 1.72 47.70
N GLY B 911 3.43 2.86 47.27
CA GLY B 911 2.25 3.38 47.93
C GLY B 911 1.08 2.42 47.87
N LEU B 912 0.87 1.79 46.71
CA LEU B 912 -0.21 0.83 46.57
C LEU B 912 -0.01 -0.37 47.49
N VAL B 913 1.22 -0.87 47.58
CA VAL B 913 1.48 -2.02 48.42
C VAL B 913 1.30 -1.67 49.88
N ASP B 914 1.67 -0.44 50.26
CA ASP B 914 1.57 -0.02 51.66
C ASP B 914 0.14 -0.08 52.16
N LYS B 915 -0.85 -0.01 51.27
CA LYS B 915 -2.23 -0.09 51.67
C LYS B 915 -2.65 -1.51 52.04
N GLY B 916 -1.77 -2.49 51.88
CA GLY B 916 -2.09 -3.87 52.15
C GLY B 916 -2.42 -4.71 50.95
N ASN B 917 -2.20 -4.20 49.74
CA ASN B 917 -2.50 -4.93 48.53
C ASN B 917 -1.27 -5.70 48.05
N THR B 918 -1.49 -6.55 47.06
CA THR B 918 -0.43 -7.36 46.47
C THR B 918 -0.27 -6.98 45.01
N VAL B 919 0.96 -6.73 44.59
CA VAL B 919 1.27 -6.34 43.22
C VAL B 919 2.20 -7.39 42.62
N ILE B 920 1.80 -7.95 41.49
CA ILE B 920 2.60 -8.94 40.77
C ILE B 920 2.95 -8.36 39.41
N VAL B 921 4.24 -8.30 39.11
CA VAL B 921 4.73 -7.70 37.87
C VAL B 921 5.63 -8.70 37.17
N ILE B 922 5.42 -8.88 35.88
CA ILE B 922 6.31 -9.66 35.02
C ILE B 922 7.28 -8.68 34.39
N GLU B 923 8.49 -8.59 34.91
CA GLU B 923 9.42 -7.58 34.46
C GLU B 923 10.82 -8.16 34.33
N HIS B 924 11.46 -7.89 33.20
CA HIS B 924 12.87 -8.20 33.00
C HIS B 924 13.79 -7.05 33.39
N ASN B 925 13.23 -5.89 33.70
CA ASN B 925 14.04 -4.74 34.07
C ASN B 925 14.59 -4.94 35.48
N LEU B 926 15.92 -5.03 35.60
CA LEU B 926 16.53 -5.36 36.87
C LEU B 926 16.33 -4.30 37.93
N ASP B 927 15.93 -3.09 37.56
CA ASP B 927 15.70 -2.05 38.57
C ASP B 927 14.55 -2.43 39.49
N VAL B 928 13.39 -2.76 38.91
CA VAL B 928 12.28 -3.15 39.77
C VAL B 928 12.55 -4.48 40.43
N ILE B 929 13.45 -5.28 39.86
CA ILE B 929 13.83 -6.53 40.50
C ILE B 929 14.58 -6.24 41.78
N LYS B 930 15.55 -5.33 41.72
CA LYS B 930 16.31 -4.98 42.91
C LYS B 930 15.50 -4.15 43.89
N THR B 931 14.40 -3.54 43.44
CA THR B 931 13.51 -2.85 44.36
C THR B 931 12.35 -3.74 44.82
N SER B 932 12.21 -4.94 44.26
CA SER B 932 11.10 -5.79 44.62
C SER B 932 11.32 -6.40 46.00
N ASP B 933 10.24 -6.92 46.57
CA ASP B 933 10.27 -7.54 47.89
C ASP B 933 10.25 -9.06 47.83
N TRP B 934 9.82 -9.62 46.71
CA TRP B 934 9.89 -11.04 46.46
C TRP B 934 10.19 -11.25 44.99
N ILE B 935 11.01 -12.26 44.69
CA ILE B 935 11.41 -12.54 43.31
C ILE B 935 11.25 -14.04 43.07
N ILE B 936 10.64 -14.37 41.94
CA ILE B 936 10.50 -15.75 41.50
C ILE B 936 11.14 -15.86 40.14
N ASP B 937 12.23 -16.62 40.05
CA ASP B 937 12.93 -16.81 38.79
C ASP B 937 12.43 -18.08 38.13
N LEU B 938 12.07 -17.98 36.86
CA LEU B 938 11.43 -19.08 36.13
C LEU B 938 12.38 -19.58 35.06
N GLY B 939 12.68 -20.88 35.11
CA GLY B 939 13.34 -21.56 34.03
C GLY B 939 14.84 -21.31 33.99
N PRO B 940 15.61 -22.37 33.78
CA PRO B 940 17.03 -22.17 33.47
C PRO B 940 17.22 -21.59 32.08
N GLU B 941 16.52 -22.15 31.08
CA GLU B 941 16.53 -21.62 29.73
C GLU B 941 15.11 -21.71 29.16
N GLY B 942 14.78 -20.79 28.27
CA GLY B 942 13.43 -20.73 27.76
C GLY B 942 13.05 -21.93 26.93
N GLY B 943 11.75 -22.11 26.75
CA GLY B 943 11.26 -23.19 25.93
C GLY B 943 11.19 -24.51 26.67
N ALA B 944 11.59 -25.59 26.00
CA ALA B 944 11.53 -26.92 26.62
C ALA B 944 12.44 -27.00 27.83
N GLY B 945 13.49 -26.20 27.89
CA GLY B 945 14.38 -26.23 29.03
C GLY B 945 13.86 -25.48 30.23
N GLY B 946 12.72 -24.81 30.11
CA GLY B 946 12.17 -24.04 31.21
C GLY B 946 11.08 -24.75 31.95
N GLY B 947 10.09 -24.00 32.43
CA GLY B 947 8.99 -24.57 33.16
C GLY B 947 9.32 -24.97 34.58
N THR B 948 10.48 -24.56 35.08
CA THR B 948 10.92 -24.93 36.41
C THR B 948 11.11 -23.68 37.26
N VAL B 949 11.27 -23.89 38.56
CA VAL B 949 11.55 -22.81 39.49
C VAL B 949 12.99 -22.97 39.96
N VAL B 950 13.85 -22.01 39.62
CA VAL B 950 15.25 -22.10 39.97
C VAL B 950 15.59 -21.32 41.24
N ALA B 951 14.79 -20.32 41.60
CA ALA B 951 15.06 -19.53 42.79
C ALA B 951 13.82 -18.72 43.15
N GLN B 952 13.63 -18.51 44.45
CA GLN B 952 12.52 -17.68 44.92
C GLN B 952 12.89 -17.11 46.27
N GLY B 953 12.56 -15.84 46.49
CA GLY B 953 12.83 -15.21 47.76
C GLY B 953 13.25 -13.77 47.63
N THR B 954 14.01 -13.28 48.60
CA THR B 954 14.50 -11.92 48.53
C THR B 954 15.48 -11.78 47.38
N PRO B 955 15.71 -10.57 46.88
CA PRO B 955 16.72 -10.39 45.84
C PRO B 955 18.09 -10.91 46.24
N GLU B 956 18.45 -10.79 47.52
CA GLU B 956 19.70 -11.36 47.98
C GLU B 956 19.69 -12.89 47.84
N ASP B 957 18.57 -13.52 48.18
CA ASP B 957 18.50 -14.97 48.12
C ASP B 957 18.71 -15.49 46.70
N VAL B 958 18.04 -14.89 45.72
CA VAL B 958 18.22 -15.33 44.34
C VAL B 958 19.60 -14.95 43.83
N ALA B 959 20.11 -13.78 44.22
CA ALA B 959 21.46 -13.41 43.81
C ALA B 959 22.49 -14.39 44.36
N ALA B 960 22.19 -15.04 45.47
CA ALA B 960 23.09 -16.05 46.00
C ALA B 960 23.14 -17.31 45.15
N VAL B 961 22.05 -17.65 44.49
CA VAL B 961 21.99 -18.87 43.68
C VAL B 961 22.84 -18.68 42.42
N PRO B 962 23.80 -19.56 42.16
CA PRO B 962 24.64 -19.41 40.97
C PRO B 962 23.96 -19.86 39.69
N ALA B 963 22.92 -20.68 39.78
CA ALA B 963 22.27 -21.22 38.60
C ALA B 963 21.26 -20.26 37.98
N SER B 964 21.05 -19.09 38.58
CA SER B 964 20.05 -18.14 38.13
C SER B 964 20.70 -17.03 37.31
N TYR B 965 20.24 -16.87 36.08
CA TYR B 965 20.75 -15.79 35.25
C TYR B 965 20.39 -14.43 35.84
N THR B 966 19.18 -14.30 36.37
CA THR B 966 18.81 -13.06 37.03
C THR B 966 19.73 -12.79 38.22
N GLY B 967 20.04 -13.83 38.99
CA GLY B 967 20.95 -13.66 40.12
C GLY B 967 22.33 -13.21 39.70
N LYS B 968 22.81 -13.68 38.55
CA LYS B 968 24.13 -13.28 38.09
C LYS B 968 24.20 -11.78 37.86
N PHE B 969 23.17 -11.20 37.26
CA PHE B 969 23.14 -9.76 37.09
C PHE B 969 22.83 -9.04 38.39
N LEU B 970 22.08 -9.69 39.29
CA LEU B 970 21.79 -9.09 40.58
C LEU B 970 23.01 -8.99 41.47
N ALA B 971 24.01 -9.86 41.23
CA ALA B 971 25.18 -9.89 42.10
C ALA B 971 25.86 -8.53 42.19
N GLU B 972 25.89 -7.77 41.10
CA GLU B 972 26.59 -6.49 41.08
C GLU B 972 25.73 -5.32 41.54
N VAL B 973 24.46 -5.55 41.85
CA VAL B 973 23.61 -4.46 42.32
C VAL B 973 23.11 -4.68 43.74
N VAL B 974 23.24 -5.89 44.29
CA VAL B 974 22.86 -6.13 45.67
C VAL B 974 23.87 -7.06 46.34
#